data_2JPI
#
_entry.id   2JPI
#
_entity_poly.entity_id   1
_entity_poly.type   'polypeptide(L)'
_entity_poly.pdbx_seq_one_letter_code
;MGTSHHHHHHSSGRENLYFQGHMFRSTSHVRTESAARYVNRLCKHWGHKFEVELTPERGFIDFGDSNCELLAHPDHVLMI
LNSPDEDSLAHMQNVVADHLQRMANSESLEIAWQPAES
;
_entity_poly.pdbx_strand_id   A
#
# COMPACT_ATOMS: atom_id res chain seq x y z
N MET A 23 -2.53 -17.31 -3.69
CA MET A 23 -1.74 -16.20 -3.12
C MET A 23 -0.75 -15.63 -4.14
N PHE A 24 -1.20 -14.61 -4.83
CA PHE A 24 -0.39 -13.93 -5.84
C PHE A 24 0.24 -12.68 -5.22
N ARG A 25 1.18 -12.04 -5.93
CA ARG A 25 1.81 -10.84 -5.38
C ARG A 25 2.22 -9.85 -6.48
N SER A 26 1.73 -8.62 -6.33
CA SER A 26 2.03 -7.52 -7.27
C SER A 26 2.80 -6.44 -6.52
N THR A 27 3.46 -5.55 -7.25
CA THR A 27 4.22 -4.48 -6.61
C THR A 27 4.19 -3.18 -7.40
N SER A 28 3.78 -2.09 -6.74
CA SER A 28 3.74 -0.78 -7.37
C SER A 28 4.85 0.11 -6.84
N HIS A 29 5.56 0.80 -7.73
CA HIS A 29 6.65 1.69 -7.35
C HIS A 29 6.37 3.13 -7.77
N VAL A 30 6.55 4.07 -6.84
CA VAL A 30 6.30 5.49 -7.12
C VAL A 30 7.35 6.36 -6.44
N ARG A 31 7.60 7.55 -7.00
CA ARG A 31 8.57 8.46 -6.39
C ARG A 31 7.84 9.53 -5.56
N THR A 32 7.91 9.38 -4.24
CA THR A 32 7.25 10.31 -3.32
C THR A 32 8.22 10.81 -2.24
N GLU A 33 7.93 11.97 -1.66
CA GLU A 33 8.76 12.51 -0.59
C GLU A 33 8.10 12.37 0.79
N SER A 34 8.91 12.14 1.83
CA SER A 34 8.41 12.00 3.19
C SER A 34 7.41 10.83 3.29
N ALA A 35 7.57 9.88 2.39
CA ALA A 35 6.70 8.69 2.36
C ALA A 35 6.57 8.00 3.71
N ALA A 36 7.70 7.68 4.32
CA ALA A 36 7.73 6.96 5.59
C ALA A 36 6.68 7.44 6.60
N ARG A 37 6.26 8.70 6.51
CA ARG A 37 5.25 9.23 7.43
C ARG A 37 3.85 8.80 7.03
N TYR A 38 3.57 8.81 5.74
CA TYR A 38 2.25 8.40 5.28
C TYR A 38 2.03 6.93 5.58
N VAL A 39 3.11 6.16 5.73
CA VAL A 39 2.99 4.74 6.06
C VAL A 39 2.72 4.59 7.55
N ASN A 40 3.47 5.32 8.37
CA ASN A 40 3.30 5.25 9.81
C ASN A 40 1.97 5.87 10.24
N ARG A 41 1.46 6.83 9.46
CA ARG A 41 0.22 7.49 9.78
C ARG A 41 -1.00 6.63 9.45
N LEU A 42 -0.82 5.63 8.59
CA LEU A 42 -1.92 4.76 8.19
C LEU A 42 -2.36 3.85 9.32
N CYS A 43 -1.41 3.21 10.00
CA CYS A 43 -1.75 2.31 11.09
C CYS A 43 -2.57 3.04 12.14
N LYS A 44 -2.30 4.33 12.30
CA LYS A 44 -3.04 5.15 13.25
C LYS A 44 -4.33 5.67 12.62
N HIS A 45 -4.37 5.68 11.28
CA HIS A 45 -5.54 6.17 10.54
C HIS A 45 -6.60 5.09 10.38
N TRP A 46 -6.25 4.00 9.69
CA TRP A 46 -7.20 2.93 9.45
C TRP A 46 -7.19 1.89 10.56
N GLY A 47 -6.20 1.95 11.45
CA GLY A 47 -6.13 1.00 12.55
C GLY A 47 -7.22 1.21 13.57
N HIS A 48 -8.47 1.08 13.14
CA HIS A 48 -9.61 1.27 14.04
C HIS A 48 -10.32 -0.06 14.29
N LYS A 49 -10.20 -0.98 13.34
CA LYS A 49 -10.85 -2.28 13.48
C LYS A 49 -10.07 -3.35 12.71
N PHE A 50 -8.79 -3.09 12.44
CA PHE A 50 -7.97 -4.04 11.72
C PHE A 50 -6.57 -4.10 12.29
N GLU A 51 -5.83 -5.12 11.90
CA GLU A 51 -4.47 -5.30 12.40
C GLU A 51 -3.49 -4.48 11.56
N VAL A 52 -3.00 -3.39 12.15
CA VAL A 52 -2.06 -2.52 11.45
C VAL A 52 -0.72 -2.43 12.19
N GLU A 53 0.34 -2.95 11.56
CA GLU A 53 1.67 -2.90 12.15
C GLU A 53 2.42 -1.66 11.67
N LEU A 54 3.14 -1.03 12.58
CA LEU A 54 3.90 0.17 12.24
C LEU A 54 5.39 0.00 12.52
N THR A 55 6.16 -0.12 11.46
CA THR A 55 7.61 -0.26 11.57
C THR A 55 8.27 0.81 10.71
N PRO A 56 9.56 1.09 10.93
CA PRO A 56 10.27 2.11 10.14
C PRO A 56 10.65 1.59 8.78
N GLU A 57 9.67 0.98 8.10
CA GLU A 57 9.89 0.43 6.78
C GLU A 57 8.58 0.34 5.98
N ARG A 58 7.48 -0.01 6.65
CA ARG A 58 6.20 -0.12 5.96
C ARG A 58 5.03 -0.29 6.93
N GLY A 59 3.83 -0.18 6.36
CA GLY A 59 2.61 -0.36 7.11
C GLY A 59 1.92 -1.67 6.72
N PHE A 60 1.78 -2.60 7.65
CA PHE A 60 1.17 -3.89 7.36
C PHE A 60 -0.29 -3.90 7.82
N ILE A 61 -1.20 -4.16 6.87
CA ILE A 61 -2.62 -4.21 7.20
C ILE A 61 -3.26 -5.41 6.51
N ASP A 62 -3.54 -6.47 7.27
CA ASP A 62 -4.15 -7.65 6.70
C ASP A 62 -5.63 -7.70 7.05
N PHE A 63 -6.44 -8.01 6.05
CA PHE A 63 -7.87 -8.10 6.22
C PHE A 63 -8.29 -9.53 6.55
N GLY A 64 -7.31 -10.41 6.70
CA GLY A 64 -7.58 -11.79 7.01
C GLY A 64 -7.18 -12.72 5.88
N ASP A 65 -7.99 -12.78 4.84
CA ASP A 65 -7.71 -13.64 3.68
C ASP A 65 -7.01 -12.84 2.59
N SER A 66 -5.99 -12.08 2.99
CA SER A 66 -5.21 -11.25 2.07
C SER A 66 -4.28 -10.34 2.87
N ASN A 67 -3.62 -9.37 2.21
CA ASN A 67 -2.71 -8.48 2.92
C ASN A 67 -2.44 -7.21 2.10
N CYS A 68 -1.98 -6.15 2.77
CA CYS A 68 -1.68 -4.91 2.08
C CYS A 68 -0.56 -4.18 2.83
N GLU A 69 0.64 -4.27 2.29
CA GLU A 69 1.80 -3.64 2.90
C GLU A 69 2.17 -2.38 2.13
N LEU A 70 2.82 -1.44 2.80
CA LEU A 70 3.19 -0.18 2.15
C LEU A 70 4.59 0.25 2.58
N LEU A 71 5.53 0.21 1.64
CA LEU A 71 6.91 0.62 1.93
C LEU A 71 7.05 2.10 1.67
N ALA A 72 7.64 2.83 2.62
CA ALA A 72 7.75 4.26 2.46
C ALA A 72 9.06 4.82 3.02
N HIS A 73 9.88 5.34 2.12
CA HIS A 73 11.13 5.96 2.48
C HIS A 73 11.04 7.46 2.20
N PRO A 74 11.97 8.25 2.73
CA PRO A 74 11.99 9.71 2.58
C PRO A 74 11.79 10.19 1.14
N ASP A 75 12.01 9.33 0.15
CA ASP A 75 11.85 9.74 -1.25
C ASP A 75 11.23 8.67 -2.14
N HIS A 76 10.88 7.51 -1.59
CA HIS A 76 10.26 6.48 -2.41
C HIS A 76 9.23 5.67 -1.63
N VAL A 77 8.28 5.05 -2.34
CA VAL A 77 7.24 4.26 -1.71
C VAL A 77 6.95 3.00 -2.52
N LEU A 78 6.77 1.89 -1.82
CA LEU A 78 6.47 0.61 -2.47
C LEU A 78 5.13 0.06 -1.97
N MET A 79 4.41 -0.63 -2.85
CA MET A 79 3.12 -1.20 -2.48
C MET A 79 3.05 -2.68 -2.84
N ILE A 80 2.95 -3.55 -1.83
CA ILE A 80 2.88 -4.98 -2.06
C ILE A 80 1.64 -5.57 -1.39
N LEU A 81 0.95 -6.45 -2.09
CA LEU A 81 -0.23 -7.10 -1.56
C LEU A 81 -0.10 -8.61 -1.57
N ASN A 82 -0.65 -9.26 -0.56
CA ASN A 82 -0.64 -10.72 -0.49
C ASN A 82 -2.08 -11.19 -0.44
N SER A 83 -2.58 -11.68 -1.56
CA SER A 83 -3.98 -12.11 -1.62
C SER A 83 -4.19 -13.36 -2.48
N PRO A 84 -4.98 -14.32 -1.98
CA PRO A 84 -5.29 -15.57 -2.69
C PRO A 84 -6.17 -15.37 -3.92
N ASP A 85 -6.66 -14.15 -4.13
CA ASP A 85 -7.51 -13.89 -5.29
C ASP A 85 -7.23 -12.51 -5.86
N GLU A 86 -7.32 -12.35 -7.19
CA GLU A 86 -7.07 -11.04 -7.80
C GLU A 86 -8.01 -9.98 -7.24
N ASP A 87 -9.30 -10.30 -7.10
CA ASP A 87 -10.26 -9.35 -6.55
C ASP A 87 -9.67 -8.74 -5.28
N SER A 88 -9.27 -9.61 -4.37
CA SER A 88 -8.63 -9.19 -3.13
C SER A 88 -7.33 -8.47 -3.48
N LEU A 89 -6.50 -9.19 -4.21
CA LEU A 89 -5.20 -8.70 -4.69
C LEU A 89 -5.28 -7.25 -5.16
N ALA A 90 -6.10 -6.98 -6.16
CA ALA A 90 -6.24 -5.63 -6.68
C ALA A 90 -6.83 -4.71 -5.62
N HIS A 91 -7.76 -5.25 -4.83
CA HIS A 91 -8.39 -4.49 -3.77
C HIS A 91 -7.33 -3.87 -2.87
N MET A 92 -6.27 -4.64 -2.62
CA MET A 92 -5.16 -4.19 -1.77
C MET A 92 -4.22 -3.25 -2.53
N GLN A 93 -3.65 -3.72 -3.65
CA GLN A 93 -2.73 -2.90 -4.44
C GLN A 93 -3.36 -1.58 -4.88
N ASN A 94 -4.68 -1.57 -5.04
CA ASN A 94 -5.39 -0.35 -5.46
C ASN A 94 -5.64 0.56 -4.28
N VAL A 95 -6.13 -0.01 -3.17
CA VAL A 95 -6.42 0.77 -1.97
C VAL A 95 -5.28 1.72 -1.64
N VAL A 96 -4.05 1.25 -1.81
CA VAL A 96 -2.87 2.06 -1.53
C VAL A 96 -2.70 3.15 -2.60
N ALA A 97 -2.82 2.77 -3.87
CA ALA A 97 -2.69 3.74 -4.97
C ALA A 97 -3.54 4.97 -4.67
N ASP A 98 -4.60 4.76 -3.90
CA ASP A 98 -5.50 5.84 -3.53
C ASP A 98 -4.89 6.70 -2.42
N HIS A 99 -4.26 6.04 -1.45
CA HIS A 99 -3.63 6.75 -0.33
C HIS A 99 -2.55 7.73 -0.83
N LEU A 100 -1.74 7.28 -1.79
CA LEU A 100 -0.70 8.13 -2.34
C LEU A 100 -1.30 9.33 -3.05
N GLN A 101 -2.53 9.17 -3.53
CA GLN A 101 -3.22 10.25 -4.23
C GLN A 101 -3.70 11.35 -3.28
N ARG A 102 -4.27 10.95 -2.15
CA ARG A 102 -4.76 11.91 -1.17
C ARG A 102 -3.63 12.79 -0.67
N MET A 103 -2.46 12.17 -0.52
CA MET A 103 -1.28 12.88 -0.04
C MET A 103 -0.59 13.67 -1.16
N ALA A 104 -0.96 13.38 -2.40
CA ALA A 104 -0.37 14.06 -3.55
C ALA A 104 -1.45 14.52 -4.53
N ASN A 105 -1.95 15.74 -4.33
CA ASN A 105 -2.99 16.29 -5.19
C ASN A 105 -2.38 16.93 -6.44
N SER A 106 -2.71 16.37 -7.60
CA SER A 106 -2.21 16.89 -8.87
C SER A 106 -2.60 15.96 -10.02
N GLU A 107 -2.62 14.67 -9.75
CA GLU A 107 -2.98 13.67 -10.75
C GLU A 107 -3.34 12.35 -10.09
N SER A 108 -3.94 11.44 -10.86
CA SER A 108 -4.33 10.15 -10.31
C SER A 108 -3.08 9.29 -10.10
N LEU A 109 -2.29 9.68 -9.09
CA LEU A 109 -1.03 9.01 -8.73
C LEU A 109 -0.46 8.16 -9.86
N GLU A 110 0.63 8.64 -10.44
CA GLU A 110 1.28 7.88 -11.48
C GLU A 110 1.95 6.68 -10.84
N ILE A 111 1.29 5.53 -10.88
CA ILE A 111 1.82 4.32 -10.28
C ILE A 111 1.71 3.13 -11.23
N ALA A 112 2.81 2.41 -11.45
CA ALA A 112 2.76 1.26 -12.33
C ALA A 112 2.51 0.01 -11.51
N TRP A 113 1.32 -0.56 -11.68
CA TRP A 113 0.94 -1.77 -10.96
C TRP A 113 1.22 -3.01 -11.79
N GLN A 114 1.85 -4.00 -11.17
CA GLN A 114 2.17 -5.25 -11.86
C GLN A 114 1.02 -6.24 -11.73
N PRO A 115 0.87 -7.15 -12.71
CA PRO A 115 -0.19 -8.15 -12.71
C PRO A 115 -0.34 -8.86 -11.37
N ALA A 116 0.80 -9.13 -10.73
CA ALA A 116 0.84 -9.81 -9.43
C ALA A 116 1.10 -11.31 -9.61
N GLU A 117 1.74 -11.66 -10.72
CA GLU A 117 2.05 -13.07 -11.00
C GLU A 117 0.78 -13.91 -11.01
N SER A 118 0.90 -15.15 -11.47
CA SER A 118 -0.24 -16.06 -11.53
C SER A 118 0.02 -17.30 -10.69
N MET A 23 -2.28 -17.27 -2.92
CA MET A 23 -1.81 -15.90 -2.59
C MET A 23 -0.81 -15.38 -3.63
N PHE A 24 -1.31 -14.53 -4.51
CA PHE A 24 -0.50 -13.93 -5.55
C PHE A 24 0.12 -12.64 -5.02
N ARG A 25 1.06 -12.04 -5.76
CA ARG A 25 1.66 -10.81 -5.26
C ARG A 25 2.07 -9.84 -6.37
N SER A 26 1.56 -8.60 -6.28
CA SER A 26 1.87 -7.55 -7.24
C SER A 26 2.65 -6.45 -6.53
N THR A 27 3.31 -5.59 -7.29
CA THR A 27 4.09 -4.52 -6.68
C THR A 27 4.07 -3.24 -7.51
N SER A 28 3.74 -2.14 -6.86
CA SER A 28 3.71 -0.83 -7.53
C SER A 28 4.82 0.07 -7.00
N HIS A 29 5.59 0.67 -7.91
CA HIS A 29 6.69 1.57 -7.52
C HIS A 29 6.41 3.01 -7.93
N VAL A 30 6.58 3.95 -6.99
CA VAL A 30 6.33 5.36 -7.26
C VAL A 30 7.39 6.24 -6.59
N ARG A 31 7.63 7.43 -7.15
CA ARG A 31 8.60 8.35 -6.54
C ARG A 31 7.88 9.42 -5.73
N THR A 32 7.94 9.30 -4.41
CA THR A 32 7.29 10.25 -3.51
C THR A 32 8.24 10.74 -2.42
N GLU A 33 7.97 11.91 -1.84
CA GLU A 33 8.80 12.45 -0.77
C GLU A 33 8.13 12.32 0.60
N SER A 34 8.93 12.10 1.65
CA SER A 34 8.42 11.96 3.01
C SER A 34 7.41 10.82 3.11
N ALA A 35 7.57 9.84 2.23
CA ALA A 35 6.69 8.67 2.18
C ALA A 35 6.54 7.97 3.53
N ALA A 36 7.67 7.70 4.17
CA ALA A 36 7.68 6.96 5.45
C ALA A 36 6.59 7.39 6.43
N ARG A 37 6.11 8.62 6.33
CA ARG A 37 5.08 9.10 7.25
C ARG A 37 3.68 8.67 6.82
N TYR A 38 3.42 8.69 5.52
CA TYR A 38 2.12 8.30 5.00
C TYR A 38 1.83 6.84 5.29
N VAL A 39 2.89 6.05 5.48
CA VAL A 39 2.72 4.63 5.79
C VAL A 39 2.47 4.45 7.30
N ASN A 40 3.26 5.17 8.11
CA ASN A 40 3.14 5.07 9.55
C ASN A 40 1.86 5.70 10.09
N ARG A 41 1.34 6.72 9.39
CA ARG A 41 0.14 7.40 9.84
C ARG A 41 -1.13 6.59 9.54
N LEU A 42 -1.04 5.64 8.62
CA LEU A 42 -2.20 4.83 8.24
C LEU A 42 -2.59 3.84 9.34
N CYS A 43 -1.62 3.14 9.88
CA CYS A 43 -1.88 2.15 10.93
C CYS A 43 -2.70 2.77 12.06
N LYS A 44 -2.32 3.98 12.44
CA LYS A 44 -3.02 4.69 13.51
C LYS A 44 -4.34 5.26 12.99
N HIS A 45 -4.43 5.40 11.67
CA HIS A 45 -5.63 5.96 11.03
C HIS A 45 -6.70 4.90 10.80
N TRP A 46 -6.40 3.89 9.97
CA TRP A 46 -7.36 2.86 9.66
C TRP A 46 -7.39 1.77 10.73
N GLY A 47 -6.40 1.77 11.63
CA GLY A 47 -6.35 0.77 12.67
C GLY A 47 -7.47 0.94 13.69
N HIS A 48 -8.71 0.75 13.24
CA HIS A 48 -9.86 0.88 14.12
C HIS A 48 -10.51 -0.48 14.36
N LYS A 49 -10.39 -1.38 13.39
CA LYS A 49 -10.97 -2.71 13.52
C LYS A 49 -10.16 -3.74 12.73
N PHE A 50 -8.91 -3.41 12.44
CA PHE A 50 -8.04 -4.31 11.69
C PHE A 50 -6.62 -4.30 12.24
N GLU A 51 -5.87 -5.34 11.91
CA GLU A 51 -4.49 -5.43 12.38
C GLU A 51 -3.60 -4.51 11.56
N VAL A 52 -2.99 -3.53 12.23
CA VAL A 52 -2.14 -2.57 11.54
C VAL A 52 -0.78 -2.44 12.23
N GLU A 53 0.28 -2.88 11.55
CA GLU A 53 1.63 -2.80 12.08
C GLU A 53 2.30 -1.50 11.62
N LEU A 54 3.31 -1.05 12.35
CA LEU A 54 4.00 0.18 12.00
C LEU A 54 5.50 0.08 12.22
N THR A 55 6.24 0.05 11.12
CA THR A 55 7.71 0.00 11.18
C THR A 55 8.28 1.12 10.31
N PRO A 56 9.49 1.60 10.63
CA PRO A 56 10.12 2.67 9.86
C PRO A 56 10.58 2.16 8.50
N GLU A 57 9.65 1.58 7.77
CA GLU A 57 9.93 1.02 6.46
C GLU A 57 8.64 0.74 5.69
N ARG A 58 7.60 0.31 6.41
CA ARG A 58 6.32 -0.01 5.78
C ARG A 58 5.22 -0.24 6.81
N GLY A 59 4.01 -0.31 6.30
CA GLY A 59 2.85 -0.58 7.14
C GLY A 59 2.26 -1.92 6.79
N PHE A 60 1.62 -2.58 7.74
CA PHE A 60 1.04 -3.89 7.49
C PHE A 60 -0.41 -3.92 7.93
N ILE A 61 -1.32 -4.11 6.98
CA ILE A 61 -2.74 -4.15 7.30
C ILE A 61 -3.42 -5.36 6.68
N ASP A 62 -3.81 -6.34 7.50
CA ASP A 62 -4.48 -7.53 6.99
C ASP A 62 -5.97 -7.40 7.18
N PHE A 63 -6.72 -7.67 6.12
CA PHE A 63 -8.17 -7.56 6.17
C PHE A 63 -8.82 -8.93 6.33
N GLY A 64 -7.99 -9.97 6.51
CA GLY A 64 -8.50 -11.32 6.67
C GLY A 64 -7.91 -12.29 5.67
N ASP A 65 -8.59 -12.46 4.54
CA ASP A 65 -8.14 -13.38 3.50
C ASP A 65 -7.25 -12.66 2.49
N SER A 66 -6.28 -11.91 3.00
CA SER A 66 -5.35 -11.16 2.15
C SER A 66 -4.52 -10.21 3.01
N ASN A 67 -3.88 -9.22 2.39
CA ASN A 67 -3.05 -8.27 3.13
C ASN A 67 -2.69 -7.08 2.25
N CYS A 68 -2.16 -6.04 2.87
CA CYS A 68 -1.76 -4.85 2.14
C CYS A 68 -0.60 -4.14 2.86
N GLU A 69 0.60 -4.34 2.33
CA GLU A 69 1.79 -3.73 2.91
C GLU A 69 2.26 -2.56 2.05
N LEU A 70 2.90 -1.57 2.67
CA LEU A 70 3.38 -0.41 1.91
C LEU A 70 4.75 0.03 2.37
N LEU A 71 5.69 0.08 1.42
CA LEU A 71 7.05 0.53 1.73
C LEU A 71 7.12 2.03 1.54
N ALA A 72 7.66 2.73 2.53
CA ALA A 72 7.73 4.17 2.45
C ALA A 72 9.04 4.74 2.97
N HIS A 73 9.84 5.27 2.05
CA HIS A 73 11.10 5.88 2.38
C HIS A 73 11.02 7.38 2.08
N PRO A 74 11.96 8.17 2.63
CA PRO A 74 11.99 9.64 2.47
C PRO A 74 11.80 10.11 1.02
N ASP A 75 12.03 9.25 0.04
CA ASP A 75 11.88 9.68 -1.36
C ASP A 75 11.28 8.61 -2.26
N HIS A 76 10.92 7.45 -1.72
CA HIS A 76 10.30 6.42 -2.56
C HIS A 76 9.27 5.62 -1.77
N VAL A 77 8.31 5.02 -2.49
CA VAL A 77 7.28 4.24 -1.87
C VAL A 77 6.97 2.99 -2.68
N LEU A 78 6.81 1.87 -1.98
CA LEU A 78 6.50 0.59 -2.63
C LEU A 78 5.16 0.08 -2.12
N MET A 79 4.43 -0.59 -2.99
CA MET A 79 3.12 -1.13 -2.63
C MET A 79 3.02 -2.61 -2.96
N ILE A 80 2.90 -3.45 -1.93
CA ILE A 80 2.80 -4.89 -2.12
C ILE A 80 1.56 -5.45 -1.43
N LEU A 81 0.88 -6.37 -2.10
CA LEU A 81 -0.32 -6.97 -1.53
C LEU A 81 -0.15 -8.48 -1.35
N ASN A 82 -0.99 -9.06 -0.51
CA ASN A 82 -0.97 -10.50 -0.29
C ASN A 82 -2.40 -10.98 -0.35
N SER A 83 -2.79 -11.59 -1.46
CA SER A 83 -4.18 -12.02 -1.61
C SER A 83 -4.33 -13.33 -2.39
N PRO A 84 -5.23 -14.22 -1.93
CA PRO A 84 -5.50 -15.50 -2.59
C PRO A 84 -6.37 -15.36 -3.83
N ASP A 85 -6.83 -14.15 -4.12
CA ASP A 85 -7.65 -13.92 -5.30
C ASP A 85 -7.37 -12.53 -5.87
N GLU A 86 -7.47 -12.38 -7.19
CA GLU A 86 -7.19 -11.06 -7.80
C GLU A 86 -8.10 -9.97 -7.24
N ASP A 87 -9.39 -10.28 -7.05
CA ASP A 87 -10.32 -9.28 -6.49
C ASP A 87 -9.69 -8.66 -5.27
N SER A 88 -9.30 -9.52 -4.33
CA SER A 88 -8.63 -9.10 -3.11
C SER A 88 -7.32 -8.41 -3.49
N LEU A 89 -6.52 -9.16 -4.22
CA LEU A 89 -5.22 -8.71 -4.74
C LEU A 89 -5.28 -7.27 -5.23
N ALA A 90 -6.12 -7.00 -6.21
CA ALA A 90 -6.25 -5.65 -6.74
C ALA A 90 -6.85 -4.72 -5.70
N HIS A 91 -7.77 -5.25 -4.90
CA HIS A 91 -8.41 -4.47 -3.85
C HIS A 91 -7.35 -3.84 -2.95
N MET A 92 -6.28 -4.59 -2.71
CA MET A 92 -5.18 -4.11 -1.86
C MET A 92 -4.26 -3.16 -2.63
N GLN A 93 -3.67 -3.63 -3.74
CA GLN A 93 -2.76 -2.81 -4.53
C GLN A 93 -3.41 -1.49 -4.96
N ASN A 94 -4.73 -1.49 -5.11
CA ASN A 94 -5.45 -0.28 -5.52
C ASN A 94 -5.68 0.64 -4.32
N VAL A 95 -6.11 0.06 -3.21
CA VAL A 95 -6.37 0.83 -1.99
C VAL A 95 -5.21 1.78 -1.69
N VAL A 96 -3.98 1.29 -1.85
CA VAL A 96 -2.80 2.11 -1.59
C VAL A 96 -2.63 3.18 -2.66
N ALA A 97 -2.76 2.79 -3.94
CA ALA A 97 -2.64 3.75 -5.04
C ALA A 97 -3.47 4.98 -4.75
N ASP A 98 -4.54 4.79 -3.98
CA ASP A 98 -5.44 5.87 -3.62
C ASP A 98 -4.82 6.74 -2.53
N HIS A 99 -4.21 6.09 -1.53
CA HIS A 99 -3.58 6.81 -0.43
C HIS A 99 -2.50 7.77 -0.94
N LEU A 100 -1.70 7.32 -1.90
CA LEU A 100 -0.66 8.15 -2.47
C LEU A 100 -1.27 9.33 -3.23
N GLN A 101 -2.50 9.14 -3.71
CA GLN A 101 -3.20 10.17 -4.46
C GLN A 101 -3.70 11.31 -3.56
N ARG A 102 -4.22 10.95 -2.38
CA ARG A 102 -4.71 11.96 -1.45
C ARG A 102 -3.58 12.87 -1.00
N MET A 103 -2.42 12.27 -0.84
CA MET A 103 -1.23 13.01 -0.39
C MET A 103 -0.56 13.72 -1.57
N ALA A 104 -0.96 13.38 -2.79
CA ALA A 104 -0.38 13.99 -3.98
C ALA A 104 -1.46 14.29 -5.02
N ASN A 105 -2.16 15.41 -4.84
CA ASN A 105 -3.22 15.81 -5.76
C ASN A 105 -2.67 16.10 -7.14
N SER A 106 -3.44 16.84 -7.95
CA SER A 106 -3.03 17.20 -9.31
C SER A 106 -3.23 16.03 -10.27
N GLU A 107 -2.36 15.04 -10.18
CA GLU A 107 -2.44 13.86 -11.04
C GLU A 107 -2.88 12.64 -10.26
N SER A 108 -3.55 11.72 -10.94
CA SER A 108 -4.02 10.50 -10.30
C SER A 108 -2.86 9.53 -10.08
N LEU A 109 -1.99 9.89 -9.14
CA LEU A 109 -0.80 9.09 -8.79
C LEU A 109 -0.28 8.25 -9.94
N GLU A 110 0.83 8.65 -10.52
CA GLU A 110 1.43 7.88 -11.58
C GLU A 110 2.01 6.62 -10.95
N ILE A 111 1.28 5.52 -11.03
CA ILE A 111 1.73 4.27 -10.44
C ILE A 111 1.57 3.11 -11.40
N ALA A 112 2.63 2.32 -11.61
CA ALA A 112 2.54 1.17 -12.49
C ALA A 112 2.32 -0.08 -11.67
N TRP A 113 1.12 -0.64 -11.78
CA TRP A 113 0.77 -1.84 -11.04
C TRP A 113 1.00 -3.09 -11.89
N GLN A 114 1.67 -4.08 -11.30
CA GLN A 114 1.94 -5.33 -11.99
C GLN A 114 0.81 -6.33 -11.77
N PRO A 115 0.63 -7.27 -12.72
CA PRO A 115 -0.44 -8.28 -12.64
C PRO A 115 -0.51 -8.97 -11.29
N ALA A 116 0.66 -9.22 -10.68
CA ALA A 116 0.74 -9.89 -9.38
C ALA A 116 1.08 -11.36 -9.55
N GLU A 117 1.80 -11.69 -10.61
CA GLU A 117 2.19 -13.07 -10.88
C GLU A 117 3.20 -13.13 -12.03
N SER A 118 3.74 -14.33 -12.27
CA SER A 118 4.72 -14.53 -13.33
C SER A 118 4.02 -14.72 -14.67
N MET A 23 -2.73 -17.19 -3.37
CA MET A 23 -1.93 -16.05 -2.85
C MET A 23 -0.92 -15.54 -3.87
N PHE A 24 -1.34 -14.52 -4.61
CA PHE A 24 -0.51 -13.91 -5.64
C PHE A 24 0.11 -12.64 -5.08
N ARG A 25 1.05 -12.03 -5.79
CA ARG A 25 1.68 -10.81 -5.28
C ARG A 25 2.11 -9.86 -6.40
N SER A 26 1.62 -8.61 -6.31
CA SER A 26 1.95 -7.56 -7.27
C SER A 26 2.71 -6.46 -6.56
N THR A 27 3.36 -5.58 -7.31
CA THR A 27 4.11 -4.50 -6.68
C THR A 27 4.08 -3.21 -7.49
N SER A 28 3.68 -2.13 -6.83
CA SER A 28 3.62 -0.81 -7.47
C SER A 28 4.74 0.10 -6.93
N HIS A 29 5.48 0.72 -7.84
CA HIS A 29 6.59 1.61 -7.44
C HIS A 29 6.30 3.06 -7.86
N VAL A 30 6.45 4.00 -6.92
CA VAL A 30 6.21 5.41 -7.21
C VAL A 30 7.25 6.29 -6.51
N ARG A 31 7.50 7.47 -7.07
CA ARG A 31 8.46 8.39 -6.45
C ARG A 31 7.74 9.46 -5.65
N THR A 32 7.79 9.33 -4.32
CA THR A 32 7.12 10.28 -3.41
C THR A 32 8.08 10.76 -2.32
N GLU A 33 7.80 11.93 -1.75
CA GLU A 33 8.64 12.48 -0.69
C GLU A 33 7.97 12.33 0.69
N SER A 34 8.78 12.10 1.74
CA SER A 34 8.27 11.95 3.10
C SER A 34 7.27 10.80 3.20
N ALA A 35 7.43 9.83 2.31
CA ALA A 35 6.55 8.66 2.26
C ALA A 35 6.42 7.96 3.62
N ALA A 36 7.57 7.64 4.23
CA ALA A 36 7.60 6.92 5.50
C ALA A 36 6.55 7.40 6.51
N ARG A 37 6.11 8.65 6.40
CA ARG A 37 5.10 9.18 7.33
C ARG A 37 3.71 8.74 6.95
N TYR A 38 3.43 8.72 5.65
CA TYR A 38 2.12 8.31 5.19
C TYR A 38 1.88 6.84 5.50
N VAL A 39 2.97 6.07 5.64
CA VAL A 39 2.85 4.65 5.99
C VAL A 39 2.57 4.52 7.48
N ASN A 40 3.33 5.25 8.29
CA ASN A 40 3.16 5.21 9.73
C ASN A 40 1.84 5.83 10.16
N ARG A 41 1.33 6.77 9.37
CA ARG A 41 0.07 7.44 9.70
C ARG A 41 -1.14 6.58 9.38
N LEU A 42 -0.96 5.56 8.54
CA LEU A 42 -2.06 4.69 8.15
C LEU A 42 -2.50 3.78 9.29
N CYS A 43 -1.55 3.15 9.96
CA CYS A 43 -1.87 2.26 11.06
C CYS A 43 -2.73 2.99 12.09
N LYS A 44 -2.41 4.25 12.30
CA LYS A 44 -3.14 5.08 13.24
C LYS A 44 -4.44 5.58 12.61
N HIS A 45 -4.50 5.55 11.27
CA HIS A 45 -5.67 6.02 10.55
C HIS A 45 -6.74 4.94 10.41
N TRP A 46 -6.41 3.82 9.75
CA TRP A 46 -7.38 2.75 9.56
C TRP A 46 -7.34 1.73 10.68
N GLY A 47 -6.34 1.83 11.58
CA GLY A 47 -6.26 0.88 12.68
C GLY A 47 -7.36 1.08 13.70
N HIS A 48 -8.60 0.85 13.27
CA HIS A 48 -9.75 1.00 14.16
C HIS A 48 -10.37 -0.36 14.46
N LYS A 49 -10.25 -1.29 13.51
CA LYS A 49 -10.81 -2.62 13.68
C LYS A 49 -10.00 -3.64 12.87
N PHE A 50 -8.74 -3.31 12.59
CA PHE A 50 -7.88 -4.20 11.83
C PHE A 50 -6.48 -4.21 12.39
N GLU A 51 -5.77 -5.31 12.15
CA GLU A 51 -4.39 -5.45 12.63
C GLU A 51 -3.45 -4.62 11.77
N VAL A 52 -3.09 -3.45 12.27
CA VAL A 52 -2.20 -2.55 11.54
C VAL A 52 -0.85 -2.42 12.25
N GLU A 53 0.22 -2.86 11.59
CA GLU A 53 1.55 -2.77 12.16
C GLU A 53 2.23 -1.48 11.71
N LEU A 54 3.22 -1.02 12.46
CA LEU A 54 3.92 0.21 12.12
C LEU A 54 5.41 0.09 12.38
N THR A 55 6.18 0.04 11.30
CA THR A 55 7.63 -0.03 11.39
C THR A 55 8.23 1.06 10.53
N PRO A 56 9.46 1.49 10.80
CA PRO A 56 10.11 2.53 10.01
C PRO A 56 10.55 2.01 8.65
N GLU A 57 9.61 1.35 7.97
CA GLU A 57 9.87 0.78 6.66
C GLU A 57 8.58 0.55 5.89
N ARG A 58 7.52 0.13 6.58
CA ARG A 58 6.25 -0.12 5.92
C ARG A 58 5.12 -0.37 6.92
N GLY A 59 3.91 -0.38 6.39
CA GLY A 59 2.74 -0.65 7.20
C GLY A 59 2.14 -2.00 6.80
N PHE A 60 1.57 -2.72 7.77
CA PHE A 60 1.00 -4.03 7.50
C PHE A 60 -0.44 -4.07 7.95
N ILE A 61 -1.35 -4.24 7.00
CA ILE A 61 -2.78 -4.30 7.31
C ILE A 61 -3.39 -5.54 6.69
N ASP A 62 -3.65 -6.56 7.49
CA ASP A 62 -4.23 -7.80 6.98
C ASP A 62 -5.67 -7.95 7.43
N PHE A 63 -6.52 -8.29 6.47
CA PHE A 63 -7.94 -8.48 6.74
C PHE A 63 -8.27 -9.96 6.91
N GLY A 64 -7.22 -10.78 7.02
CA GLY A 64 -7.40 -12.21 7.18
C GLY A 64 -6.97 -12.95 5.93
N ASP A 65 -7.93 -13.24 5.04
CA ASP A 65 -7.65 -13.92 3.79
C ASP A 65 -7.27 -12.89 2.74
N SER A 66 -6.30 -12.05 3.09
CA SER A 66 -5.82 -10.98 2.22
C SER A 66 -4.99 -10.00 3.06
N ASN A 67 -4.13 -9.21 2.42
CA ASN A 67 -3.28 -8.28 3.17
C ASN A 67 -2.90 -7.08 2.30
N CYS A 68 -2.38 -6.03 2.93
CA CYS A 68 -1.99 -4.84 2.20
C CYS A 68 -0.81 -4.15 2.90
N GLU A 69 0.38 -4.33 2.35
CA GLU A 69 1.60 -3.74 2.91
C GLU A 69 1.98 -2.50 2.11
N LEU A 70 2.69 -1.57 2.74
CA LEU A 70 3.09 -0.34 2.06
C LEU A 70 4.49 0.09 2.48
N LEU A 71 5.40 0.16 1.53
CA LEU A 71 6.78 0.58 1.81
C LEU A 71 6.91 2.06 1.57
N ALA A 72 7.49 2.78 2.52
CA ALA A 72 7.60 4.22 2.38
C ALA A 72 8.90 4.77 2.95
N HIS A 73 9.73 5.30 2.06
CA HIS A 73 10.98 5.91 2.43
C HIS A 73 10.90 7.42 2.15
N PRO A 74 11.83 8.21 2.69
CA PRO A 74 11.86 9.67 2.54
C PRO A 74 11.66 10.15 1.11
N ASP A 75 11.88 9.30 0.12
CA ASP A 75 11.73 9.72 -1.27
C ASP A 75 11.13 8.65 -2.18
N HIS A 76 10.78 7.49 -1.64
CA HIS A 76 10.16 6.46 -2.48
C HIS A 76 9.13 5.65 -1.71
N VAL A 77 8.18 5.04 -2.43
CA VAL A 77 7.15 4.24 -1.81
C VAL A 77 6.86 2.99 -2.63
N LEU A 78 6.70 1.87 -1.94
CA LEU A 78 6.42 0.60 -2.60
C LEU A 78 5.08 0.05 -2.11
N MET A 79 4.35 -0.60 -3.01
CA MET A 79 3.04 -1.15 -2.66
C MET A 79 2.97 -2.65 -2.99
N ILE A 80 2.86 -3.48 -1.96
CA ILE A 80 2.78 -4.91 -2.14
C ILE A 80 1.54 -5.47 -1.46
N LEU A 81 0.83 -6.34 -2.15
CA LEU A 81 -0.38 -6.93 -1.58
C LEU A 81 -0.28 -8.45 -1.53
N ASN A 82 -0.87 -9.02 -0.49
CA ASN A 82 -0.90 -10.47 -0.34
C ASN A 82 -2.34 -10.93 -0.31
N SER A 83 -2.81 -11.47 -1.42
CA SER A 83 -4.22 -11.91 -1.48
C SER A 83 -4.41 -13.15 -2.35
N PRO A 84 -5.22 -14.11 -1.86
CA PRO A 84 -5.51 -15.37 -2.56
C PRO A 84 -6.34 -15.23 -3.83
N ASP A 85 -6.88 -14.03 -4.07
CA ASP A 85 -7.70 -13.82 -5.26
C ASP A 85 -7.40 -12.45 -5.88
N GLU A 86 -7.44 -12.35 -7.22
CA GLU A 86 -7.15 -11.06 -7.87
C GLU A 86 -8.10 -9.97 -7.38
N ASP A 87 -9.40 -10.28 -7.27
CA ASP A 87 -10.36 -9.29 -6.78
C ASP A 87 -9.81 -8.64 -5.53
N SER A 88 -9.45 -9.48 -4.57
CA SER A 88 -8.84 -9.01 -3.33
C SER A 88 -7.52 -8.33 -3.67
N LEU A 89 -6.67 -9.10 -4.34
CA LEU A 89 -5.35 -8.65 -4.78
C LEU A 89 -5.40 -7.22 -5.31
N ALA A 90 -6.19 -6.97 -6.34
CA ALA A 90 -6.29 -5.64 -6.91
C ALA A 90 -6.93 -4.70 -5.90
N HIS A 91 -7.89 -5.20 -5.13
CA HIS A 91 -8.56 -4.40 -4.12
C HIS A 91 -7.53 -3.80 -3.17
N MET A 92 -6.51 -4.60 -2.87
CA MET A 92 -5.44 -4.18 -1.97
C MET A 92 -4.42 -3.29 -2.70
N GLN A 93 -3.82 -3.79 -3.78
CA GLN A 93 -2.83 -3.00 -4.52
C GLN A 93 -3.41 -1.66 -5.01
N ASN A 94 -4.72 -1.61 -5.25
CA ASN A 94 -5.36 -0.39 -5.71
C ASN A 94 -5.66 0.56 -4.54
N VAL A 95 -6.18 0.01 -3.45
CA VAL A 95 -6.50 0.81 -2.26
C VAL A 95 -5.36 1.77 -1.93
N VAL A 96 -4.13 1.29 -2.04
CA VAL A 96 -2.96 2.11 -1.76
C VAL A 96 -2.79 3.19 -2.83
N ALA A 97 -2.91 2.81 -4.10
CA ALA A 97 -2.77 3.75 -5.21
C ALA A 97 -3.62 4.99 -4.93
N ASP A 98 -4.68 4.80 -4.16
CA ASP A 98 -5.58 5.89 -3.82
C ASP A 98 -4.97 6.75 -2.70
N HIS A 99 -4.36 6.10 -1.71
CA HIS A 99 -3.75 6.81 -0.60
C HIS A 99 -2.66 7.77 -1.07
N LEU A 100 -1.83 7.32 -2.03
CA LEU A 100 -0.77 8.15 -2.57
C LEU A 100 -1.36 9.36 -3.28
N GLN A 101 -2.59 9.21 -3.78
CA GLN A 101 -3.26 10.29 -4.49
C GLN A 101 -3.75 11.38 -3.53
N ARG A 102 -4.37 10.96 -2.42
CA ARG A 102 -4.89 11.89 -1.44
C ARG A 102 -3.76 12.79 -0.90
N MET A 103 -2.58 12.21 -0.74
CA MET A 103 -1.44 12.95 -0.22
C MET A 103 -0.74 13.75 -1.32
N ALA A 104 -1.04 13.44 -2.58
CA ALA A 104 -0.43 14.14 -3.70
C ALA A 104 -1.50 14.63 -4.68
N ASN A 105 -1.77 15.94 -4.64
CA ASN A 105 -2.77 16.55 -5.51
C ASN A 105 -2.11 17.16 -6.74
N SER A 106 -2.39 16.56 -7.90
CA SER A 106 -1.83 17.05 -9.16
C SER A 106 -2.21 16.12 -10.31
N GLU A 107 -2.25 14.83 -10.03
CA GLU A 107 -2.59 13.83 -11.04
C GLU A 107 -3.04 12.53 -10.38
N SER A 108 -3.66 11.65 -11.15
CA SER A 108 -4.12 10.38 -10.62
C SER A 108 -2.93 9.46 -10.37
N LEU A 109 -2.15 9.81 -9.35
CA LEU A 109 -0.93 9.06 -8.95
C LEU A 109 -0.37 8.21 -10.07
N GLU A 110 0.74 8.63 -10.65
CA GLU A 110 1.38 7.83 -11.67
C GLU A 110 1.99 6.61 -11.01
N ILE A 111 1.27 5.50 -11.07
CA ILE A 111 1.74 4.27 -10.45
C ILE A 111 1.60 3.08 -11.41
N ALA A 112 2.66 2.31 -11.60
CA ALA A 112 2.57 1.15 -12.47
C ALA A 112 2.34 -0.10 -11.65
N TRP A 113 1.15 -0.66 -11.77
CA TRP A 113 0.79 -1.86 -11.03
C TRP A 113 1.09 -3.11 -11.86
N GLN A 114 1.72 -4.08 -11.22
CA GLN A 114 2.06 -5.33 -11.89
C GLN A 114 0.93 -6.34 -11.76
N PRO A 115 0.82 -7.28 -12.72
CA PRO A 115 -0.23 -8.30 -12.71
C PRO A 115 -0.37 -8.99 -11.37
N ALA A 116 0.76 -9.25 -10.71
CA ALA A 116 0.79 -9.91 -9.41
C ALA A 116 1.08 -11.41 -9.57
N GLU A 117 1.88 -11.74 -10.57
CA GLU A 117 2.22 -13.13 -10.83
C GLU A 117 3.44 -13.23 -11.75
N SER A 118 4.08 -14.39 -11.76
CA SER A 118 5.26 -14.61 -12.59
C SER A 118 5.10 -15.88 -13.43
N MET A 23 -2.48 -17.32 -3.52
CA MET A 23 -1.67 -16.18 -2.99
C MET A 23 -0.72 -15.64 -4.06
N PHE A 24 -1.17 -14.61 -4.74
CA PHE A 24 -0.37 -13.96 -5.77
C PHE A 24 0.25 -12.69 -5.20
N ARG A 25 1.17 -12.05 -5.94
CA ARG A 25 1.78 -10.84 -5.41
C ARG A 25 2.19 -9.85 -6.50
N SER A 26 1.69 -8.62 -6.37
CA SER A 26 1.97 -7.52 -7.30
C SER A 26 2.76 -6.44 -6.56
N THR A 27 3.40 -5.56 -7.31
CA THR A 27 4.17 -4.49 -6.67
C THR A 27 4.14 -3.19 -7.46
N SER A 28 3.73 -2.11 -6.79
CA SER A 28 3.68 -0.80 -7.43
C SER A 28 4.81 0.11 -6.89
N HIS A 29 5.53 0.75 -7.80
CA HIS A 29 6.63 1.64 -7.42
C HIS A 29 6.35 3.08 -7.83
N VAL A 30 6.50 4.01 -6.90
CA VAL A 30 6.26 5.43 -7.18
C VAL A 30 7.30 6.32 -6.48
N ARG A 31 7.55 7.50 -7.04
CA ARG A 31 8.53 8.41 -6.42
C ARG A 31 7.79 9.48 -5.61
N THR A 32 7.85 9.34 -4.28
CA THR A 32 7.20 10.28 -3.37
C THR A 32 8.16 10.77 -2.27
N GLU A 33 7.87 11.93 -1.70
CA GLU A 33 8.72 12.48 -0.62
C GLU A 33 8.06 12.32 0.76
N SER A 34 8.87 12.09 1.79
CA SER A 34 8.36 11.94 3.15
C SER A 34 7.38 10.78 3.25
N ALA A 35 7.54 9.81 2.36
CA ALA A 35 6.67 8.63 2.32
C ALA A 35 6.57 7.92 3.67
N ALA A 36 7.71 7.60 4.26
CA ALA A 36 7.77 6.87 5.52
C ALA A 36 6.74 7.32 6.56
N ARG A 37 6.32 8.57 6.53
CA ARG A 37 5.34 9.07 7.49
C ARG A 37 3.92 8.69 7.08
N TYR A 38 3.63 8.79 5.80
CA TYR A 38 2.30 8.42 5.32
C TYR A 38 2.04 6.95 5.60
N VAL A 39 3.12 6.17 5.74
CA VAL A 39 2.99 4.75 6.07
C VAL A 39 2.71 4.59 7.55
N ASN A 40 3.42 5.37 8.37
CA ASN A 40 3.25 5.32 9.81
C ASN A 40 1.91 5.91 10.24
N ARG A 41 1.39 6.87 9.48
CA ARG A 41 0.12 7.49 9.83
C ARG A 41 -1.08 6.63 9.43
N LEU A 42 -0.86 5.68 8.54
CA LEU A 42 -1.95 4.80 8.09
C LEU A 42 -2.43 3.87 9.18
N CYS A 43 -1.48 3.20 9.86
CA CYS A 43 -1.83 2.28 10.93
C CYS A 43 -2.69 2.98 11.97
N LYS A 44 -2.36 4.23 12.24
CA LYS A 44 -3.10 5.03 13.21
C LYS A 44 -4.38 5.58 12.58
N HIS A 45 -4.39 5.64 11.25
CA HIS A 45 -5.54 6.17 10.52
C HIS A 45 -6.61 5.10 10.28
N TRP A 46 -6.26 4.04 9.56
CA TRP A 46 -7.21 2.98 9.26
C TRP A 46 -7.27 1.92 10.35
N GLY A 47 -6.32 1.95 11.29
CA GLY A 47 -6.32 0.98 12.36
C GLY A 47 -7.47 1.17 13.34
N HIS A 48 -8.69 1.02 12.85
CA HIS A 48 -9.88 1.18 13.67
C HIS A 48 -10.57 -0.15 13.89
N LYS A 49 -10.41 -1.07 12.93
CA LYS A 49 -11.05 -2.39 13.03
C LYS A 49 -10.21 -3.44 12.32
N PHE A 50 -8.93 -3.15 12.09
CA PHE A 50 -8.05 -4.09 11.42
C PHE A 50 -6.67 -4.10 12.05
N GLU A 51 -5.90 -5.13 11.76
CA GLU A 51 -4.55 -5.25 12.30
C GLU A 51 -3.56 -4.42 11.49
N VAL A 52 -3.06 -3.36 12.09
CA VAL A 52 -2.12 -2.48 11.41
C VAL A 52 -0.80 -2.36 12.17
N GLU A 53 0.28 -2.84 11.56
CA GLU A 53 1.60 -2.76 12.17
C GLU A 53 2.31 -1.49 11.71
N LEU A 54 3.26 -1.02 12.50
CA LEU A 54 3.99 0.19 12.16
C LEU A 54 5.49 0.05 12.44
N THR A 55 6.26 -0.04 11.36
CA THR A 55 7.71 -0.15 11.47
C THR A 55 8.34 0.91 10.58
N PRO A 56 9.62 1.24 10.81
CA PRO A 56 10.30 2.25 10.01
C PRO A 56 10.69 1.71 8.64
N GLU A 57 9.72 1.08 7.98
CA GLU A 57 9.93 0.50 6.67
C GLU A 57 8.62 0.38 5.90
N ARG A 58 7.54 0.01 6.59
CA ARG A 58 6.25 -0.15 5.92
C ARG A 58 5.10 -0.33 6.90
N GLY A 59 3.89 -0.26 6.35
CA GLY A 59 2.69 -0.45 7.14
C GLY A 59 2.01 -1.77 6.77
N PHE A 60 1.84 -2.68 7.73
CA PHE A 60 1.21 -3.97 7.45
C PHE A 60 -0.25 -3.95 7.89
N ILE A 61 -1.15 -4.16 6.94
CA ILE A 61 -2.58 -4.17 7.22
C ILE A 61 -3.25 -5.39 6.62
N ASP A 62 -3.73 -6.31 7.47
CA ASP A 62 -4.40 -7.51 6.97
C ASP A 62 -5.91 -7.40 7.18
N PHE A 63 -6.66 -7.59 6.10
CA PHE A 63 -8.11 -7.52 6.14
C PHE A 63 -8.71 -8.87 6.53
N GLY A 64 -7.90 -9.92 6.38
CA GLY A 64 -8.34 -11.27 6.70
C GLY A 64 -7.71 -12.30 5.80
N ASP A 65 -8.36 -12.58 4.67
CA ASP A 65 -7.85 -13.55 3.70
C ASP A 65 -7.01 -12.85 2.64
N SER A 66 -5.96 -12.17 3.10
CA SER A 66 -5.06 -11.42 2.23
C SER A 66 -4.23 -10.44 3.07
N ASN A 67 -3.65 -9.42 2.44
CA ASN A 67 -2.86 -8.45 3.18
C ASN A 67 -2.56 -7.23 2.31
N CYS A 68 -2.04 -6.19 2.92
CA CYS A 68 -1.69 -4.98 2.20
C CYS A 68 -0.56 -4.24 2.90
N GLU A 69 0.65 -4.38 2.36
CA GLU A 69 1.82 -3.74 2.94
C GLU A 69 2.18 -2.50 2.13
N LEU A 70 2.84 -1.54 2.77
CA LEU A 70 3.22 -0.31 2.07
C LEU A 70 4.61 0.14 2.50
N LEU A 71 5.54 0.13 1.55
CA LEU A 71 6.92 0.56 1.84
C LEU A 71 7.04 2.04 1.59
N ALA A 72 7.61 2.77 2.54
CA ALA A 72 7.72 4.21 2.40
C ALA A 72 9.01 4.77 2.95
N HIS A 73 9.85 5.29 2.06
CA HIS A 73 11.10 5.91 2.42
C HIS A 73 11.01 7.41 2.14
N PRO A 74 11.93 8.20 2.69
CA PRO A 74 11.95 9.66 2.53
C PRO A 74 11.75 10.15 1.10
N ASP A 75 11.97 9.29 0.10
CA ASP A 75 11.80 9.72 -1.28
C ASP A 75 11.20 8.65 -2.18
N HIS A 76 10.85 7.48 -1.64
CA HIS A 76 10.24 6.45 -2.47
C HIS A 76 9.21 5.63 -1.69
N VAL A 77 8.27 5.01 -2.40
CA VAL A 77 7.24 4.21 -1.77
C VAL A 77 6.94 2.96 -2.59
N LEU A 78 6.78 1.85 -1.90
CA LEU A 78 6.49 0.57 -2.56
C LEU A 78 5.17 0.02 -2.06
N MET A 79 4.43 -0.65 -2.94
CA MET A 79 3.14 -1.22 -2.57
C MET A 79 3.07 -2.70 -2.93
N ILE A 80 2.97 -3.55 -1.91
CA ILE A 80 2.89 -4.99 -2.12
C ILE A 80 1.68 -5.56 -1.42
N LEU A 81 0.98 -6.48 -2.08
CA LEU A 81 -0.20 -7.10 -1.51
C LEU A 81 -0.08 -8.62 -1.46
N ASN A 82 -0.67 -9.22 -0.44
CA ASN A 82 -0.68 -10.67 -0.32
C ASN A 82 -2.12 -11.14 -0.30
N SER A 83 -2.58 -11.66 -1.43
CA SER A 83 -3.98 -12.11 -1.53
C SER A 83 -4.12 -13.39 -2.36
N PRO A 84 -5.01 -14.31 -1.94
CA PRO A 84 -5.27 -15.57 -2.64
C PRO A 84 -6.16 -15.42 -3.87
N ASP A 85 -6.69 -14.22 -4.09
CA ASP A 85 -7.54 -13.99 -5.25
C ASP A 85 -7.27 -12.59 -5.83
N GLU A 86 -7.34 -12.45 -7.15
CA GLU A 86 -7.08 -11.13 -7.77
C GLU A 86 -8.04 -10.07 -7.21
N ASP A 87 -9.32 -10.40 -7.07
CA ASP A 87 -10.28 -9.44 -6.51
C ASP A 87 -9.69 -8.81 -5.27
N SER A 88 -9.28 -9.68 -4.34
CA SER A 88 -8.64 -9.25 -3.10
C SER A 88 -7.34 -8.53 -3.47
N LEU A 89 -6.51 -9.26 -4.20
CA LEU A 89 -5.21 -8.78 -4.68
C LEU A 89 -5.30 -7.33 -5.16
N ALA A 90 -6.13 -7.07 -6.17
CA ALA A 90 -6.26 -5.72 -6.69
C ALA A 90 -6.86 -4.81 -5.63
N HIS A 91 -7.78 -5.34 -4.84
CA HIS A 91 -8.41 -4.57 -3.77
C HIS A 91 -7.35 -3.95 -2.87
N MET A 92 -6.29 -4.73 -2.61
CA MET A 92 -5.19 -4.28 -1.77
C MET A 92 -4.24 -3.34 -2.54
N GLN A 93 -3.68 -3.83 -3.65
CA GLN A 93 -2.74 -3.02 -4.44
C GLN A 93 -3.37 -1.70 -4.88
N ASN A 94 -4.69 -1.68 -5.05
CA ASN A 94 -5.38 -0.47 -5.49
C ASN A 94 -5.65 0.47 -4.30
N VAL A 95 -6.11 -0.11 -3.19
CA VAL A 95 -6.40 0.68 -1.99
C VAL A 95 -5.26 1.66 -1.68
N VAL A 96 -4.03 1.19 -1.85
CA VAL A 96 -2.86 2.03 -1.60
C VAL A 96 -2.74 3.14 -2.65
N ALA A 97 -2.87 2.77 -3.93
CA ALA A 97 -2.79 3.74 -5.01
C ALA A 97 -3.67 4.95 -4.69
N ASP A 98 -4.71 4.70 -3.91
CA ASP A 98 -5.64 5.74 -3.50
C ASP A 98 -5.02 6.62 -2.42
N HIS A 99 -4.32 5.99 -1.47
CA HIS A 99 -3.69 6.72 -0.37
C HIS A 99 -2.61 7.68 -0.87
N LEU A 100 -1.82 7.26 -1.85
CA LEU A 100 -0.76 8.10 -2.40
C LEU A 100 -1.33 9.32 -3.12
N GLN A 101 -2.60 9.23 -3.54
CA GLN A 101 -3.25 10.32 -4.26
C GLN A 101 -3.49 11.53 -3.36
N ARG A 102 -4.30 11.34 -2.31
CA ARG A 102 -4.62 12.43 -1.40
C ARG A 102 -3.37 13.09 -0.84
N MET A 103 -2.30 12.31 -0.68
CA MET A 103 -1.05 12.85 -0.15
C MET A 103 -0.23 13.54 -1.24
N ALA A 104 -0.62 13.35 -2.50
CA ALA A 104 0.10 13.95 -3.61
C ALA A 104 -0.80 14.92 -4.38
N ASN A 105 -0.34 15.31 -5.58
CA ASN A 105 -1.09 16.23 -6.42
C ASN A 105 -2.51 15.72 -6.68
N SER A 106 -3.20 16.38 -7.61
CA SER A 106 -4.57 16.00 -7.96
C SER A 106 -4.59 14.87 -8.98
N GLU A 107 -3.48 14.69 -9.70
CA GLU A 107 -3.38 13.63 -10.70
C GLU A 107 -3.63 12.27 -10.06
N SER A 108 -4.21 11.35 -10.83
CA SER A 108 -4.51 10.02 -10.34
C SER A 108 -3.22 9.22 -10.14
N LEU A 109 -2.46 9.60 -9.11
CA LEU A 109 -1.18 8.95 -8.76
C LEU A 109 -0.58 8.14 -9.89
N GLU A 110 0.49 8.64 -10.49
CA GLU A 110 1.15 7.89 -11.54
C GLU A 110 1.81 6.68 -10.91
N ILE A 111 1.13 5.53 -10.99
CA ILE A 111 1.65 4.31 -10.40
C ILE A 111 1.49 3.13 -11.35
N ALA A 112 2.57 2.38 -11.59
CA ALA A 112 2.47 1.23 -12.46
C ALA A 112 2.28 -0.03 -11.63
N TRP A 113 1.08 -0.59 -11.72
CA TRP A 113 0.75 -1.79 -10.96
C TRP A 113 0.99 -3.05 -11.80
N GLN A 114 1.66 -4.01 -11.19
CA GLN A 114 1.95 -5.27 -11.88
C GLN A 114 0.83 -6.27 -11.68
N PRO A 115 0.60 -7.16 -12.66
CA PRO A 115 -0.47 -8.17 -12.59
C PRO A 115 -0.51 -8.90 -11.26
N ALA A 116 0.68 -9.15 -10.69
CA ALA A 116 0.81 -9.85 -9.41
C ALA A 116 1.12 -11.32 -9.63
N GLU A 117 0.57 -11.88 -10.71
CA GLU A 117 0.80 -13.29 -11.04
C GLU A 117 1.22 -13.45 -12.49
N SER A 118 1.78 -14.60 -12.82
CA SER A 118 2.23 -14.89 -14.17
C SER A 118 1.23 -15.78 -14.91
N MET A 23 -2.18 -17.36 -3.33
CA MET A 23 -1.44 -16.19 -2.79
C MET A 23 -0.45 -15.64 -3.82
N PHE A 24 -0.94 -14.71 -4.62
CA PHE A 24 -0.14 -14.07 -5.66
C PHE A 24 0.46 -12.77 -5.09
N ARG A 25 1.37 -12.14 -5.83
CA ARG A 25 1.97 -10.90 -5.32
C ARG A 25 2.36 -9.93 -6.44
N SER A 26 1.86 -8.70 -6.33
CA SER A 26 2.15 -7.63 -7.28
C SER A 26 2.85 -6.50 -6.56
N THR A 27 3.48 -5.59 -7.30
CA THR A 27 4.17 -4.47 -6.67
C THR A 27 4.10 -3.19 -7.48
N SER A 28 3.69 -2.10 -6.82
CA SER A 28 3.59 -0.80 -7.48
C SER A 28 4.66 0.16 -6.93
N HIS A 29 5.47 0.72 -7.82
CA HIS A 29 6.54 1.65 -7.42
C HIS A 29 6.19 3.09 -7.81
N VAL A 30 6.36 4.02 -6.86
CA VAL A 30 6.07 5.43 -7.11
C VAL A 30 7.12 6.32 -6.45
N ARG A 31 7.33 7.52 -7.00
CA ARG A 31 8.29 8.45 -6.40
C ARG A 31 7.57 9.51 -5.58
N THR A 32 7.65 9.38 -4.25
CA THR A 32 7.01 10.32 -3.34
C THR A 32 7.98 10.82 -2.27
N GLU A 33 7.69 11.98 -1.69
CA GLU A 33 8.54 12.55 -0.63
C GLU A 33 7.91 12.39 0.76
N SER A 34 8.75 12.18 1.77
CA SER A 34 8.28 12.01 3.15
C SER A 34 7.31 10.84 3.27
N ALA A 35 7.47 9.88 2.38
CA ALA A 35 6.61 8.68 2.36
C ALA A 35 6.52 8.01 3.73
N ALA A 36 7.66 7.67 4.29
CA ALA A 36 7.73 6.96 5.59
C ALA A 36 6.73 7.48 6.63
N ARG A 37 6.28 8.72 6.49
CA ARG A 37 5.34 9.29 7.45
C ARG A 37 3.91 8.79 7.24
N TYR A 38 3.47 8.75 5.99
CA TYR A 38 2.13 8.29 5.74
C TYR A 38 2.02 6.82 6.13
N VAL A 39 3.05 6.04 5.83
CA VAL A 39 3.05 4.64 6.21
C VAL A 39 2.84 4.54 7.71
N ASN A 40 3.54 5.40 8.45
CA ASN A 40 3.42 5.43 9.89
C ASN A 40 2.08 6.04 10.32
N ARG A 41 1.56 7.01 9.55
CA ARG A 41 0.31 7.66 9.92
C ARG A 41 -0.93 6.88 9.44
N LEU A 42 -0.77 6.05 8.42
CA LEU A 42 -1.90 5.29 7.88
C LEU A 42 -2.41 4.25 8.87
N CYS A 43 -1.48 3.49 9.46
CA CYS A 43 -1.86 2.47 10.42
C CYS A 43 -2.67 3.07 11.56
N LYS A 44 -2.24 4.23 12.02
CA LYS A 44 -2.93 4.94 13.09
C LYS A 44 -4.20 5.59 12.55
N HIS A 45 -4.25 5.79 11.23
CA HIS A 45 -5.40 6.41 10.59
C HIS A 45 -6.50 5.40 10.29
N TRP A 46 -6.21 4.45 9.40
CA TRP A 46 -7.20 3.45 9.03
C TRP A 46 -7.31 2.35 10.09
N GLY A 47 -6.35 2.32 11.03
CA GLY A 47 -6.38 1.31 12.07
C GLY A 47 -7.51 1.52 13.06
N HIS A 48 -8.75 1.43 12.58
CA HIS A 48 -9.91 1.60 13.42
C HIS A 48 -10.66 0.29 13.60
N LYS A 49 -10.51 -0.61 12.62
CA LYS A 49 -11.18 -1.90 12.67
C LYS A 49 -10.38 -2.96 11.90
N PHE A 50 -9.08 -2.71 11.76
CA PHE A 50 -8.22 -3.64 11.04
C PHE A 50 -6.88 -3.79 11.74
N GLU A 51 -6.21 -4.91 11.46
CA GLU A 51 -4.90 -5.17 12.05
C GLU A 51 -3.82 -4.38 11.32
N VAL A 52 -3.44 -3.26 11.90
CA VAL A 52 -2.41 -2.41 11.29
C VAL A 52 -1.12 -2.39 12.10
N GLU A 53 -0.01 -2.74 11.45
CA GLU A 53 1.28 -2.74 12.10
C GLU A 53 2.09 -1.52 11.66
N LEU A 54 3.02 -1.08 12.49
CA LEU A 54 3.84 0.08 12.16
C LEU A 54 5.31 -0.17 12.46
N THR A 55 6.10 -0.31 11.40
CA THR A 55 7.54 -0.52 11.53
C THR A 55 8.26 0.52 10.69
N PRO A 56 9.55 0.74 10.94
CA PRO A 56 10.33 1.72 10.18
C PRO A 56 10.71 1.17 8.82
N GLU A 57 9.72 0.66 8.11
CA GLU A 57 9.93 0.08 6.80
C GLU A 57 8.63 0.06 5.99
N ARG A 58 7.50 -0.24 6.64
CA ARG A 58 6.23 -0.28 5.94
C ARG A 58 5.05 -0.42 6.89
N GLY A 59 3.86 -0.23 6.32
CA GLY A 59 2.64 -0.37 7.08
C GLY A 59 1.92 -1.66 6.71
N PHE A 60 1.65 -2.54 7.68
CA PHE A 60 0.99 -3.80 7.40
C PHE A 60 -0.50 -3.71 7.73
N ILE A 61 -1.33 -3.85 6.72
CA ILE A 61 -2.78 -3.80 6.92
C ILE A 61 -3.44 -4.97 6.21
N ASP A 62 -3.83 -6.00 6.98
CA ASP A 62 -4.45 -7.16 6.37
C ASP A 62 -5.90 -7.34 6.79
N PHE A 63 -6.70 -7.78 5.83
CA PHE A 63 -8.11 -8.04 6.04
C PHE A 63 -8.30 -9.44 6.63
N GLY A 64 -7.21 -10.19 6.68
CA GLY A 64 -7.24 -11.55 7.19
C GLY A 64 -6.46 -12.48 6.30
N ASP A 65 -7.15 -13.12 5.36
CA ASP A 65 -6.49 -14.01 4.41
C ASP A 65 -5.69 -13.19 3.40
N SER A 66 -6.18 -11.97 3.15
CA SER A 66 -5.54 -11.04 2.23
C SER A 66 -4.77 -10.00 3.04
N ASN A 67 -3.83 -9.28 2.40
CA ASN A 67 -3.04 -8.28 3.13
C ASN A 67 -2.63 -7.14 2.21
N CYS A 68 -2.09 -6.06 2.80
CA CYS A 68 -1.64 -4.91 2.03
C CYS A 68 -0.55 -4.16 2.78
N GLU A 69 0.69 -4.36 2.35
CA GLU A 69 1.83 -3.70 2.97
C GLU A 69 2.21 -2.46 2.18
N LEU A 70 2.84 -1.48 2.83
CA LEU A 70 3.22 -0.24 2.15
C LEU A 70 4.62 0.19 2.58
N LEU A 71 5.55 0.18 1.63
CA LEU A 71 6.93 0.60 1.90
C LEU A 71 7.03 2.09 1.65
N ALA A 72 7.63 2.82 2.58
CA ALA A 72 7.72 4.27 2.43
C ALA A 72 9.02 4.85 2.97
N HIS A 73 9.82 5.38 2.05
CA HIS A 73 11.08 6.01 2.39
C HIS A 73 10.96 7.51 2.11
N PRO A 74 11.89 8.31 2.65
CA PRO A 74 11.88 9.77 2.49
C PRO A 74 11.65 10.27 1.07
N ASP A 75 11.87 9.41 0.07
CA ASP A 75 11.67 9.84 -1.32
C ASP A 75 11.07 8.76 -2.21
N HIS A 76 10.75 7.59 -1.67
CA HIS A 76 10.13 6.55 -2.49
C HIS A 76 9.14 5.72 -1.68
N VAL A 77 8.18 5.09 -2.38
CA VAL A 77 7.18 4.28 -1.73
C VAL A 77 6.89 3.02 -2.54
N LEU A 78 6.75 1.90 -1.84
CA LEU A 78 6.48 0.62 -2.49
C LEU A 78 5.15 0.06 -1.99
N MET A 79 4.40 -0.57 -2.88
CA MET A 79 3.11 -1.13 -2.51
C MET A 79 3.04 -2.62 -2.89
N ILE A 80 2.95 -3.48 -1.87
CA ILE A 80 2.88 -4.91 -2.09
C ILE A 80 1.63 -5.50 -1.43
N LEU A 81 0.96 -6.39 -2.14
CA LEU A 81 -0.23 -7.03 -1.61
C LEU A 81 -0.06 -8.53 -1.52
N ASN A 82 -0.64 -9.12 -0.49
CA ASN A 82 -0.59 -10.57 -0.31
C ASN A 82 -2.02 -11.08 -0.26
N SER A 83 -2.48 -11.66 -1.36
CA SER A 83 -3.87 -12.15 -1.40
C SER A 83 -4.03 -13.40 -2.28
N PRO A 84 -4.74 -14.41 -1.74
CA PRO A 84 -5.00 -15.69 -2.43
C PRO A 84 -5.83 -15.56 -3.70
N ASP A 85 -6.40 -14.39 -3.95
CA ASP A 85 -7.21 -14.21 -5.15
C ASP A 85 -6.97 -12.81 -5.75
N GLU A 86 -7.08 -12.70 -7.08
CA GLU A 86 -6.85 -11.39 -7.73
C GLU A 86 -7.83 -10.34 -7.21
N ASP A 87 -9.11 -10.68 -7.04
CA ASP A 87 -10.08 -9.72 -6.53
C ASP A 87 -9.51 -9.06 -5.29
N SER A 88 -9.11 -9.90 -4.34
CA SER A 88 -8.48 -9.44 -3.11
C SER A 88 -7.19 -8.71 -3.49
N LEU A 89 -6.34 -9.45 -4.18
CA LEU A 89 -5.04 -8.96 -4.66
C LEU A 89 -5.14 -7.52 -5.15
N ALA A 90 -5.97 -7.29 -6.16
CA ALA A 90 -6.12 -5.95 -6.70
C ALA A 90 -6.76 -5.03 -5.67
N HIS A 91 -7.65 -5.59 -4.85
CA HIS A 91 -8.32 -4.82 -3.81
C HIS A 91 -7.30 -4.14 -2.91
N MET A 92 -6.21 -4.86 -2.65
CA MET A 92 -5.14 -4.31 -1.79
C MET A 92 -4.25 -3.33 -2.57
N GLN A 93 -3.64 -3.79 -3.68
CA GLN A 93 -2.77 -2.94 -4.48
C GLN A 93 -3.47 -1.63 -4.87
N ASN A 94 -4.79 -1.66 -4.98
CA ASN A 94 -5.55 -0.46 -5.34
C ASN A 94 -5.75 0.45 -4.13
N VAL A 95 -6.09 -0.17 -2.99
CA VAL A 95 -6.33 0.57 -1.75
C VAL A 95 -5.21 1.58 -1.49
N VAL A 96 -3.97 1.14 -1.62
CA VAL A 96 -2.82 2.01 -1.39
C VAL A 96 -2.68 3.05 -2.50
N ALA A 97 -2.78 2.61 -3.76
CA ALA A 97 -2.69 3.52 -4.89
C ALA A 97 -3.57 4.75 -4.66
N ASP A 98 -4.62 4.55 -3.87
CA ASP A 98 -5.55 5.62 -3.55
C ASP A 98 -4.97 6.54 -2.48
N HIS A 99 -4.32 5.95 -1.48
CA HIS A 99 -3.73 6.73 -0.38
C HIS A 99 -2.68 7.72 -0.90
N LEU A 100 -1.85 7.27 -1.85
CA LEU A 100 -0.82 8.12 -2.42
C LEU A 100 -1.43 9.31 -3.17
N GLN A 101 -2.70 9.18 -3.54
CA GLN A 101 -3.39 10.24 -4.28
C GLN A 101 -3.63 11.47 -3.41
N ARG A 102 -4.40 11.30 -2.35
CA ARG A 102 -4.73 12.41 -1.45
C ARG A 102 -3.47 13.11 -0.92
N MET A 103 -2.38 12.35 -0.77
CA MET A 103 -1.14 12.92 -0.26
C MET A 103 -0.35 13.63 -1.35
N ALA A 104 -0.71 13.41 -2.61
CA ALA A 104 -0.02 14.04 -3.73
C ALA A 104 -0.91 15.05 -4.44
N ASN A 105 -2.11 14.61 -4.83
CA ASN A 105 -3.06 15.48 -5.52
C ASN A 105 -2.60 15.80 -6.93
N SER A 106 -3.21 16.80 -7.55
CA SER A 106 -2.86 17.21 -8.90
C SER A 106 -3.15 16.09 -9.90
N GLU A 107 -2.26 15.12 -9.98
CA GLU A 107 -2.42 13.99 -10.89
C GLU A 107 -2.93 12.77 -10.16
N SER A 108 -3.59 11.87 -10.89
CA SER A 108 -4.13 10.65 -10.29
C SER A 108 -3.01 9.63 -10.06
N LEU A 109 -2.15 9.93 -9.08
CA LEU A 109 -1.01 9.07 -8.72
C LEU A 109 -0.51 8.22 -9.87
N GLU A 110 0.65 8.54 -10.40
CA GLU A 110 1.24 7.75 -11.45
C GLU A 110 1.79 6.47 -10.81
N ILE A 111 1.02 5.39 -10.89
CA ILE A 111 1.44 4.13 -10.29
C ILE A 111 1.40 2.98 -11.30
N ALA A 112 2.51 2.25 -11.44
CA ALA A 112 2.52 1.13 -12.35
C ALA A 112 2.31 -0.16 -11.56
N TRP A 113 1.15 -0.76 -11.75
CA TRP A 113 0.82 -1.99 -11.04
C TRP A 113 1.14 -3.22 -11.88
N GLN A 114 1.81 -4.17 -11.25
CA GLN A 114 2.19 -5.40 -11.94
C GLN A 114 1.10 -6.45 -11.80
N PRO A 115 0.98 -7.37 -12.77
CA PRO A 115 -0.04 -8.42 -12.75
C PRO A 115 -0.16 -9.12 -11.40
N ALA A 116 1.00 -9.32 -10.75
CA ALA A 116 1.05 -9.98 -9.43
C ALA A 116 1.42 -11.45 -9.59
N GLU A 117 1.14 -12.02 -10.75
CA GLU A 117 1.45 -13.42 -11.03
C GLU A 117 1.04 -13.80 -12.45
N SER A 118 1.97 -14.41 -13.17
CA SER A 118 1.70 -14.83 -14.55
C SER A 118 1.96 -16.32 -14.73
N MET A 23 -2.89 -17.05 -3.52
CA MET A 23 -2.07 -15.94 -2.95
C MET A 23 -1.03 -15.44 -3.95
N PHE A 24 -1.43 -14.42 -4.69
CA PHE A 24 -0.57 -13.81 -5.69
C PHE A 24 0.07 -12.55 -5.11
N ARG A 25 1.04 -11.96 -5.80
CA ARG A 25 1.68 -10.76 -5.27
C ARG A 25 2.14 -9.80 -6.37
N SER A 26 1.69 -8.55 -6.26
CA SER A 26 2.05 -7.49 -7.20
C SER A 26 2.83 -6.41 -6.47
N THR A 27 3.52 -5.54 -7.21
CA THR A 27 4.28 -4.47 -6.57
C THR A 27 4.28 -3.19 -7.39
N SER A 28 3.90 -2.08 -6.75
CA SER A 28 3.87 -0.78 -7.39
C SER A 28 4.95 0.13 -6.81
N HIS A 29 5.78 0.71 -7.68
CA HIS A 29 6.86 1.61 -7.25
C HIS A 29 6.62 3.05 -7.70
N VAL A 30 6.76 4.00 -6.76
CA VAL A 30 6.56 5.41 -7.06
C VAL A 30 7.58 6.26 -6.34
N ARG A 31 7.90 7.43 -6.89
CA ARG A 31 8.88 8.32 -6.25
C ARG A 31 8.16 9.42 -5.47
N THR A 32 8.17 9.29 -4.14
CA THR A 32 7.52 10.27 -3.26
C THR A 32 8.46 10.71 -2.13
N GLU A 33 8.22 11.88 -1.57
CA GLU A 33 9.05 12.39 -0.47
C GLU A 33 8.34 12.25 0.88
N SER A 34 9.11 11.96 1.94
CA SER A 34 8.55 11.81 3.29
C SER A 34 7.51 10.70 3.34
N ALA A 35 7.65 9.74 2.44
CA ALA A 35 6.73 8.60 2.38
C ALA A 35 6.56 7.89 3.72
N ALA A 36 7.64 7.78 4.47
CA ALA A 36 7.64 7.08 5.75
C ALA A 36 6.54 7.56 6.71
N ARG A 37 6.03 8.77 6.52
CA ARG A 37 5.00 9.30 7.40
C ARG A 37 3.61 8.78 7.06
N TYR A 38 3.27 8.71 5.79
CA TYR A 38 1.96 8.22 5.42
C TYR A 38 1.82 6.76 5.81
N VAL A 39 2.92 6.02 5.70
CA VAL A 39 2.90 4.61 6.11
C VAL A 39 2.61 4.51 7.59
N ASN A 40 3.32 5.33 8.38
CA ASN A 40 3.12 5.35 9.82
C ASN A 40 1.77 5.92 10.19
N ARG A 41 1.25 6.84 9.38
CA ARG A 41 -0.04 7.46 9.65
C ARG A 41 -1.21 6.56 9.27
N LEU A 42 -0.96 5.57 8.43
CA LEU A 42 -2.01 4.65 7.99
C LEU A 42 -2.49 3.75 9.11
N CYS A 43 -1.55 3.14 9.82
CA CYS A 43 -1.89 2.24 10.92
C CYS A 43 -2.78 2.96 11.93
N LYS A 44 -2.47 4.22 12.17
CA LYS A 44 -3.24 5.04 13.09
C LYS A 44 -4.52 5.54 12.42
N HIS A 45 -4.53 5.54 11.09
CA HIS A 45 -5.69 6.00 10.33
C HIS A 45 -6.73 4.90 10.14
N TRP A 46 -6.35 3.82 9.46
CA TRP A 46 -7.28 2.73 9.20
C TRP A 46 -7.32 1.72 10.35
N GLY A 47 -6.36 1.82 11.28
CA GLY A 47 -6.34 0.91 12.41
C GLY A 47 -7.48 1.13 13.37
N HIS A 48 -8.70 0.90 12.90
CA HIS A 48 -9.89 1.09 13.73
C HIS A 48 -10.53 -0.26 14.06
N LYS A 49 -10.41 -1.21 13.13
CA LYS A 49 -10.99 -2.54 13.33
C LYS A 49 -10.13 -3.60 12.64
N PHE A 50 -8.87 -3.27 12.38
CA PHE A 50 -7.96 -4.21 11.73
C PHE A 50 -6.57 -4.14 12.35
N GLU A 51 -5.81 -5.22 12.16
CA GLU A 51 -4.46 -5.29 12.70
C GLU A 51 -3.51 -4.49 11.83
N VAL A 52 -3.03 -3.38 12.36
CA VAL A 52 -2.11 -2.52 11.62
C VAL A 52 -0.78 -2.37 12.36
N GLU A 53 0.30 -2.83 11.73
CA GLU A 53 1.63 -2.74 12.32
C GLU A 53 2.32 -1.46 11.85
N LEU A 54 3.22 -0.93 12.66
CA LEU A 54 3.94 0.29 12.31
C LEU A 54 5.42 0.17 12.62
N THR A 55 6.22 0.07 11.57
CA THR A 55 7.66 -0.03 11.71
C THR A 55 8.33 0.99 10.79
N PRO A 56 9.62 1.26 10.97
CA PRO A 56 10.34 2.22 10.14
C PRO A 56 10.69 1.63 8.79
N GLU A 57 9.70 1.05 8.15
CA GLU A 57 9.89 0.43 6.85
C GLU A 57 8.57 0.31 6.07
N ARG A 58 7.48 -0.06 6.75
CA ARG A 58 6.20 -0.21 6.08
C ARG A 58 5.04 -0.38 7.05
N GLY A 59 3.83 -0.29 6.50
CA GLY A 59 2.62 -0.48 7.29
C GLY A 59 1.93 -1.79 6.90
N PHE A 60 1.81 -2.73 7.85
CA PHE A 60 1.18 -4.02 7.56
C PHE A 60 -0.25 -4.03 8.04
N ILE A 61 -1.16 -4.39 7.14
CA ILE A 61 -2.59 -4.45 7.45
C ILE A 61 -3.20 -5.70 6.85
N ASP A 62 -3.46 -6.71 7.67
CA ASP A 62 -4.05 -7.94 7.17
C ASP A 62 -5.53 -8.04 7.53
N PHE A 63 -6.35 -8.21 6.51
CA PHE A 63 -7.80 -8.32 6.68
C PHE A 63 -8.19 -9.79 6.85
N GLY A 64 -7.19 -10.67 6.93
CA GLY A 64 -7.44 -12.08 7.09
C GLY A 64 -7.03 -12.85 5.84
N ASP A 65 -7.96 -13.03 4.91
CA ASP A 65 -7.67 -13.72 3.66
C ASP A 65 -7.24 -12.70 2.62
N SER A 66 -6.28 -11.86 3.01
CA SER A 66 -5.76 -10.79 2.15
C SER A 66 -4.92 -9.83 3.00
N ASN A 67 -4.03 -9.07 2.37
CA ASN A 67 -3.18 -8.15 3.11
C ASN A 67 -2.81 -6.93 2.27
N CYS A 68 -2.23 -5.92 2.91
CA CYS A 68 -1.83 -4.71 2.21
C CYS A 68 -0.65 -4.06 2.92
N GLU A 69 0.54 -4.24 2.36
CA GLU A 69 1.75 -3.67 2.93
C GLU A 69 2.16 -2.43 2.14
N LEU A 70 2.85 -1.51 2.81
CA LEU A 70 3.29 -0.27 2.15
C LEU A 70 4.67 0.14 2.63
N LEU A 71 5.64 0.11 1.71
CA LEU A 71 7.01 0.51 2.05
C LEU A 71 7.16 2.00 1.86
N ALA A 72 7.73 2.69 2.85
CA ALA A 72 7.86 4.13 2.76
C ALA A 72 9.20 4.64 3.28
N HIS A 73 9.97 5.22 2.36
CA HIS A 73 11.25 5.81 2.69
C HIS A 73 11.20 7.31 2.39
N PRO A 74 12.17 8.08 2.93
CA PRO A 74 12.23 9.53 2.76
C PRO A 74 12.03 10.02 1.33
N ASP A 75 12.21 9.16 0.33
CA ASP A 75 12.04 9.60 -1.05
C ASP A 75 11.44 8.53 -1.96
N HIS A 76 11.07 7.37 -1.42
CA HIS A 76 10.46 6.35 -2.27
C HIS A 76 9.42 5.54 -1.49
N VAL A 77 8.47 4.95 -2.21
CA VAL A 77 7.42 4.16 -1.60
C VAL A 77 7.15 2.90 -2.41
N LEU A 78 6.97 1.79 -1.72
CA LEU A 78 6.69 0.51 -2.37
C LEU A 78 5.33 -0.01 -1.91
N MET A 79 4.59 -0.61 -2.83
CA MET A 79 3.27 -1.12 -2.50
C MET A 79 3.15 -2.60 -2.86
N ILE A 80 3.01 -3.46 -1.85
CA ILE A 80 2.88 -4.88 -2.06
C ILE A 80 1.60 -5.42 -1.42
N LEU A 81 0.90 -6.30 -2.11
CA LEU A 81 -0.33 -6.86 -1.59
C LEU A 81 -0.26 -8.38 -1.55
N ASN A 82 -0.86 -8.96 -0.51
CA ASN A 82 -0.92 -10.41 -0.39
C ASN A 82 -2.37 -10.83 -0.35
N SER A 83 -2.87 -11.35 -1.47
CA SER A 83 -4.27 -11.76 -1.54
C SER A 83 -4.49 -12.98 -2.43
N PRO A 84 -5.31 -13.95 -1.94
CA PRO A 84 -5.63 -15.19 -2.66
C PRO A 84 -6.44 -14.99 -3.94
N ASP A 85 -6.96 -13.79 -4.17
CA ASP A 85 -7.75 -13.54 -5.37
C ASP A 85 -7.41 -12.17 -5.95
N GLU A 86 -7.44 -12.04 -7.29
CA GLU A 86 -7.12 -10.75 -7.91
C GLU A 86 -8.06 -9.65 -7.43
N ASP A 87 -9.36 -9.94 -7.33
CA ASP A 87 -10.32 -8.94 -6.85
C ASP A 87 -9.76 -8.32 -5.58
N SER A 88 -9.44 -9.18 -4.62
CA SER A 88 -8.83 -8.75 -3.37
C SER A 88 -7.49 -8.09 -3.67
N LEU A 89 -6.65 -8.86 -4.34
CA LEU A 89 -5.31 -8.43 -4.77
C LEU A 89 -5.32 -6.98 -5.26
N ALA A 90 -6.10 -6.70 -6.30
CA ALA A 90 -6.17 -5.35 -6.83
C ALA A 90 -6.78 -4.41 -5.79
N HIS A 91 -7.72 -4.93 -5.01
CA HIS A 91 -8.36 -4.14 -3.97
C HIS A 91 -7.31 -3.55 -3.03
N MET A 92 -6.28 -4.34 -2.75
CA MET A 92 -5.19 -3.90 -1.88
C MET A 92 -4.22 -2.98 -2.62
N GLN A 93 -3.63 -3.47 -3.73
CA GLN A 93 -2.68 -2.67 -4.49
C GLN A 93 -3.29 -1.33 -4.96
N ASN A 94 -4.60 -1.30 -5.15
CA ASN A 94 -5.27 -0.07 -5.58
C ASN A 94 -5.52 0.86 -4.41
N VAL A 95 -6.04 0.31 -3.32
CA VAL A 95 -6.33 1.09 -2.11
C VAL A 95 -5.17 2.04 -1.78
N VAL A 96 -3.96 1.55 -1.94
CA VAL A 96 -2.77 2.35 -1.66
C VAL A 96 -2.58 3.44 -2.73
N ALA A 97 -2.68 3.05 -4.01
CA ALA A 97 -2.53 4.01 -5.09
C ALA A 97 -3.35 5.25 -4.82
N ASP A 98 -4.44 5.07 -4.08
CA ASP A 98 -5.32 6.17 -3.72
C ASP A 98 -4.67 7.03 -2.64
N HIS A 99 -4.07 6.38 -1.65
CA HIS A 99 -3.43 7.09 -0.54
C HIS A 99 -2.30 8.00 -1.05
N LEU A 100 -1.51 7.50 -2.00
CA LEU A 100 -0.41 8.27 -2.56
C LEU A 100 -0.94 9.48 -3.34
N GLN A 101 -2.14 9.34 -3.90
CA GLN A 101 -2.74 10.42 -4.70
C GLN A 101 -3.24 11.57 -3.82
N ARG A 102 -3.87 11.25 -2.70
CA ARG A 102 -4.38 12.28 -1.80
C ARG A 102 -3.26 13.21 -1.38
N MET A 103 -2.11 12.61 -1.12
CA MET A 103 -0.92 13.36 -0.70
C MET A 103 -0.14 13.91 -1.88
N ALA A 104 -0.46 13.46 -3.09
CA ALA A 104 0.24 13.93 -4.29
C ALA A 104 -0.72 14.20 -5.44
N ASN A 105 -0.76 15.46 -5.87
CA ASN A 105 -1.61 15.87 -6.98
C ASN A 105 -3.04 15.38 -6.81
N SER A 106 -3.88 15.64 -7.82
CA SER A 106 -5.28 15.22 -7.79
C SER A 106 -5.50 14.02 -8.70
N GLU A 107 -4.64 13.86 -9.69
CA GLU A 107 -4.75 12.75 -10.63
C GLU A 107 -4.72 11.42 -9.90
N SER A 108 -4.87 10.32 -10.63
CA SER A 108 -4.85 8.99 -10.03
C SER A 108 -3.44 8.43 -9.98
N LEU A 109 -2.62 9.02 -9.11
CA LEU A 109 -1.21 8.61 -8.91
C LEU A 109 -0.65 7.80 -10.06
N GLU A 110 0.27 8.38 -10.81
CA GLU A 110 0.89 7.64 -11.89
C GLU A 110 1.80 6.57 -11.28
N ILE A 111 1.29 5.35 -11.19
CA ILE A 111 2.03 4.26 -10.60
C ILE A 111 1.96 3.01 -11.48
N ALA A 112 3.10 2.40 -11.79
CA ALA A 112 3.07 1.19 -12.61
C ALA A 112 2.78 -0.02 -11.73
N TRP A 113 1.60 -0.59 -11.90
CA TRP A 113 1.20 -1.75 -11.12
C TRP A 113 1.46 -3.03 -11.91
N GLN A 114 2.04 -4.02 -11.23
CA GLN A 114 2.34 -5.29 -11.86
C GLN A 114 1.16 -6.25 -11.73
N PRO A 115 0.99 -7.16 -12.69
CA PRO A 115 -0.11 -8.13 -12.69
C PRO A 115 -0.29 -8.81 -11.35
N ALA A 116 0.84 -9.10 -10.69
CA ALA A 116 0.83 -9.77 -9.38
C ALA A 116 1.07 -11.27 -9.54
N GLU A 117 0.49 -11.84 -10.59
CA GLU A 117 0.64 -13.27 -10.86
C GLU A 117 1.03 -13.51 -12.32
N SER A 118 1.62 -14.67 -12.58
CA SER A 118 2.04 -15.02 -13.93
C SER A 118 1.42 -16.35 -14.36
N MET A 23 -2.60 -17.31 -3.36
CA MET A 23 -1.79 -16.17 -2.83
C MET A 23 -0.81 -15.65 -3.88
N PHE A 24 -1.25 -14.63 -4.60
CA PHE A 24 -0.42 -14.01 -5.64
C PHE A 24 0.19 -12.73 -5.08
N ARG A 25 1.13 -12.13 -5.81
CA ARG A 25 1.76 -10.91 -5.31
C ARG A 25 2.17 -9.95 -6.43
N SER A 26 1.68 -8.72 -6.34
CA SER A 26 1.98 -7.66 -7.29
C SER A 26 2.76 -6.56 -6.58
N THR A 27 3.42 -5.68 -7.34
CA THR A 27 4.18 -4.61 -6.70
C THR A 27 4.17 -3.33 -7.53
N SER A 28 3.78 -2.23 -6.88
CA SER A 28 3.74 -0.92 -7.54
C SER A 28 4.85 -0.01 -6.99
N HIS A 29 5.58 0.64 -7.90
CA HIS A 29 6.69 1.53 -7.50
C HIS A 29 6.41 2.97 -7.94
N VAL A 30 6.57 3.92 -7.01
CA VAL A 30 6.34 5.34 -7.31
C VAL A 30 7.39 6.22 -6.64
N ARG A 31 7.65 7.40 -7.20
CA ARG A 31 8.62 8.31 -6.59
C ARG A 31 7.89 9.39 -5.79
N THR A 32 7.94 9.27 -4.47
CA THR A 32 7.29 10.22 -3.57
C THR A 32 8.23 10.71 -2.47
N GLU A 33 7.95 11.88 -1.91
CA GLU A 33 8.77 12.42 -0.83
C GLU A 33 8.08 12.29 0.53
N SER A 34 8.88 12.05 1.59
CA SER A 34 8.34 11.91 2.95
C SER A 34 7.36 10.74 3.04
N ALA A 35 7.54 9.78 2.15
CA ALA A 35 6.68 8.59 2.11
C ALA A 35 6.52 7.90 3.45
N ALA A 36 7.65 7.57 4.09
CA ALA A 36 7.64 6.86 5.38
C ALA A 36 6.57 7.34 6.35
N ARG A 37 6.15 8.59 6.24
CA ARG A 37 5.13 9.14 7.14
C ARG A 37 3.72 8.74 6.73
N TYR A 38 3.47 8.73 5.43
CA TYR A 38 2.15 8.38 4.94
C TYR A 38 1.85 6.91 5.20
N VAL A 39 2.90 6.09 5.35
CA VAL A 39 2.71 4.67 5.65
C VAL A 39 2.43 4.49 7.14
N ASN A 40 3.20 5.19 7.97
CA ASN A 40 3.06 5.10 9.42
C ASN A 40 1.78 5.76 9.91
N ARG A 41 1.31 6.79 9.22
CA ARG A 41 0.12 7.50 9.62
C ARG A 41 -1.15 6.70 9.34
N LEU A 42 -1.05 5.71 8.46
CA LEU A 42 -2.21 4.88 8.11
C LEU A 42 -2.59 3.92 9.22
N CYS A 43 -1.60 3.25 9.80
CA CYS A 43 -1.87 2.29 10.86
C CYS A 43 -2.64 2.96 12.00
N LYS A 44 -2.34 4.23 12.23
CA LYS A 44 -3.02 5.00 13.26
C LYS A 44 -4.36 5.53 12.74
N HIS A 45 -4.48 5.61 11.41
CA HIS A 45 -5.68 6.13 10.77
C HIS A 45 -6.75 5.05 10.61
N TRP A 46 -6.44 4.00 9.84
CA TRP A 46 -7.40 2.93 9.60
C TRP A 46 -7.34 1.86 10.69
N GLY A 47 -6.33 1.92 11.55
CA GLY A 47 -6.20 0.94 12.61
C GLY A 47 -7.27 1.11 13.69
N HIS A 48 -8.52 0.93 13.31
CA HIS A 48 -9.63 1.06 14.24
C HIS A 48 -10.31 -0.28 14.47
N LYS A 49 -10.24 -1.16 13.48
CA LYS A 49 -10.86 -2.47 13.57
C LYS A 49 -10.06 -3.49 12.74
N PHE A 50 -8.80 -3.18 12.45
CA PHE A 50 -7.97 -4.08 11.68
C PHE A 50 -6.57 -4.20 12.27
N GLU A 51 -5.88 -5.28 11.93
CA GLU A 51 -4.53 -5.50 12.43
C GLU A 51 -3.54 -4.67 11.63
N VAL A 52 -3.17 -3.53 12.17
CA VAL A 52 -2.24 -2.63 11.49
C VAL A 52 -0.93 -2.46 12.26
N GLU A 53 0.17 -2.91 11.64
CA GLU A 53 1.49 -2.79 12.25
C GLU A 53 2.22 -1.57 11.68
N LEU A 54 3.12 -0.98 12.47
CA LEU A 54 3.85 0.21 12.03
C LEU A 54 5.35 0.08 12.24
N THR A 55 6.09 -0.02 11.15
CA THR A 55 7.54 -0.11 11.20
C THR A 55 8.12 1.03 10.37
N PRO A 56 9.31 1.53 10.71
CA PRO A 56 9.94 2.61 9.97
C PRO A 56 10.46 2.14 8.62
N GLU A 57 9.56 1.52 7.87
CA GLU A 57 9.89 0.98 6.56
C GLU A 57 8.62 0.72 5.75
N ARG A 58 7.56 0.31 6.44
CA ARG A 58 6.30 0.00 5.79
C ARG A 58 5.17 -0.20 6.79
N GLY A 59 3.96 -0.26 6.25
CA GLY A 59 2.79 -0.49 7.07
C GLY A 59 2.18 -1.84 6.74
N PHE A 60 1.60 -2.52 7.72
CA PHE A 60 1.02 -3.83 7.49
C PHE A 60 -0.43 -3.82 7.95
N ILE A 61 -1.33 -4.14 7.02
CA ILE A 61 -2.76 -4.17 7.33
C ILE A 61 -3.42 -5.41 6.73
N ASP A 62 -3.89 -6.32 7.58
CA ASP A 62 -4.55 -7.53 7.09
C ASP A 62 -6.06 -7.42 7.31
N PHE A 63 -6.79 -7.54 6.23
CA PHE A 63 -8.25 -7.46 6.27
C PHE A 63 -8.84 -8.81 6.64
N GLY A 64 -8.03 -9.85 6.51
CA GLY A 64 -8.46 -11.20 6.83
C GLY A 64 -7.82 -12.24 5.93
N ASP A 65 -8.43 -12.48 4.77
CA ASP A 65 -7.91 -13.45 3.82
C ASP A 65 -7.09 -12.73 2.74
N SER A 66 -6.05 -12.03 3.17
CA SER A 66 -5.17 -11.28 2.28
C SER A 66 -4.37 -10.26 3.10
N ASN A 67 -3.76 -9.29 2.46
CA ASN A 67 -2.98 -8.29 3.16
C ASN A 67 -2.64 -7.11 2.26
N CYS A 68 -2.15 -6.03 2.86
CA CYS A 68 -1.77 -4.85 2.11
C CYS A 68 -0.63 -4.14 2.82
N GLU A 69 0.58 -4.32 2.31
CA GLU A 69 1.77 -3.70 2.89
C GLU A 69 2.25 -2.56 2.02
N LEU A 70 2.91 -1.57 2.62
CA LEU A 70 3.40 -0.43 1.86
C LEU A 70 4.76 0.02 2.33
N LEU A 71 5.72 0.03 1.41
CA LEU A 71 7.06 0.49 1.72
C LEU A 71 7.16 1.98 1.46
N ALA A 72 7.68 2.73 2.42
CA ALA A 72 7.76 4.16 2.26
C ALA A 72 9.04 4.75 2.83
N HIS A 73 9.88 5.26 1.93
CA HIS A 73 11.12 5.90 2.31
C HIS A 73 11.03 7.39 2.00
N PRO A 74 11.93 8.20 2.54
CA PRO A 74 11.93 9.66 2.36
C PRO A 74 11.75 10.12 0.91
N ASP A 75 12.00 9.25 -0.07
CA ASP A 75 11.87 9.65 -1.46
C ASP A 75 11.25 8.57 -2.36
N HIS A 76 10.94 7.40 -1.81
CA HIS A 76 10.32 6.37 -2.64
C HIS A 76 9.29 5.55 -1.86
N VAL A 77 8.35 4.93 -2.57
CA VAL A 77 7.32 4.13 -1.93
C VAL A 77 7.03 2.88 -2.74
N LEU A 78 6.89 1.76 -2.03
CA LEU A 78 6.58 0.48 -2.65
C LEU A 78 5.23 -0.03 -2.16
N MET A 79 4.50 -0.71 -3.03
CA MET A 79 3.19 -1.22 -2.67
C MET A 79 3.07 -2.71 -2.99
N ILE A 80 2.94 -3.55 -1.96
CA ILE A 80 2.83 -4.98 -2.14
C ILE A 80 1.59 -5.52 -1.45
N LEU A 81 0.90 -6.45 -2.11
CA LEU A 81 -0.31 -7.05 -1.55
C LEU A 81 -0.20 -8.56 -1.49
N ASN A 82 -0.77 -9.15 -0.45
CA ASN A 82 -0.78 -10.60 -0.31
C ASN A 82 -2.23 -11.07 -0.29
N SER A 83 -2.69 -11.62 -1.41
CA SER A 83 -4.08 -12.06 -1.51
C SER A 83 -4.24 -13.36 -2.31
N PRO A 84 -5.13 -14.26 -1.86
CA PRO A 84 -5.38 -15.54 -2.53
C PRO A 84 -6.25 -15.40 -3.78
N ASP A 85 -6.74 -14.19 -4.05
CA ASP A 85 -7.57 -13.97 -5.22
C ASP A 85 -7.22 -12.64 -5.86
N GLU A 86 -7.30 -12.56 -7.19
CA GLU A 86 -6.97 -11.29 -7.86
C GLU A 86 -7.92 -10.18 -7.41
N ASP A 87 -9.23 -10.47 -7.33
CA ASP A 87 -10.18 -9.46 -6.86
C ASP A 87 -9.65 -8.82 -5.60
N SER A 88 -9.35 -9.67 -4.61
CA SER A 88 -8.77 -9.21 -3.36
C SER A 88 -7.45 -8.50 -3.67
N LEU A 89 -6.58 -9.24 -4.34
CA LEU A 89 -5.27 -8.77 -4.77
C LEU A 89 -5.32 -7.34 -5.28
N ALA A 90 -6.09 -7.10 -6.33
CA ALA A 90 -6.20 -5.75 -6.89
C ALA A 90 -6.83 -4.81 -5.88
N HIS A 91 -7.77 -5.35 -5.10
CA HIS A 91 -8.44 -4.55 -4.08
C HIS A 91 -7.41 -3.92 -3.15
N MET A 92 -6.38 -4.69 -2.84
CA MET A 92 -5.31 -4.23 -1.95
C MET A 92 -4.33 -3.30 -2.69
N GLN A 93 -3.72 -3.79 -3.78
CA GLN A 93 -2.77 -2.97 -4.54
C GLN A 93 -3.38 -1.64 -4.97
N ASN A 94 -4.68 -1.61 -5.17
CA ASN A 94 -5.36 -0.39 -5.58
C ASN A 94 -5.60 0.53 -4.39
N VAL A 95 -6.03 -0.06 -3.28
CA VAL A 95 -6.30 0.71 -2.05
C VAL A 95 -5.15 1.66 -1.75
N VAL A 96 -3.92 1.18 -1.91
CA VAL A 96 -2.73 2.00 -1.66
C VAL A 96 -2.60 3.09 -2.73
N ALA A 97 -2.74 2.70 -4.00
CA ALA A 97 -2.65 3.66 -5.09
C ALA A 97 -3.51 4.88 -4.80
N ASP A 98 -4.56 4.66 -4.00
CA ASP A 98 -5.47 5.73 -3.62
C ASP A 98 -4.85 6.61 -2.54
N HIS A 99 -4.17 5.97 -1.59
CA HIS A 99 -3.53 6.70 -0.49
C HIS A 99 -2.46 7.66 -1.00
N LEU A 100 -1.65 7.21 -1.96
CA LEU A 100 -0.60 8.06 -2.52
C LEU A 100 -1.21 9.29 -3.19
N GLN A 101 -2.46 9.16 -3.63
CA GLN A 101 -3.17 10.26 -4.27
C GLN A 101 -3.56 11.33 -3.26
N ARG A 102 -4.29 10.92 -2.23
CA ARG A 102 -4.74 11.84 -1.20
C ARG A 102 -3.57 12.63 -0.62
N MET A 103 -2.41 12.00 -0.51
CA MET A 103 -1.23 12.66 0.02
C MET A 103 -0.53 13.52 -1.03
N ALA A 104 -0.89 13.33 -2.29
CA ALA A 104 -0.30 14.09 -3.38
C ALA A 104 -1.36 14.54 -4.39
N ASN A 105 -1.79 15.80 -4.25
CA ASN A 105 -2.81 16.35 -5.14
C ASN A 105 -2.17 17.02 -6.36
N SER A 106 -2.43 16.46 -7.54
CA SER A 106 -1.88 17.01 -8.78
C SER A 106 -2.26 16.13 -9.98
N GLU A 107 -2.19 14.82 -9.78
CA GLU A 107 -2.52 13.87 -10.83
C GLU A 107 -2.99 12.54 -10.24
N SER A 108 -3.59 11.70 -11.07
CA SER A 108 -4.05 10.40 -10.60
C SER A 108 -2.87 9.47 -10.36
N LEU A 109 -2.10 9.77 -9.31
CA LEU A 109 -0.89 9.01 -8.93
C LEU A 109 -0.34 8.15 -10.06
N GLU A 110 0.77 8.58 -10.63
CA GLU A 110 1.40 7.79 -11.67
C GLU A 110 2.00 6.54 -11.01
N ILE A 111 1.27 5.43 -11.08
CA ILE A 111 1.74 4.20 -10.46
C ILE A 111 1.58 3.02 -11.42
N ALA A 112 2.65 2.25 -11.62
CA ALA A 112 2.54 1.09 -12.50
C ALA A 112 2.34 -0.16 -11.66
N TRP A 113 1.15 -0.73 -11.75
CA TRP A 113 0.82 -1.93 -11.01
C TRP A 113 1.11 -3.18 -11.84
N GLN A 114 1.75 -4.16 -11.22
CA GLN A 114 2.09 -5.39 -11.91
C GLN A 114 0.96 -6.41 -11.76
N PRO A 115 0.81 -7.32 -12.74
CA PRO A 115 -0.23 -8.34 -12.73
C PRO A 115 -0.35 -9.05 -11.39
N ALA A 116 0.80 -9.30 -10.75
CA ALA A 116 0.86 -10.00 -9.46
C ALA A 116 1.17 -11.48 -9.65
N GLU A 117 1.88 -11.79 -10.74
CA GLU A 117 2.24 -13.18 -11.04
C GLU A 117 3.12 -13.25 -12.28
N SER A 118 4.37 -12.83 -12.15
CA SER A 118 5.31 -12.85 -13.26
C SER A 118 6.75 -12.91 -12.75
N MET A 23 -2.67 -17.27 -3.41
CA MET A 23 -1.88 -16.12 -2.88
C MET A 23 -0.87 -15.63 -3.91
N PHE A 24 -1.29 -14.63 -4.67
CA PHE A 24 -0.44 -14.02 -5.70
C PHE A 24 0.16 -12.73 -5.16
N ARG A 25 1.10 -12.13 -5.88
CA ARG A 25 1.70 -10.90 -5.40
C ARG A 25 2.11 -9.94 -6.53
N SER A 26 1.65 -8.68 -6.41
CA SER A 26 1.94 -7.63 -7.37
C SER A 26 2.69 -6.52 -6.66
N THR A 27 3.33 -5.62 -7.41
CA THR A 27 4.05 -4.52 -6.77
C THR A 27 4.00 -3.23 -7.58
N SER A 28 3.69 -2.13 -6.89
CA SER A 28 3.63 -0.82 -7.52
C SER A 28 4.73 0.10 -6.96
N HIS A 29 5.48 0.74 -7.85
CA HIS A 29 6.56 1.63 -7.44
C HIS A 29 6.29 3.08 -7.85
N VAL A 30 6.44 4.02 -6.90
CA VAL A 30 6.18 5.43 -7.16
C VAL A 30 7.23 6.30 -6.48
N ARG A 31 7.48 7.50 -7.02
CA ARG A 31 8.46 8.39 -6.40
C ARG A 31 7.74 9.47 -5.59
N THR A 32 7.79 9.34 -4.26
CA THR A 32 7.14 10.28 -3.35
C THR A 32 8.11 10.75 -2.25
N GLU A 33 7.84 11.92 -1.67
CA GLU A 33 8.68 12.44 -0.60
C GLU A 33 8.02 12.29 0.78
N SER A 34 8.82 12.04 1.82
CA SER A 34 8.32 11.88 3.18
C SER A 34 7.32 10.73 3.26
N ALA A 35 7.47 9.77 2.37
CA ALA A 35 6.60 8.59 2.32
C ALA A 35 6.46 7.89 3.67
N ALA A 36 7.58 7.56 4.27
CA ALA A 36 7.61 6.83 5.55
C ALA A 36 6.55 7.31 6.55
N ARG A 37 6.12 8.56 6.45
CA ARG A 37 5.11 9.09 7.37
C ARG A 37 3.71 8.66 6.97
N TYR A 38 3.44 8.67 5.67
CA TYR A 38 2.12 8.27 5.20
C TYR A 38 1.89 6.79 5.49
N VAL A 39 2.97 6.02 5.64
CA VAL A 39 2.85 4.60 5.97
C VAL A 39 2.58 4.45 7.46
N ASN A 40 3.33 5.17 8.28
CA ASN A 40 3.17 5.12 9.72
C ASN A 40 1.83 5.72 10.16
N ARG A 41 1.32 6.67 9.38
CA ARG A 41 0.06 7.32 9.72
C ARG A 41 -1.15 6.45 9.38
N LEU A 42 -0.95 5.46 8.51
CA LEU A 42 -2.04 4.58 8.10
C LEU A 42 -2.50 3.67 9.23
N CYS A 43 -1.55 3.04 9.91
CA CYS A 43 -1.87 2.13 11.01
C CYS A 43 -2.74 2.85 12.04
N LYS A 44 -2.44 4.12 12.26
CA LYS A 44 -3.20 4.92 13.20
C LYS A 44 -4.48 5.45 12.55
N HIS A 45 -4.50 5.48 11.22
CA HIS A 45 -5.65 5.97 10.48
C HIS A 45 -6.72 4.88 10.28
N TRP A 46 -6.34 3.79 9.61
CA TRP A 46 -7.29 2.71 9.34
C TRP A 46 -7.31 1.68 10.47
N GLY A 47 -6.34 1.76 11.39
CA GLY A 47 -6.32 0.81 12.50
C GLY A 47 -7.45 1.00 13.48
N HIS A 48 -8.67 0.81 13.00
CA HIS A 48 -9.85 0.97 13.85
C HIS A 48 -10.50 -0.38 14.12
N LYS A 49 -10.38 -1.30 13.17
CA LYS A 49 -10.97 -2.63 13.31
C LYS A 49 -10.14 -3.68 12.58
N PHE A 50 -8.87 -3.34 12.32
CA PHE A 50 -7.98 -4.27 11.63
C PHE A 50 -6.59 -4.23 12.23
N GLU A 51 -5.84 -5.31 12.02
CA GLU A 51 -4.48 -5.40 12.55
C GLU A 51 -3.52 -4.59 11.68
N VAL A 52 -3.04 -3.48 12.23
CA VAL A 52 -2.12 -2.61 11.50
C VAL A 52 -0.78 -2.49 12.22
N GLU A 53 0.29 -2.95 11.57
CA GLU A 53 1.62 -2.86 12.15
C GLU A 53 2.30 -1.57 11.69
N LEU A 54 3.26 -1.09 12.48
CA LEU A 54 3.96 0.14 12.14
C LEU A 54 5.45 0.00 12.40
N THR A 55 6.23 -0.06 11.32
CA THR A 55 7.67 -0.17 11.41
C THR A 55 8.29 0.90 10.51
N PRO A 56 9.58 1.20 10.69
CA PRO A 56 10.26 2.20 9.86
C PRO A 56 10.60 1.66 8.49
N GLU A 57 9.61 1.03 7.86
CA GLU A 57 9.78 0.44 6.54
C GLU A 57 8.45 0.32 5.80
N ARG A 58 7.38 -0.07 6.49
CA ARG A 58 6.09 -0.21 5.85
C ARG A 58 4.95 -0.43 6.84
N GLY A 59 3.73 -0.35 6.32
CA GLY A 59 2.54 -0.56 7.12
C GLY A 59 1.86 -1.88 6.74
N PHE A 60 1.74 -2.81 7.68
CA PHE A 60 1.12 -4.11 7.40
C PHE A 60 -0.32 -4.12 7.89
N ILE A 61 -1.24 -4.39 6.97
CA ILE A 61 -2.67 -4.44 7.30
C ILE A 61 -3.29 -5.68 6.67
N ASP A 62 -3.54 -6.70 7.48
CA ASP A 62 -4.14 -7.93 6.98
C ASP A 62 -5.61 -8.04 7.36
N PHE A 63 -6.43 -8.33 6.37
CA PHE A 63 -7.87 -8.49 6.57
C PHE A 63 -8.23 -9.96 6.73
N GLY A 64 -7.22 -10.80 6.92
CA GLY A 64 -7.44 -12.23 7.07
C GLY A 64 -7.02 -12.98 5.82
N ASP A 65 -7.97 -13.26 4.95
CA ASP A 65 -7.67 -13.95 3.69
C ASP A 65 -7.28 -12.92 2.63
N SER A 66 -6.30 -12.10 2.99
CA SER A 66 -5.81 -11.02 2.13
C SER A 66 -4.97 -10.05 2.96
N ASN A 67 -4.09 -9.26 2.32
CA ASN A 67 -3.25 -8.33 3.06
C ASN A 67 -2.86 -7.14 2.18
N CYS A 68 -2.30 -6.09 2.79
CA CYS A 68 -1.89 -4.92 2.05
C CYS A 68 -0.75 -4.21 2.75
N GLU A 69 0.47 -4.40 2.24
CA GLU A 69 1.65 -3.78 2.82
C GLU A 69 2.02 -2.52 2.02
N LEU A 70 2.70 -1.58 2.67
CA LEU A 70 3.09 -0.34 2.00
C LEU A 70 4.47 0.11 2.45
N LEU A 71 5.43 0.08 1.52
CA LEU A 71 6.80 0.50 1.82
C LEU A 71 6.93 1.99 1.58
N ALA A 72 7.49 2.71 2.53
CA ALA A 72 7.62 4.15 2.39
C ALA A 72 8.91 4.70 2.96
N HIS A 73 9.75 5.22 2.06
CA HIS A 73 11.00 5.82 2.43
C HIS A 73 10.93 7.33 2.16
N PRO A 74 11.85 8.11 2.72
CA PRO A 74 11.88 9.58 2.57
C PRO A 74 11.68 10.08 1.14
N ASP A 75 11.91 9.22 0.14
CA ASP A 75 11.75 9.66 -1.25
C ASP A 75 11.14 8.60 -2.16
N HIS A 76 10.79 7.43 -1.63
CA HIS A 76 10.17 6.41 -2.47
C HIS A 76 9.15 5.59 -1.69
N VAL A 77 8.20 4.98 -2.40
CA VAL A 77 7.16 4.18 -1.78
C VAL A 77 6.87 2.94 -2.60
N LEU A 78 6.70 1.81 -1.92
CA LEU A 78 6.41 0.55 -2.58
C LEU A 78 5.07 0.01 -2.10
N MET A 79 4.33 -0.63 -2.99
CA MET A 79 3.03 -1.18 -2.64
C MET A 79 2.95 -2.66 -3.00
N ILE A 80 2.84 -3.51 -1.98
CA ILE A 80 2.76 -4.95 -2.18
C ILE A 80 1.52 -5.51 -1.51
N LEU A 81 0.83 -6.40 -2.21
CA LEU A 81 -0.38 -7.00 -1.66
C LEU A 81 -0.25 -8.51 -1.57
N ASN A 82 -0.86 -9.09 -0.56
CA ASN A 82 -0.86 -10.53 -0.39
C ASN A 82 -2.30 -11.00 -0.37
N SER A 83 -2.77 -11.56 -1.48
CA SER A 83 -4.17 -11.99 -1.56
C SER A 83 -4.35 -13.24 -2.42
N PRO A 84 -5.16 -14.20 -1.94
CA PRO A 84 -5.45 -15.47 -2.63
C PRO A 84 -6.28 -15.31 -3.91
N ASP A 85 -6.81 -14.13 -4.16
CA ASP A 85 -7.61 -13.91 -5.36
C ASP A 85 -7.28 -12.56 -5.99
N GLU A 86 -7.32 -12.48 -7.32
CA GLU A 86 -7.02 -11.20 -7.99
C GLU A 86 -7.98 -10.09 -7.53
N ASP A 87 -9.27 -10.39 -7.43
CA ASP A 87 -10.23 -9.40 -6.95
C ASP A 87 -9.69 -8.74 -5.69
N SER A 88 -9.35 -9.59 -4.72
CA SER A 88 -8.76 -9.12 -3.48
C SER A 88 -7.43 -8.44 -3.80
N LEU A 89 -6.58 -9.21 -4.46
CA LEU A 89 -5.25 -8.77 -4.90
C LEU A 89 -5.28 -7.33 -5.42
N ALA A 90 -6.06 -7.09 -6.46
CA ALA A 90 -6.16 -5.75 -7.03
C ALA A 90 -6.80 -4.79 -6.04
N HIS A 91 -7.78 -5.30 -5.30
CA HIS A 91 -8.48 -4.50 -4.30
C HIS A 91 -7.46 -3.90 -3.33
N MET A 92 -6.45 -4.69 -3.00
CA MET A 92 -5.40 -4.26 -2.08
C MET A 92 -4.38 -3.35 -2.78
N GLN A 93 -3.75 -3.83 -3.86
CA GLN A 93 -2.77 -3.02 -4.59
C GLN A 93 -3.35 -1.68 -5.03
N ASN A 94 -4.65 -1.63 -5.26
CA ASN A 94 -5.30 -0.38 -5.69
C ASN A 94 -5.60 0.52 -4.50
N VAL A 95 -6.14 -0.06 -3.42
CA VAL A 95 -6.46 0.70 -2.21
C VAL A 95 -5.35 1.67 -1.85
N VAL A 96 -4.11 1.21 -1.97
CA VAL A 96 -2.95 2.05 -1.67
C VAL A 96 -2.78 3.14 -2.72
N ALA A 97 -2.87 2.77 -4.00
CA ALA A 97 -2.73 3.74 -5.09
C ALA A 97 -3.59 4.97 -4.81
N ASP A 98 -4.66 4.76 -4.06
CA ASP A 98 -5.56 5.83 -3.70
C ASP A 98 -4.97 6.69 -2.58
N HIS A 99 -4.36 6.04 -1.60
CA HIS A 99 -3.75 6.74 -0.46
C HIS A 99 -2.67 7.70 -0.94
N LEU A 100 -1.84 7.26 -1.89
CA LEU A 100 -0.78 8.10 -2.42
C LEU A 100 -1.39 9.31 -3.15
N GLN A 101 -2.60 9.13 -3.66
CA GLN A 101 -3.29 10.21 -4.37
C GLN A 101 -3.80 11.28 -3.42
N ARG A 102 -4.40 10.86 -2.30
CA ARG A 102 -4.91 11.81 -1.32
C ARG A 102 -3.79 12.66 -0.75
N MET A 103 -2.61 12.06 -0.60
CA MET A 103 -1.46 12.78 -0.05
C MET A 103 -0.78 13.63 -1.12
N ALA A 104 -1.12 13.41 -2.39
CA ALA A 104 -0.53 14.16 -3.49
C ALA A 104 -1.57 14.45 -4.57
N ASN A 105 -1.93 15.72 -4.73
CA ASN A 105 -2.91 16.11 -5.74
C ASN A 105 -2.23 16.60 -7.01
N SER A 106 -3.03 17.17 -7.92
CA SER A 106 -2.53 17.70 -9.19
C SER A 106 -2.34 16.58 -10.23
N GLU A 107 -2.52 15.33 -9.80
CA GLU A 107 -2.37 14.20 -10.71
C GLU A 107 -2.87 12.91 -10.05
N SER A 108 -3.46 12.03 -10.85
CA SER A 108 -3.97 10.77 -10.33
C SER A 108 -2.82 9.78 -10.11
N LEU A 109 -2.01 10.06 -9.10
CA LEU A 109 -0.84 9.22 -8.74
C LEU A 109 -0.33 8.38 -9.89
N GLU A 110 0.80 8.78 -10.46
CA GLU A 110 1.40 8.00 -11.52
C GLU A 110 1.96 6.72 -10.90
N ILE A 111 1.20 5.64 -10.99
CA ILE A 111 1.62 4.38 -10.40
C ILE A 111 1.44 3.22 -11.39
N ALA A 112 2.50 2.42 -11.59
CA ALA A 112 2.38 1.29 -12.49
C ALA A 112 2.19 0.02 -11.67
N TRP A 113 1.00 -0.54 -11.75
CA TRP A 113 0.70 -1.76 -11.01
C TRP A 113 0.95 -3.00 -11.86
N GLN A 114 1.62 -3.98 -11.27
CA GLN A 114 1.92 -5.21 -11.97
C GLN A 114 0.79 -6.23 -11.79
N PRO A 115 0.55 -7.07 -12.81
CA PRO A 115 -0.51 -8.08 -12.77
C PRO A 115 -0.53 -8.87 -11.48
N ALA A 116 0.67 -9.14 -10.94
CA ALA A 116 0.83 -9.92 -9.71
C ALA A 116 1.23 -11.36 -10.04
N GLU A 117 1.01 -12.27 -9.10
CA GLU A 117 1.35 -13.67 -9.30
C GLU A 117 2.82 -13.83 -9.68
N SER A 118 3.65 -14.12 -8.69
CA SER A 118 5.09 -14.30 -8.93
C SER A 118 5.48 -15.77 -8.81
N MET A 23 -2.54 -17.21 -3.17
CA MET A 23 -1.96 -15.91 -2.73
C MET A 23 -0.94 -15.39 -3.73
N PHE A 24 -1.44 -14.58 -4.66
CA PHE A 24 -0.60 -13.98 -5.69
C PHE A 24 0.06 -12.73 -5.13
N ARG A 25 1.00 -12.13 -5.85
CA ARG A 25 1.66 -10.93 -5.34
C ARG A 25 2.08 -9.95 -6.44
N SER A 26 1.62 -8.71 -6.31
CA SER A 26 1.93 -7.64 -7.25
C SER A 26 2.72 -6.55 -6.52
N THR A 27 3.38 -5.67 -7.26
CA THR A 27 4.15 -4.62 -6.62
C THR A 27 4.14 -3.32 -7.42
N SER A 28 3.76 -2.23 -6.76
CA SER A 28 3.72 -0.92 -7.39
C SER A 28 4.85 -0.02 -6.87
N HIS A 29 5.58 0.61 -7.79
CA HIS A 29 6.70 1.49 -7.41
C HIS A 29 6.42 2.93 -7.85
N VAL A 30 6.56 3.88 -6.91
CA VAL A 30 6.33 5.29 -7.21
C VAL A 30 7.36 6.17 -6.53
N ARG A 31 7.63 7.35 -7.10
CA ARG A 31 8.60 8.26 -6.49
C ARG A 31 7.88 9.35 -5.70
N THR A 32 7.93 9.25 -4.38
CA THR A 32 7.29 10.21 -3.49
C THR A 32 8.25 10.70 -2.40
N GLU A 33 7.98 11.88 -1.84
CA GLU A 33 8.82 12.43 -0.78
C GLU A 33 8.15 12.31 0.59
N SER A 34 8.96 12.09 1.64
CA SER A 34 8.44 11.94 3.01
C SER A 34 7.45 10.80 3.12
N ALA A 35 7.60 9.82 2.24
CA ALA A 35 6.72 8.65 2.21
C ALA A 35 6.59 7.97 3.57
N ALA A 36 7.71 7.66 4.18
CA ALA A 36 7.74 6.94 5.47
C ALA A 36 6.69 7.44 6.48
N ARG A 37 6.27 8.69 6.36
CA ARG A 37 5.26 9.24 7.28
C ARG A 37 3.86 8.82 6.88
N TYR A 38 3.59 8.82 5.59
CA TYR A 38 2.26 8.44 5.13
C TYR A 38 2.01 6.97 5.43
N VAL A 39 3.10 6.19 5.58
CA VAL A 39 2.96 4.77 5.92
C VAL A 39 2.67 4.62 7.41
N ASN A 40 3.44 5.33 8.23
CA ASN A 40 3.25 5.27 9.67
C ASN A 40 1.92 5.90 10.10
N ARG A 41 1.44 6.86 9.30
CA ARG A 41 0.20 7.55 9.63
C ARG A 41 -1.02 6.69 9.29
N LEU A 42 -0.85 5.68 8.45
CA LEU A 42 -1.95 4.80 8.06
C LEU A 42 -2.39 3.89 9.19
N CYS A 43 -1.43 3.26 9.86
CA CYS A 43 -1.75 2.36 10.96
C CYS A 43 -2.59 3.08 12.00
N LYS A 44 -2.34 4.37 12.16
CA LYS A 44 -3.10 5.19 13.10
C LYS A 44 -4.39 5.68 12.47
N HIS A 45 -4.44 5.68 11.13
CA HIS A 45 -5.61 6.14 10.40
C HIS A 45 -6.66 5.04 10.22
N TRP A 46 -6.29 3.94 9.56
CA TRP A 46 -7.23 2.86 9.33
C TRP A 46 -7.23 1.85 10.47
N GLY A 47 -6.25 1.95 11.38
CA GLY A 47 -6.19 1.02 12.50
C GLY A 47 -7.30 1.25 13.50
N HIS A 48 -8.54 1.06 13.06
CA HIS A 48 -9.70 1.25 13.91
C HIS A 48 -10.36 -0.09 14.22
N LYS A 49 -10.27 -1.02 13.28
CA LYS A 49 -10.86 -2.33 13.45
C LYS A 49 -10.06 -3.38 12.67
N PHE A 50 -8.80 -3.08 12.41
CA PHE A 50 -7.94 -4.00 11.68
C PHE A 50 -6.55 -4.04 12.28
N GLU A 51 -5.81 -5.09 11.97
CA GLU A 51 -4.47 -5.25 12.49
C GLU A 51 -3.47 -4.45 11.66
N VAL A 52 -3.02 -3.32 12.19
CA VAL A 52 -2.07 -2.47 11.48
C VAL A 52 -0.74 -2.36 12.23
N GLU A 53 0.32 -2.88 11.61
CA GLU A 53 1.65 -2.82 12.21
C GLU A 53 2.40 -1.60 11.69
N LEU A 54 3.15 -0.95 12.57
CA LEU A 54 3.90 0.24 12.19
C LEU A 54 5.39 0.07 12.47
N THR A 55 6.16 -0.07 11.40
CA THR A 55 7.60 -0.20 11.50
C THR A 55 8.26 0.86 10.63
N PRO A 56 9.56 1.11 10.80
CA PRO A 56 10.25 2.11 10.00
C PRO A 56 10.61 1.59 8.62
N GLU A 57 9.62 1.00 7.97
CA GLU A 57 9.80 0.44 6.64
C GLU A 57 8.50 0.38 5.86
N ARG A 58 7.40 0.01 6.53
CA ARG A 58 6.11 -0.08 5.86
C ARG A 58 4.96 -0.30 6.84
N GLY A 59 3.74 -0.16 6.30
CA GLY A 59 2.55 -0.37 7.09
C GLY A 59 1.88 -1.68 6.72
N PHE A 60 1.75 -2.62 7.66
CA PHE A 60 1.16 -3.92 7.38
C PHE A 60 -0.29 -3.94 7.86
N ILE A 61 -1.20 -4.26 6.95
CA ILE A 61 -2.62 -4.32 7.28
C ILE A 61 -3.25 -5.54 6.64
N ASP A 62 -3.50 -6.59 7.44
CA ASP A 62 -4.10 -7.80 6.92
C ASP A 62 -5.58 -7.88 7.26
N PHE A 63 -6.40 -7.94 6.23
CA PHE A 63 -7.85 -8.04 6.38
C PHE A 63 -8.25 -9.46 6.76
N GLY A 64 -7.28 -10.36 6.68
CA GLY A 64 -7.51 -11.76 7.00
C GLY A 64 -7.16 -12.68 5.84
N ASP A 65 -8.03 -12.72 4.83
CA ASP A 65 -7.80 -13.55 3.66
C ASP A 65 -7.14 -12.72 2.55
N SER A 66 -6.06 -12.03 2.93
CA SER A 66 -5.31 -11.17 2.02
C SER A 66 -4.34 -10.30 2.82
N ASN A 67 -3.70 -9.32 2.17
CA ASN A 67 -2.76 -8.45 2.87
C ASN A 67 -2.51 -7.17 2.07
N CYS A 68 -2.01 -6.14 2.72
CA CYS A 68 -1.71 -4.89 2.05
C CYS A 68 -0.59 -4.15 2.79
N GLU A 69 0.61 -4.24 2.24
CA GLU A 69 1.77 -3.60 2.84
C GLU A 69 2.14 -2.35 2.06
N LEU A 70 2.79 -1.40 2.71
CA LEU A 70 3.18 -0.16 2.05
C LEU A 70 4.57 0.29 2.49
N LEU A 71 5.54 0.15 1.58
CA LEU A 71 6.91 0.57 1.89
C LEU A 71 7.05 2.04 1.60
N ALA A 72 7.61 2.78 2.55
CA ALA A 72 7.75 4.21 2.37
C ALA A 72 9.05 4.77 2.93
N HIS A 73 9.88 5.28 2.02
CA HIS A 73 11.14 5.88 2.38
C HIS A 73 11.06 7.38 2.07
N PRO A 74 11.99 8.17 2.61
CA PRO A 74 12.02 9.63 2.43
C PRO A 74 11.82 10.10 1.00
N ASP A 75 12.03 9.22 0.01
CA ASP A 75 11.87 9.63 -1.38
C ASP A 75 11.26 8.54 -2.27
N HIS A 76 10.91 7.39 -1.70
CA HIS A 76 10.29 6.35 -2.51
C HIS A 76 9.25 5.55 -1.72
N VAL A 77 8.31 4.92 -2.43
CA VAL A 77 7.26 4.13 -1.79
C VAL A 77 6.96 2.87 -2.59
N LEU A 78 6.79 1.77 -1.88
CA LEU A 78 6.49 0.48 -2.51
C LEU A 78 5.15 -0.06 -2.01
N MET A 79 4.43 -0.75 -2.88
CA MET A 79 3.13 -1.29 -2.53
C MET A 79 3.04 -2.77 -2.88
N ILE A 80 2.92 -3.63 -1.85
CA ILE A 80 2.83 -5.06 -2.06
C ILE A 80 1.59 -5.63 -1.39
N LEU A 81 0.89 -6.53 -2.08
CA LEU A 81 -0.31 -7.15 -1.54
C LEU A 81 -0.20 -8.67 -1.55
N ASN A 82 -0.77 -9.29 -0.53
CA ASN A 82 -0.80 -10.75 -0.46
C ASN A 82 -2.25 -11.19 -0.42
N SER A 83 -2.75 -11.66 -1.55
CA SER A 83 -4.16 -12.06 -1.62
C SER A 83 -4.37 -13.34 -2.44
N PRO A 84 -5.19 -14.27 -1.90
CA PRO A 84 -5.51 -15.55 -2.57
C PRO A 84 -6.32 -15.38 -3.85
N ASP A 85 -6.79 -14.18 -4.13
CA ASP A 85 -7.56 -13.96 -5.35
C ASP A 85 -7.33 -12.54 -5.90
N GLU A 86 -7.46 -12.37 -7.21
CA GLU A 86 -7.22 -11.04 -7.81
C GLU A 86 -8.15 -9.99 -7.24
N ASP A 87 -9.43 -10.31 -7.07
CA ASP A 87 -10.38 -9.34 -6.51
C ASP A 87 -9.76 -8.71 -5.27
N SER A 88 -9.35 -9.57 -4.35
CA SER A 88 -8.69 -9.14 -3.13
C SER A 88 -7.39 -8.44 -3.51
N LEU A 89 -6.56 -9.18 -4.24
CA LEU A 89 -5.27 -8.72 -4.75
C LEU A 89 -5.34 -7.28 -5.24
N ALA A 90 -6.18 -7.02 -6.22
CA ALA A 90 -6.32 -5.67 -6.76
C ALA A 90 -6.89 -4.73 -5.71
N HIS A 91 -7.81 -5.26 -4.90
CA HIS A 91 -8.43 -4.47 -3.84
C HIS A 91 -7.35 -3.83 -2.97
N MET A 92 -6.30 -4.61 -2.70
CA MET A 92 -5.19 -4.13 -1.88
C MET A 92 -4.27 -3.20 -2.66
N GLN A 93 -3.71 -3.69 -3.78
CA GLN A 93 -2.81 -2.87 -4.59
C GLN A 93 -3.45 -1.56 -5.05
N ASN A 94 -4.77 -1.58 -5.21
CA ASN A 94 -5.48 -0.38 -5.66
C ASN A 94 -5.75 0.57 -4.49
N VAL A 95 -6.25 0.01 -3.39
CA VAL A 95 -6.54 0.80 -2.19
C VAL A 95 -5.38 1.74 -1.84
N VAL A 96 -4.16 1.23 -1.97
CA VAL A 96 -2.98 2.03 -1.67
C VAL A 96 -2.78 3.12 -2.72
N ALA A 97 -2.88 2.76 -4.01
CA ALA A 97 -2.72 3.72 -5.09
C ALA A 97 -3.53 4.97 -4.80
N ASP A 98 -4.61 4.79 -4.04
CA ASP A 98 -5.49 5.89 -3.68
C ASP A 98 -4.86 6.72 -2.55
N HIS A 99 -4.26 6.04 -1.57
CA HIS A 99 -3.64 6.72 -0.44
C HIS A 99 -2.53 7.66 -0.91
N LEU A 100 -1.72 7.22 -1.87
CA LEU A 100 -0.65 8.03 -2.41
C LEU A 100 -1.24 9.26 -3.10
N GLN A 101 -2.46 9.12 -3.61
CA GLN A 101 -3.12 10.22 -4.31
C GLN A 101 -3.62 11.28 -3.33
N ARG A 102 -4.20 10.85 -2.21
CA ARG A 102 -4.72 11.77 -1.21
C ARG A 102 -3.58 12.64 -0.66
N MET A 103 -2.40 12.05 -0.52
CA MET A 103 -1.25 12.78 0.01
C MET A 103 -0.57 13.62 -1.07
N ALA A 104 -0.88 13.35 -2.32
CA ALA A 104 -0.28 14.09 -3.44
C ALA A 104 -1.36 14.55 -4.42
N ASN A 105 -1.76 15.81 -4.31
CA ASN A 105 -2.78 16.38 -5.18
C ASN A 105 -2.16 16.99 -6.43
N SER A 106 -2.44 16.39 -7.59
CA SER A 106 -1.91 16.88 -8.86
C SER A 106 -2.35 15.98 -10.00
N GLU A 107 -2.39 14.68 -9.75
CA GLU A 107 -2.79 13.70 -10.76
C GLU A 107 -3.18 12.39 -10.10
N SER A 108 -3.81 11.50 -10.86
CA SER A 108 -4.22 10.21 -10.33
C SER A 108 -2.99 9.32 -10.14
N LEU A 109 -2.18 9.68 -9.13
CA LEU A 109 -0.94 8.97 -8.78
C LEU A 109 -0.40 8.12 -9.92
N GLU A 110 0.69 8.58 -10.53
CA GLU A 110 1.31 7.79 -11.58
C GLU A 110 1.96 6.57 -10.93
N ILE A 111 1.27 5.44 -10.97
CA ILE A 111 1.78 4.23 -10.37
C ILE A 111 1.62 3.04 -11.32
N ALA A 112 2.70 2.29 -11.56
CA ALA A 112 2.60 1.13 -12.43
C ALA A 112 2.37 -0.12 -11.59
N TRP A 113 1.17 -0.68 -11.70
CA TRP A 113 0.82 -1.88 -10.97
C TRP A 113 1.09 -3.12 -11.80
N GLN A 114 1.73 -4.11 -11.18
CA GLN A 114 2.04 -5.36 -11.87
C GLN A 114 0.90 -6.35 -11.72
N PRO A 115 0.74 -7.26 -12.71
CA PRO A 115 -0.32 -8.27 -12.69
C PRO A 115 -0.45 -8.97 -11.35
N ALA A 116 0.69 -9.24 -10.71
CA ALA A 116 0.73 -9.92 -9.42
C ALA A 116 1.00 -11.41 -9.60
N GLU A 117 1.86 -11.74 -10.55
CA GLU A 117 2.21 -13.13 -10.82
C GLU A 117 3.72 -13.32 -10.88
N SER A 118 4.40 -12.42 -11.58
CA SER A 118 5.85 -12.48 -11.71
C SER A 118 6.28 -13.78 -12.39
N MET A 23 -2.60 -17.19 -3.44
CA MET A 23 -1.82 -16.03 -2.93
C MET A 23 -0.83 -15.51 -3.97
N PHE A 24 -1.28 -14.52 -4.72
CA PHE A 24 -0.46 -13.88 -5.75
C PHE A 24 0.16 -12.62 -5.20
N ARG A 25 1.09 -12.00 -5.92
CA ARG A 25 1.71 -10.78 -5.41
C ARG A 25 2.12 -9.80 -6.52
N SER A 26 1.62 -8.57 -6.41
CA SER A 26 1.93 -7.50 -7.36
C SER A 26 2.70 -6.41 -6.63
N THR A 27 3.37 -5.53 -7.36
CA THR A 27 4.12 -4.46 -6.72
C THR A 27 4.12 -3.17 -7.53
N SER A 28 3.71 -2.08 -6.88
CA SER A 28 3.68 -0.77 -7.53
C SER A 28 4.79 0.13 -6.99
N HIS A 29 5.52 0.79 -7.89
CA HIS A 29 6.62 1.68 -7.49
C HIS A 29 6.35 3.12 -7.91
N VAL A 30 6.53 4.07 -6.98
CA VAL A 30 6.30 5.48 -7.26
C VAL A 30 7.36 6.35 -6.59
N ARG A 31 7.62 7.53 -7.15
CA ARG A 31 8.60 8.44 -6.54
C ARG A 31 7.89 9.52 -5.73
N THR A 32 7.95 9.38 -4.40
CA THR A 32 7.30 10.34 -3.49
C THR A 32 8.26 10.79 -2.39
N GLU A 33 8.00 11.96 -1.81
CA GLU A 33 8.84 12.47 -0.72
C GLU A 33 8.15 12.33 0.64
N SER A 34 8.94 12.13 1.71
CA SER A 34 8.41 11.99 3.06
C SER A 34 7.40 10.84 3.13
N ALA A 35 7.58 9.87 2.25
CA ALA A 35 6.70 8.70 2.18
C ALA A 35 6.53 7.99 3.53
N ALA A 36 7.64 7.71 4.18
CA ALA A 36 7.63 6.98 5.46
C ALA A 36 6.53 7.43 6.42
N ARG A 37 6.08 8.67 6.29
CA ARG A 37 5.04 9.20 7.17
C ARG A 37 3.63 8.77 6.74
N TYR A 38 3.41 8.71 5.44
CA TYR A 38 2.10 8.34 4.93
C TYR A 38 1.80 6.87 5.23
N VAL A 39 2.85 6.07 5.43
CA VAL A 39 2.66 4.65 5.75
C VAL A 39 2.37 4.50 7.24
N ASN A 40 3.15 5.20 8.06
CA ASN A 40 3.00 5.12 9.51
C ASN A 40 1.71 5.80 9.99
N ARG A 41 1.25 6.81 9.27
CA ARG A 41 0.04 7.53 9.65
C ARG A 41 -1.21 6.72 9.40
N LEU A 42 -1.11 5.70 8.56
CA LEU A 42 -2.26 4.85 8.24
C LEU A 42 -2.62 3.91 9.39
N CYS A 43 -1.61 3.27 9.97
CA CYS A 43 -1.85 2.35 11.07
C CYS A 43 -2.62 3.05 12.18
N LYS A 44 -2.35 4.33 12.35
CA LYS A 44 -3.03 5.13 13.36
C LYS A 44 -4.38 5.65 12.83
N HIS A 45 -4.51 5.68 11.51
CA HIS A 45 -5.71 6.16 10.86
C HIS A 45 -6.77 5.07 10.72
N TRP A 46 -6.43 3.99 10.02
CA TRP A 46 -7.36 2.89 9.81
C TRP A 46 -7.24 1.83 10.89
N GLY A 47 -6.21 1.92 11.74
CA GLY A 47 -6.04 0.94 12.79
C GLY A 47 -7.08 1.06 13.89
N HIS A 48 -8.34 0.93 13.52
CA HIS A 48 -9.43 1.02 14.49
C HIS A 48 -10.11 -0.34 14.64
N LYS A 49 -10.04 -1.15 13.59
CA LYS A 49 -10.64 -2.48 13.60
C LYS A 49 -9.88 -3.42 12.66
N PHE A 50 -8.58 -3.13 12.49
CA PHE A 50 -7.75 -3.94 11.62
C PHE A 50 -6.36 -4.14 12.22
N GLU A 51 -5.77 -5.30 11.95
CA GLU A 51 -4.44 -5.58 12.45
C GLU A 51 -3.42 -4.78 11.67
N VAL A 52 -3.15 -3.56 12.12
CA VAL A 52 -2.21 -2.69 11.43
C VAL A 52 -0.90 -2.52 12.19
N GLU A 53 0.20 -2.93 11.57
CA GLU A 53 1.52 -2.82 12.18
C GLU A 53 2.24 -1.58 11.64
N LEU A 54 3.15 -1.02 12.44
CA LEU A 54 3.88 0.18 12.03
C LEU A 54 5.38 0.03 12.26
N THR A 55 6.12 -0.08 11.16
CA THR A 55 7.56 -0.19 11.22
C THR A 55 8.17 0.93 10.39
N PRO A 56 9.39 1.38 10.73
CA PRO A 56 10.04 2.45 9.99
C PRO A 56 10.52 1.97 8.63
N GLU A 57 9.58 1.43 7.86
CA GLU A 57 9.86 0.91 6.54
C GLU A 57 8.57 0.67 5.76
N ARG A 58 7.52 0.24 6.45
CA ARG A 58 6.25 -0.03 5.81
C ARG A 58 5.13 -0.26 6.81
N GLY A 59 3.92 -0.31 6.29
CA GLY A 59 2.75 -0.55 7.10
C GLY A 59 2.15 -1.90 6.75
N PHE A 60 1.50 -2.55 7.70
CA PHE A 60 0.91 -3.85 7.46
C PHE A 60 -0.55 -3.86 7.86
N ILE A 61 -1.44 -3.97 6.88
CA ILE A 61 -2.87 -3.99 7.15
C ILE A 61 -3.49 -5.22 6.49
N ASP A 62 -3.79 -6.25 7.27
CA ASP A 62 -4.37 -7.46 6.72
C ASP A 62 -5.78 -7.70 7.22
N PHE A 63 -6.65 -8.08 6.28
CA PHE A 63 -8.05 -8.38 6.58
C PHE A 63 -8.21 -9.85 6.95
N GLY A 64 -7.08 -10.55 7.02
CA GLY A 64 -7.10 -11.96 7.34
C GLY A 64 -6.75 -12.80 6.13
N ASP A 65 -7.74 -13.03 5.26
CA ASP A 65 -7.53 -13.79 4.03
C ASP A 65 -7.16 -12.84 2.90
N SER A 66 -6.20 -11.97 3.20
CA SER A 66 -5.72 -10.94 2.28
C SER A 66 -4.93 -9.90 3.06
N ASN A 67 -4.04 -9.15 2.41
CA ASN A 67 -3.24 -8.16 3.14
C ASN A 67 -2.80 -7.02 2.23
N CYS A 68 -2.30 -5.95 2.83
CA CYS A 68 -1.84 -4.80 2.06
C CYS A 68 -0.69 -4.09 2.78
N GLU A 69 0.53 -4.32 2.30
CA GLU A 69 1.71 -3.72 2.89
C GLU A 69 2.19 -2.55 2.03
N LEU A 70 2.85 -1.57 2.65
CA LEU A 70 3.34 -0.42 1.90
C LEU A 70 4.71 0.04 2.37
N LEU A 71 5.65 0.09 1.44
CA LEU A 71 7.01 0.53 1.75
C LEU A 71 7.09 2.04 1.55
N ALA A 72 7.63 2.75 2.53
CA ALA A 72 7.70 4.19 2.44
C ALA A 72 9.02 4.76 2.96
N HIS A 73 9.82 5.27 2.03
CA HIS A 73 11.09 5.89 2.36
C HIS A 73 11.00 7.40 2.06
N PRO A 74 11.93 8.19 2.62
CA PRO A 74 11.96 9.65 2.45
C PRO A 74 11.77 10.13 1.01
N ASP A 75 12.02 9.27 0.02
CA ASP A 75 11.89 9.70 -1.37
C ASP A 75 11.28 8.63 -2.28
N HIS A 76 10.91 7.48 -1.74
CA HIS A 76 10.29 6.46 -2.56
C HIS A 76 9.26 5.65 -1.78
N VAL A 77 8.31 5.03 -2.50
CA VAL A 77 7.28 4.24 -1.86
C VAL A 77 6.97 2.99 -2.67
N LEU A 78 6.81 1.87 -1.98
CA LEU A 78 6.51 0.60 -2.62
C LEU A 78 5.16 0.08 -2.12
N MET A 79 4.41 -0.57 -3.00
CA MET A 79 3.10 -1.09 -2.65
C MET A 79 2.99 -2.57 -2.99
N ILE A 80 2.86 -3.42 -1.96
CA ILE A 80 2.75 -4.85 -2.16
C ILE A 80 1.50 -5.41 -1.49
N LEU A 81 0.81 -6.29 -2.18
CA LEU A 81 -0.40 -6.90 -1.63
C LEU A 81 -0.26 -8.41 -1.55
N ASN A 82 -0.84 -9.00 -0.52
CA ASN A 82 -0.83 -10.44 -0.36
C ASN A 82 -2.28 -10.93 -0.30
N SER A 83 -2.75 -11.49 -1.40
CA SER A 83 -4.15 -11.95 -1.46
C SER A 83 -4.34 -13.17 -2.37
N PRO A 84 -5.12 -14.16 -1.89
CA PRO A 84 -5.40 -15.41 -2.62
C PRO A 84 -6.26 -15.22 -3.87
N ASP A 85 -6.83 -14.03 -4.07
CA ASP A 85 -7.66 -13.79 -5.23
C ASP A 85 -7.36 -12.42 -5.84
N GLU A 86 -7.44 -12.30 -7.16
CA GLU A 86 -7.17 -11.00 -7.80
C GLU A 86 -8.11 -9.92 -7.27
N ASP A 87 -9.41 -10.23 -7.13
CA ASP A 87 -10.36 -9.24 -6.61
C ASP A 87 -9.78 -8.63 -5.35
N SER A 88 -9.40 -9.49 -4.41
CA SER A 88 -8.77 -9.06 -3.18
C SER A 88 -7.45 -8.37 -3.53
N LEU A 89 -6.62 -9.11 -4.23
CA LEU A 89 -5.31 -8.66 -4.70
C LEU A 89 -5.36 -7.21 -5.20
N ALA A 90 -6.17 -6.95 -6.21
CA ALA A 90 -6.29 -5.61 -6.76
C ALA A 90 -6.91 -4.67 -5.74
N HIS A 91 -7.87 -5.19 -4.97
CA HIS A 91 -8.52 -4.39 -3.94
C HIS A 91 -7.49 -3.79 -3.00
N MET A 92 -6.44 -4.57 -2.74
CA MET A 92 -5.35 -4.14 -1.86
C MET A 92 -4.36 -3.22 -2.59
N GLN A 93 -3.76 -3.71 -3.69
CA GLN A 93 -2.80 -2.90 -4.45
C GLN A 93 -3.39 -1.55 -4.86
N ASN A 94 -4.71 -1.49 -5.01
CA ASN A 94 -5.38 -0.25 -5.40
C ASN A 94 -5.59 0.65 -4.18
N VAL A 95 -6.04 0.07 -3.08
CA VAL A 95 -6.30 0.81 -1.86
C VAL A 95 -5.15 1.78 -1.56
N VAL A 96 -3.92 1.30 -1.73
CA VAL A 96 -2.74 2.14 -1.50
C VAL A 96 -2.60 3.20 -2.60
N ALA A 97 -2.74 2.79 -3.86
CA ALA A 97 -2.63 3.72 -4.98
C ALA A 97 -3.49 4.95 -4.72
N ASP A 98 -4.54 4.76 -3.93
CA ASP A 98 -5.44 5.85 -3.59
C ASP A 98 -4.82 6.75 -2.51
N HIS A 99 -4.19 6.12 -1.51
CA HIS A 99 -3.56 6.87 -0.42
C HIS A 99 -2.50 7.83 -0.96
N LEU A 100 -1.70 7.37 -1.91
CA LEU A 100 -0.66 8.21 -2.51
C LEU A 100 -1.30 9.36 -3.29
N GLN A 101 -2.54 9.16 -3.74
CA GLN A 101 -3.25 10.18 -4.50
C GLN A 101 -3.73 11.33 -3.62
N ARG A 102 -4.27 11.02 -2.44
CA ARG A 102 -4.77 12.07 -1.55
C ARG A 102 -3.62 12.91 -1.02
N MET A 103 -2.43 12.31 -0.92
CA MET A 103 -1.26 13.03 -0.42
C MET A 103 -0.59 13.84 -1.54
N ALA A 104 -0.93 13.54 -2.79
CA ALA A 104 -0.36 14.25 -3.93
C ALA A 104 -1.39 14.44 -5.03
N ASN A 105 -1.82 15.68 -5.22
CA ASN A 105 -2.82 16.00 -6.24
C ASN A 105 -2.16 16.37 -7.56
N SER A 106 -2.94 16.94 -8.48
CA SER A 106 -2.46 17.34 -9.80
C SER A 106 -2.46 16.18 -10.79
N GLU A 107 -2.60 14.96 -10.29
CA GLU A 107 -2.62 13.77 -11.14
C GLU A 107 -3.03 12.54 -10.35
N SER A 108 -3.71 11.61 -11.01
CA SER A 108 -4.15 10.38 -10.36
C SER A 108 -2.96 9.44 -10.13
N LEU A 109 -2.10 9.83 -9.19
CA LEU A 109 -0.90 9.06 -8.83
C LEU A 109 -0.36 8.22 -9.98
N GLU A 110 0.74 8.65 -10.55
CA GLU A 110 1.36 7.87 -11.62
C GLU A 110 1.98 6.63 -10.98
N ILE A 111 1.27 5.52 -11.03
CA ILE A 111 1.76 4.28 -10.43
C ILE A 111 1.67 3.11 -11.42
N ALA A 112 2.77 2.37 -11.59
CA ALA A 112 2.73 1.24 -12.50
C ALA A 112 2.46 -0.03 -11.69
N TRP A 113 1.28 -0.59 -11.88
CA TRP A 113 0.89 -1.79 -11.16
C TRP A 113 1.19 -3.05 -11.97
N GLN A 114 1.80 -4.03 -11.32
CA GLN A 114 2.15 -5.29 -11.96
C GLN A 114 0.99 -6.28 -11.85
N PRO A 115 0.89 -7.22 -12.80
CA PRO A 115 -0.18 -8.23 -12.81
C PRO A 115 -0.36 -8.90 -11.46
N ALA A 116 0.76 -9.17 -10.79
CA ALA A 116 0.77 -9.84 -9.48
C ALA A 116 1.01 -11.34 -9.63
N GLU A 117 1.94 -11.69 -10.52
CA GLU A 117 2.27 -13.09 -10.76
C GLU A 117 3.79 -13.30 -10.73
N SER A 118 4.21 -14.38 -10.07
CA SER A 118 5.63 -14.70 -9.97
C SER A 118 5.85 -16.21 -9.96
N MET A 23 -2.65 -17.24 -3.42
CA MET A 23 -1.85 -16.11 -2.88
C MET A 23 -0.84 -15.59 -3.91
N PHE A 24 -1.29 -14.59 -4.65
CA PHE A 24 -0.46 -13.97 -5.68
C PHE A 24 0.16 -12.69 -5.12
N ARG A 25 1.10 -12.08 -5.83
CA ARG A 25 1.72 -10.86 -5.32
C ARG A 25 2.14 -9.90 -6.43
N SER A 26 1.65 -8.67 -6.34
CA SER A 26 1.96 -7.61 -7.29
C SER A 26 2.73 -6.50 -6.57
N THR A 27 3.38 -5.61 -7.32
CA THR A 27 4.13 -4.53 -6.69
C THR A 27 4.09 -3.24 -7.50
N SER A 28 3.69 -2.15 -6.85
CA SER A 28 3.63 -0.84 -7.49
C SER A 28 4.72 0.07 -6.95
N HIS A 29 5.51 0.65 -7.85
CA HIS A 29 6.62 1.54 -7.46
C HIS A 29 6.34 2.99 -7.90
N VAL A 30 6.47 3.93 -6.97
CA VAL A 30 6.24 5.34 -7.28
C VAL A 30 7.27 6.23 -6.58
N ARG A 31 7.53 7.41 -7.16
CA ARG A 31 8.50 8.33 -6.54
C ARG A 31 7.76 9.40 -5.73
N THR A 32 7.81 9.28 -4.41
CA THR A 32 7.15 10.21 -3.51
C THR A 32 8.10 10.71 -2.42
N GLU A 33 7.81 11.87 -1.85
CA GLU A 33 8.65 12.44 -0.79
C GLU A 33 7.99 12.31 0.59
N SER A 34 8.81 12.09 1.63
CA SER A 34 8.30 11.94 3.00
C SER A 34 7.31 10.79 3.11
N ALA A 35 7.47 9.82 2.22
CA ALA A 35 6.60 8.63 2.19
C ALA A 35 6.46 7.96 3.55
N ALA A 36 7.59 7.64 4.16
CA ALA A 36 7.63 6.92 5.44
C ALA A 36 6.58 7.40 6.45
N ARG A 37 6.13 8.65 6.35
CA ARG A 37 5.13 9.17 7.28
C ARG A 37 3.74 8.73 6.87
N TYR A 38 3.45 8.75 5.59
CA TYR A 38 2.13 8.32 5.11
C TYR A 38 1.91 6.86 5.46
N VAL A 39 3.01 6.11 5.66
CA VAL A 39 2.91 4.71 6.05
C VAL A 39 2.71 4.60 7.54
N ASN A 40 3.44 5.43 8.29
CA ASN A 40 3.35 5.44 9.74
C ASN A 40 1.99 5.93 10.23
N ARG A 41 1.38 6.84 9.48
CA ARG A 41 0.09 7.41 9.88
C ARG A 41 -1.09 6.50 9.53
N LEU A 42 -0.88 5.55 8.62
CA LEU A 42 -1.97 4.65 8.21
C LEU A 42 -2.39 3.72 9.34
N CYS A 43 -1.43 3.08 10.00
CA CYS A 43 -1.77 2.17 11.09
C CYS A 43 -2.59 2.89 12.15
N LYS A 44 -2.31 4.18 12.31
CA LYS A 44 -3.04 5.00 13.27
C LYS A 44 -4.34 5.51 12.65
N HIS A 45 -4.40 5.55 11.32
CA HIS A 45 -5.56 6.03 10.59
C HIS A 45 -6.63 4.94 10.42
N TRP A 46 -6.28 3.85 9.74
CA TRP A 46 -7.23 2.78 9.49
C TRP A 46 -7.23 1.74 10.62
N GLY A 47 -6.25 1.82 11.52
CA GLY A 47 -6.19 0.87 12.61
C GLY A 47 -7.31 1.07 13.62
N HIS A 48 -8.55 0.89 13.16
CA HIS A 48 -9.71 1.04 14.04
C HIS A 48 -10.38 -0.30 14.30
N LYS A 49 -10.28 -1.21 13.33
CA LYS A 49 -10.88 -2.53 13.45
C LYS A 49 -10.06 -3.57 12.69
N PHE A 50 -8.80 -3.26 12.43
CA PHE A 50 -7.92 -4.17 11.70
C PHE A 50 -6.52 -4.17 12.28
N GLU A 51 -5.81 -5.27 12.07
CA GLU A 51 -4.44 -5.40 12.58
C GLU A 51 -3.48 -4.60 11.72
N VAL A 52 -3.03 -3.47 12.23
CA VAL A 52 -2.09 -2.62 11.51
C VAL A 52 -0.75 -2.52 12.22
N GLU A 53 0.32 -2.96 11.56
CA GLU A 53 1.65 -2.91 12.12
C GLU A 53 2.39 -1.67 11.62
N LEU A 54 3.06 -0.97 12.53
CA LEU A 54 3.81 0.24 12.17
C LEU A 54 5.29 0.06 12.45
N THR A 55 6.07 -0.06 11.39
CA THR A 55 7.51 -0.20 11.49
C THR A 55 8.17 0.84 10.61
N PRO A 56 9.46 1.14 10.83
CA PRO A 56 10.18 2.12 10.03
C PRO A 56 10.57 1.55 8.68
N GLU A 57 9.57 1.02 7.98
CA GLU A 57 9.79 0.40 6.68
C GLU A 57 8.49 0.27 5.90
N ARG A 58 7.39 -0.08 6.58
CA ARG A 58 6.11 -0.24 5.91
C ARG A 58 4.95 -0.40 6.87
N GLY A 59 3.74 -0.33 6.32
CA GLY A 59 2.53 -0.50 7.09
C GLY A 59 1.84 -1.83 6.73
N PHE A 60 1.72 -2.75 7.68
CA PHE A 60 1.10 -4.04 7.42
C PHE A 60 -0.34 -4.05 7.91
N ILE A 61 -1.26 -4.33 7.00
CA ILE A 61 -2.68 -4.39 7.32
C ILE A 61 -3.32 -5.62 6.70
N ASP A 62 -3.57 -6.65 7.51
CA ASP A 62 -4.17 -7.87 6.99
C ASP A 62 -5.62 -7.99 7.40
N PHE A 63 -6.46 -8.33 6.43
CA PHE A 63 -7.89 -8.49 6.67
C PHE A 63 -8.25 -9.98 6.82
N GLY A 64 -7.22 -10.82 6.97
CA GLY A 64 -7.45 -12.24 7.12
C GLY A 64 -6.98 -12.99 5.88
N ASP A 65 -7.92 -13.31 4.99
CA ASP A 65 -7.59 -14.01 3.75
C ASP A 65 -7.20 -12.97 2.69
N SER A 66 -6.24 -12.13 3.05
CA SER A 66 -5.76 -11.05 2.18
C SER A 66 -4.92 -10.08 3.02
N ASN A 67 -4.06 -9.28 2.38
CA ASN A 67 -3.21 -8.35 3.11
C ASN A 67 -2.85 -7.14 2.26
N CYS A 68 -2.33 -6.09 2.88
CA CYS A 68 -1.95 -4.89 2.15
C CYS A 68 -0.78 -4.20 2.85
N GLU A 69 0.41 -4.37 2.29
CA GLU A 69 1.61 -3.77 2.85
C GLU A 69 2.00 -2.53 2.04
N LEU A 70 2.70 -1.59 2.67
CA LEU A 70 3.10 -0.36 2.00
C LEU A 70 4.50 0.07 2.45
N LEU A 71 5.44 0.12 1.50
CA LEU A 71 6.80 0.54 1.81
C LEU A 71 6.94 2.03 1.56
N ALA A 72 7.49 2.76 2.52
CA ALA A 72 7.60 4.20 2.37
C ALA A 72 8.91 4.75 2.93
N HIS A 73 9.74 5.26 2.02
CA HIS A 73 11.00 5.87 2.38
C HIS A 73 10.93 7.37 2.08
N PRO A 74 11.84 8.16 2.64
CA PRO A 74 11.88 9.62 2.47
C PRO A 74 11.68 10.11 1.04
N ASP A 75 11.91 9.23 0.04
CA ASP A 75 11.75 9.66 -1.35
C ASP A 75 11.14 8.60 -2.25
N HIS A 76 10.83 7.42 -1.72
CA HIS A 76 10.20 6.40 -2.56
C HIS A 76 9.18 5.59 -1.76
N VAL A 77 8.22 4.99 -2.48
CA VAL A 77 7.18 4.19 -1.85
C VAL A 77 6.90 2.94 -2.65
N LEU A 78 6.73 1.82 -1.96
CA LEU A 78 6.45 0.55 -2.61
C LEU A 78 5.10 0.01 -2.12
N MET A 79 4.37 -0.63 -3.02
CA MET A 79 3.07 -1.18 -2.66
C MET A 79 2.99 -2.66 -3.00
N ILE A 80 2.87 -3.51 -1.97
CA ILE A 80 2.79 -4.93 -2.16
C ILE A 80 1.55 -5.50 -1.49
N LEU A 81 0.85 -6.38 -2.17
CA LEU A 81 -0.36 -6.98 -1.62
C LEU A 81 -0.24 -8.49 -1.55
N ASN A 82 -0.82 -9.07 -0.52
CA ASN A 82 -0.83 -10.52 -0.37
C ASN A 82 -2.27 -10.99 -0.32
N SER A 83 -2.76 -11.53 -1.42
CA SER A 83 -4.16 -11.98 -1.48
C SER A 83 -4.35 -13.23 -2.35
N PRO A 84 -5.14 -14.20 -1.85
CA PRO A 84 -5.43 -15.46 -2.55
C PRO A 84 -6.27 -15.31 -3.81
N ASP A 85 -6.81 -14.11 -4.05
CA ASP A 85 -7.63 -13.91 -5.23
C ASP A 85 -7.34 -12.52 -5.84
N GLU A 86 -7.41 -12.41 -7.17
CA GLU A 86 -7.14 -11.11 -7.82
C GLU A 86 -8.09 -10.03 -7.32
N ASP A 87 -9.39 -10.35 -7.17
CA ASP A 87 -10.34 -9.36 -6.66
C ASP A 87 -9.76 -8.72 -5.42
N SER A 88 -9.40 -9.57 -4.46
CA SER A 88 -8.76 -9.11 -3.23
C SER A 88 -7.45 -8.42 -3.59
N LEU A 89 -6.60 -9.18 -4.28
CA LEU A 89 -5.30 -8.73 -4.74
C LEU A 89 -5.35 -7.29 -5.26
N ALA A 90 -6.17 -7.04 -6.29
CA ALA A 90 -6.28 -5.71 -6.84
C ALA A 90 -6.91 -4.76 -5.83
N HIS A 91 -7.87 -5.27 -5.06
CA HIS A 91 -8.54 -4.47 -4.05
C HIS A 91 -7.52 -3.87 -3.10
N MET A 92 -6.48 -4.65 -2.82
CA MET A 92 -5.40 -4.22 -1.92
C MET A 92 -4.40 -3.31 -2.65
N GLN A 93 -3.79 -3.80 -3.74
CA GLN A 93 -2.83 -3.00 -4.49
C GLN A 93 -3.41 -1.66 -4.93
N ASN A 94 -4.73 -1.60 -5.11
CA ASN A 94 -5.39 -0.37 -5.52
C ASN A 94 -5.64 0.54 -4.33
N VAL A 95 -6.12 -0.03 -3.23
CA VAL A 95 -6.40 0.73 -2.02
C VAL A 95 -5.26 1.70 -1.71
N VAL A 96 -4.04 1.23 -1.88
CA VAL A 96 -2.85 2.05 -1.64
C VAL A 96 -2.72 3.14 -2.72
N ALA A 97 -2.89 2.75 -3.99
CA ALA A 97 -2.80 3.72 -5.09
C ALA A 97 -3.67 4.93 -4.78
N ASP A 98 -4.71 4.70 -3.98
CA ASP A 98 -5.62 5.77 -3.59
C ASP A 98 -4.98 6.65 -2.51
N HIS A 99 -4.30 6.02 -1.55
CA HIS A 99 -3.66 6.75 -0.46
C HIS A 99 -2.61 7.73 -0.99
N LEU A 100 -1.82 7.29 -1.99
CA LEU A 100 -0.80 8.14 -2.57
C LEU A 100 -1.42 9.31 -3.34
N GLN A 101 -2.69 9.16 -3.72
CA GLN A 101 -3.39 10.20 -4.46
C GLN A 101 -3.69 11.43 -3.60
N ARG A 102 -4.48 11.23 -2.56
CA ARG A 102 -4.87 12.32 -1.67
C ARG A 102 -3.65 13.04 -1.07
N MET A 103 -2.55 12.32 -0.91
CA MET A 103 -1.35 12.91 -0.34
C MET A 103 -0.55 13.72 -1.36
N ALA A 104 -0.82 13.49 -2.64
CA ALA A 104 -0.10 14.20 -3.70
C ALA A 104 -1.04 15.13 -4.48
N ASN A 105 -2.17 14.59 -4.92
CA ASN A 105 -3.16 15.36 -5.67
C ASN A 105 -2.63 15.73 -7.06
N SER A 106 -3.32 16.64 -7.73
CA SER A 106 -2.93 17.08 -9.07
C SER A 106 -3.22 16.00 -10.10
N GLU A 107 -2.35 14.99 -10.14
CA GLU A 107 -2.52 13.88 -11.10
C GLU A 107 -2.99 12.63 -10.38
N SER A 108 -3.63 11.72 -11.12
CA SER A 108 -4.12 10.47 -10.55
C SER A 108 -2.96 9.52 -10.31
N LEU A 109 -2.14 9.84 -9.31
CA LEU A 109 -0.97 9.04 -8.93
C LEU A 109 -0.43 8.19 -10.07
N GLU A 110 0.70 8.59 -10.63
CA GLU A 110 1.32 7.80 -11.67
C GLU A 110 1.89 6.55 -11.03
N ILE A 111 1.16 5.45 -11.10
CA ILE A 111 1.60 4.21 -10.49
C ILE A 111 1.46 3.03 -11.46
N ALA A 112 2.52 2.26 -11.64
CA ALA A 112 2.44 1.10 -12.52
C ALA A 112 2.23 -0.15 -11.70
N TRP A 113 1.04 -0.73 -11.80
CA TRP A 113 0.72 -1.93 -11.06
C TRP A 113 1.04 -3.18 -11.87
N GLN A 114 1.69 -4.14 -11.24
CA GLN A 114 2.05 -5.38 -11.91
C GLN A 114 0.93 -6.41 -11.78
N PRO A 115 0.84 -7.35 -12.74
CA PRO A 115 -0.20 -8.38 -12.74
C PRO A 115 -0.34 -9.07 -11.38
N ALA A 116 0.78 -9.30 -10.72
CA ALA A 116 0.81 -9.96 -9.40
C ALA A 116 1.08 -11.45 -9.56
N GLU A 117 1.82 -11.82 -10.60
CA GLU A 117 2.14 -13.22 -10.84
C GLU A 117 3.20 -13.35 -11.93
N SER A 118 3.62 -14.58 -12.20
CA SER A 118 4.64 -14.84 -13.21
C SER A 118 4.45 -16.22 -13.83
N MET A 23 -2.68 -17.20 -3.46
CA MET A 23 -1.89 -16.05 -2.92
C MET A 23 -0.89 -15.51 -3.94
N PHE A 24 -1.35 -14.55 -4.71
CA PHE A 24 -0.52 -13.91 -5.74
C PHE A 24 0.09 -12.64 -5.17
N ARG A 25 1.03 -12.02 -5.89
CA ARG A 25 1.65 -10.80 -5.38
C ARG A 25 2.07 -9.84 -6.49
N SER A 26 1.58 -8.61 -6.40
CA SER A 26 1.89 -7.55 -7.35
C SER A 26 2.65 -6.44 -6.63
N THR A 27 3.31 -5.56 -7.37
CA THR A 27 4.06 -4.49 -6.73
C THR A 27 4.05 -3.20 -7.55
N SER A 28 3.67 -2.10 -6.89
CA SER A 28 3.63 -0.80 -7.53
C SER A 28 4.75 0.10 -7.00
N HIS A 29 5.51 0.71 -7.91
CA HIS A 29 6.63 1.60 -7.53
C HIS A 29 6.33 3.04 -7.94
N VAL A 30 6.48 3.97 -6.99
CA VAL A 30 6.22 5.39 -7.26
C VAL A 30 7.27 6.27 -6.58
N ARG A 31 7.50 7.47 -7.13
CA ARG A 31 8.47 8.38 -6.52
C ARG A 31 7.74 9.45 -5.71
N THR A 32 7.81 9.32 -4.38
CA THR A 32 7.15 10.26 -3.48
C THR A 32 8.10 10.76 -2.40
N GLU A 33 7.82 11.92 -1.82
CA GLU A 33 8.66 12.48 -0.76
C GLU A 33 7.99 12.34 0.62
N SER A 34 8.81 12.11 1.66
CA SER A 34 8.29 11.97 3.02
C SER A 34 7.30 10.83 3.12
N ALA A 35 7.45 9.85 2.24
CA ALA A 35 6.58 8.68 2.20
C ALA A 35 6.45 7.97 3.55
N ALA A 36 7.59 7.66 4.14
CA ALA A 36 7.63 6.93 5.42
C ALA A 36 6.58 7.39 6.44
N ARG A 37 6.14 8.64 6.36
CA ARG A 37 5.15 9.14 7.30
C ARG A 37 3.74 8.72 6.91
N TYR A 38 3.45 8.76 5.62
CA TYR A 38 2.13 8.36 5.13
C TYR A 38 1.90 6.89 5.48
N VAL A 39 2.99 6.13 5.65
CA VAL A 39 2.89 4.71 6.01
C VAL A 39 2.64 4.59 7.51
N ASN A 40 3.36 5.39 8.29
CA ASN A 40 3.21 5.34 9.74
C ASN A 40 1.87 5.90 10.19
N ARG A 41 1.32 6.84 9.43
CA ARG A 41 0.05 7.46 9.78
C ARG A 41 -1.14 6.57 9.45
N LEU A 42 -0.94 5.59 8.58
CA LEU A 42 -2.01 4.68 8.20
C LEU A 42 -2.43 3.76 9.33
N CYS A 43 -1.46 3.14 10.00
CA CYS A 43 -1.77 2.24 11.11
C CYS A 43 -2.60 2.97 12.16
N LYS A 44 -2.35 4.26 12.30
CA LYS A 44 -3.08 5.08 13.24
C LYS A 44 -4.39 5.57 12.63
N HIS A 45 -4.46 5.57 11.29
CA HIS A 45 -5.64 6.02 10.57
C HIS A 45 -6.68 4.92 10.41
N TRP A 46 -6.32 3.83 9.74
CA TRP A 46 -7.25 2.73 9.52
C TRP A 46 -7.22 1.72 10.65
N GLY A 47 -6.24 1.81 11.55
CA GLY A 47 -6.16 0.88 12.65
C GLY A 47 -7.26 1.06 13.66
N HIS A 48 -8.51 0.87 13.23
CA HIS A 48 -9.66 1.01 14.11
C HIS A 48 -10.30 -0.34 14.39
N LYS A 49 -10.20 -1.24 13.43
CA LYS A 49 -10.78 -2.58 13.57
C LYS A 49 -9.97 -3.61 12.80
N PHE A 50 -8.71 -3.28 12.51
CA PHE A 50 -7.84 -4.18 11.77
C PHE A 50 -6.42 -4.16 12.34
N GLU A 51 -5.69 -5.25 12.13
CA GLU A 51 -4.33 -5.36 12.63
C GLU A 51 -3.38 -4.56 11.75
N VAL A 52 -2.92 -3.42 12.27
CA VAL A 52 -2.00 -2.56 11.53
C VAL A 52 -0.66 -2.43 12.23
N GLU A 53 0.39 -2.95 11.61
CA GLU A 53 1.73 -2.87 12.16
C GLU A 53 2.46 -1.64 11.66
N LEU A 54 3.19 -0.98 12.53
CA LEU A 54 3.94 0.23 12.16
C LEU A 54 5.43 0.07 12.44
N THR A 55 6.19 -0.06 11.37
CA THR A 55 7.65 -0.18 11.48
C THR A 55 8.30 0.85 10.57
N PRO A 56 9.60 1.10 10.73
CA PRO A 56 10.30 2.07 9.90
C PRO A 56 10.64 1.51 8.54
N GLU A 57 9.63 0.97 7.87
CA GLU A 57 9.80 0.38 6.56
C GLU A 57 8.47 0.29 5.80
N ARG A 58 7.40 -0.07 6.49
CA ARG A 58 6.09 -0.20 5.83
C ARG A 58 4.96 -0.38 6.81
N GLY A 59 3.74 -0.28 6.28
CA GLY A 59 2.54 -0.47 7.07
C GLY A 59 1.86 -1.78 6.71
N PHE A 60 1.76 -2.72 7.65
CA PHE A 60 1.14 -4.02 7.39
C PHE A 60 -0.29 -4.04 7.90
N ILE A 61 -1.21 -4.33 7.00
CA ILE A 61 -2.64 -4.39 7.34
C ILE A 61 -3.27 -5.63 6.73
N ASP A 62 -3.51 -6.66 7.54
CA ASP A 62 -4.10 -7.89 7.04
C ASP A 62 -5.57 -8.01 7.47
N PHE A 63 -6.41 -8.34 6.51
CA PHE A 63 -7.84 -8.49 6.76
C PHE A 63 -8.20 -9.98 6.90
N GLY A 64 -7.18 -10.82 7.00
CA GLY A 64 -7.39 -12.25 7.13
C GLY A 64 -6.93 -12.99 5.88
N ASP A 65 -7.88 -13.32 5.00
CA ASP A 65 -7.54 -14.00 3.75
C ASP A 65 -7.19 -12.96 2.70
N SER A 66 -6.23 -12.10 3.05
CA SER A 66 -5.78 -11.01 2.19
C SER A 66 -4.93 -10.04 3.02
N ASN A 67 -4.10 -9.21 2.38
CA ASN A 67 -3.26 -8.28 3.12
C ASN A 67 -2.91 -7.07 2.26
N CYS A 68 -2.37 -6.03 2.89
CA CYS A 68 -2.00 -4.82 2.17
C CYS A 68 -0.81 -4.14 2.83
N GLU A 69 0.38 -4.31 2.25
CA GLU A 69 1.59 -3.71 2.80
C GLU A 69 1.95 -2.46 1.99
N LEU A 70 2.66 -1.53 2.62
CA LEU A 70 3.06 -0.29 1.94
C LEU A 70 4.44 0.15 2.39
N LEU A 71 5.39 0.17 1.45
CA LEU A 71 6.77 0.59 1.75
C LEU A 71 6.89 2.08 1.52
N ALA A 72 7.46 2.80 2.47
CA ALA A 72 7.58 4.24 2.33
C ALA A 72 8.88 4.79 2.90
N HIS A 73 9.72 5.31 2.00
CA HIS A 73 10.97 5.90 2.38
C HIS A 73 10.91 7.41 2.09
N PRO A 74 11.83 8.19 2.66
CA PRO A 74 11.87 9.65 2.50
C PRO A 74 11.69 10.14 1.06
N ASP A 75 11.90 9.28 0.07
CA ASP A 75 11.75 9.71 -1.32
C ASP A 75 11.13 8.65 -2.23
N HIS A 76 10.81 7.47 -1.71
CA HIS A 76 10.19 6.45 -2.54
C HIS A 76 9.15 5.65 -1.77
N VAL A 77 8.19 5.05 -2.49
CA VAL A 77 7.15 4.27 -1.87
C VAL A 77 6.85 3.02 -2.69
N LEU A 78 6.67 1.90 -1.99
CA LEU A 78 6.37 0.63 -2.64
C LEU A 78 5.02 0.10 -2.16
N MET A 79 4.30 -0.56 -3.05
CA MET A 79 2.99 -1.11 -2.69
C MET A 79 2.91 -2.59 -3.03
N ILE A 80 2.80 -3.43 -1.99
CA ILE A 80 2.71 -4.86 -2.18
C ILE A 80 1.46 -5.42 -1.50
N LEU A 81 0.78 -6.33 -2.18
CA LEU A 81 -0.43 -6.93 -1.63
C LEU A 81 -0.30 -8.44 -1.56
N ASN A 82 -0.90 -9.03 -0.53
CA ASN A 82 -0.90 -10.47 -0.37
C ASN A 82 -2.35 -10.94 -0.34
N SER A 83 -2.82 -11.50 -1.44
CA SER A 83 -4.22 -11.96 -1.49
C SER A 83 -4.40 -13.21 -2.37
N PRO A 84 -5.17 -14.19 -1.86
CA PRO A 84 -5.45 -15.46 -2.56
C PRO A 84 -6.29 -15.29 -3.83
N ASP A 85 -6.83 -14.10 -4.07
CA ASP A 85 -7.65 -13.88 -5.26
C ASP A 85 -7.31 -12.52 -5.87
N GLU A 86 -7.42 -12.40 -7.20
CA GLU A 86 -7.11 -11.13 -7.86
C GLU A 86 -8.05 -10.03 -7.39
N ASP A 87 -9.35 -10.31 -7.26
CA ASP A 87 -10.31 -9.30 -6.78
C ASP A 87 -9.73 -8.67 -5.52
N SER A 88 -9.42 -9.52 -4.55
CA SER A 88 -8.81 -9.08 -3.30
C SER A 88 -7.50 -8.40 -3.63
N LEU A 89 -6.65 -9.14 -4.32
CA LEU A 89 -5.34 -8.69 -4.76
C LEU A 89 -5.38 -7.24 -5.25
N ALA A 90 -6.17 -6.98 -6.29
CA ALA A 90 -6.27 -5.64 -6.82
C ALA A 90 -6.91 -4.70 -5.81
N HIS A 91 -7.86 -5.23 -5.04
CA HIS A 91 -8.53 -4.45 -4.01
C HIS A 91 -7.50 -3.83 -3.07
N MET A 92 -6.46 -4.60 -2.77
CA MET A 92 -5.39 -4.14 -1.89
C MET A 92 -4.41 -3.22 -2.63
N GLN A 93 -3.80 -3.70 -3.72
CA GLN A 93 -2.85 -2.90 -4.47
C GLN A 93 -3.45 -1.56 -4.91
N ASN A 94 -4.77 -1.52 -5.07
CA ASN A 94 -5.44 -0.29 -5.48
C ASN A 94 -5.68 0.62 -4.29
N VAL A 95 -6.15 0.04 -3.19
CA VAL A 95 -6.43 0.80 -1.97
C VAL A 95 -5.29 1.77 -1.67
N VAL A 96 -4.06 1.30 -1.84
CA VAL A 96 -2.88 2.13 -1.60
C VAL A 96 -2.76 3.22 -2.67
N ALA A 97 -2.93 2.85 -3.94
CA ALA A 97 -2.87 3.81 -5.03
C ALA A 97 -3.73 5.02 -4.71
N ASP A 98 -4.76 4.78 -3.92
CA ASP A 98 -5.68 5.83 -3.51
C ASP A 98 -5.04 6.72 -2.43
N HIS A 99 -4.35 6.08 -1.49
CA HIS A 99 -3.69 6.80 -0.39
C HIS A 99 -2.65 7.79 -0.93
N LEU A 100 -1.88 7.37 -1.93
CA LEU A 100 -0.85 8.24 -2.51
C LEU A 100 -1.50 9.39 -3.27
N GLN A 101 -2.76 9.24 -3.65
CA GLN A 101 -3.46 10.28 -4.39
C GLN A 101 -3.76 11.51 -3.53
N ARG A 102 -4.54 11.31 -2.47
CA ARG A 102 -4.92 12.41 -1.58
C ARG A 102 -3.69 13.17 -1.07
N MET A 103 -2.58 12.46 -0.89
CA MET A 103 -1.35 13.09 -0.40
C MET A 103 -0.61 13.82 -1.51
N ALA A 104 -0.97 13.54 -2.76
CA ALA A 104 -0.33 14.19 -3.90
C ALA A 104 -1.38 14.79 -4.84
N ASN A 105 -1.94 15.92 -4.44
CA ASN A 105 -2.96 16.59 -5.25
C ASN A 105 -2.36 17.13 -6.54
N SER A 106 -2.75 16.53 -7.66
CA SER A 106 -2.26 16.94 -8.97
C SER A 106 -2.78 16.01 -10.06
N GLU A 107 -2.25 14.79 -10.08
CA GLU A 107 -2.65 13.79 -11.07
C GLU A 107 -3.12 12.52 -10.38
N SER A 108 -3.78 11.64 -11.15
CA SER A 108 -4.25 10.38 -10.59
C SER A 108 -3.08 9.46 -10.33
N LEU A 109 -2.28 9.81 -9.31
CA LEU A 109 -1.09 9.05 -8.92
C LEU A 109 -0.52 8.19 -10.04
N GLU A 110 0.60 8.63 -10.60
CA GLU A 110 1.24 7.84 -11.63
C GLU A 110 1.84 6.60 -10.97
N ILE A 111 1.12 5.49 -11.05
CA ILE A 111 1.59 4.26 -10.43
C ILE A 111 1.48 3.08 -11.40
N ALA A 112 2.56 2.33 -11.58
CA ALA A 112 2.51 1.19 -12.47
C ALA A 112 2.28 -0.08 -11.65
N TRP A 113 1.10 -0.65 -11.80
CA TRP A 113 0.74 -1.86 -11.07
C TRP A 113 1.04 -3.10 -11.90
N GLN A 114 1.68 -4.07 -11.27
CA GLN A 114 2.03 -5.31 -11.95
C GLN A 114 0.90 -6.33 -11.82
N PRO A 115 0.78 -7.25 -12.80
CA PRO A 115 -0.28 -8.28 -12.78
C PRO A 115 -0.41 -8.98 -11.44
N ALA A 116 0.73 -9.22 -10.79
CA ALA A 116 0.77 -9.90 -9.49
C ALA A 116 1.07 -11.37 -9.65
N GLU A 117 1.88 -11.71 -10.65
CA GLU A 117 2.25 -13.09 -10.92
C GLU A 117 3.71 -13.20 -11.34
N SER A 118 4.43 -14.14 -10.74
CA SER A 118 5.83 -14.34 -11.05
C SER A 118 6.23 -15.82 -10.88
N MET A 23 -2.53 -17.18 -3.38
CA MET A 23 -1.75 -16.01 -2.86
C MET A 23 -0.75 -15.50 -3.89
N PHE A 24 -1.20 -14.53 -4.68
CA PHE A 24 -0.37 -13.91 -5.72
C PHE A 24 0.24 -12.64 -5.16
N ARG A 25 1.19 -12.03 -5.88
CA ARG A 25 1.79 -10.81 -5.37
C ARG A 25 2.23 -9.84 -6.48
N SER A 26 1.74 -8.61 -6.38
CA SER A 26 2.05 -7.55 -7.33
C SER A 26 2.81 -6.45 -6.59
N THR A 27 3.49 -5.57 -7.33
CA THR A 27 4.23 -4.50 -6.68
C THR A 27 4.24 -3.22 -7.51
N SER A 28 3.80 -2.11 -6.88
CA SER A 28 3.78 -0.81 -7.55
C SER A 28 4.86 0.10 -6.99
N HIS A 29 5.58 0.79 -7.87
CA HIS A 29 6.66 1.70 -7.46
C HIS A 29 6.35 3.14 -7.85
N VAL A 30 6.54 4.07 -6.92
CA VAL A 30 6.27 5.49 -7.17
C VAL A 30 7.34 6.38 -6.53
N ARG A 31 7.56 7.56 -7.09
CA ARG A 31 8.54 8.49 -6.50
C ARG A 31 7.82 9.58 -5.71
N THR A 32 7.87 9.46 -4.38
CA THR A 32 7.21 10.42 -3.49
C THR A 32 8.14 10.93 -2.39
N GLU A 33 7.84 12.09 -1.84
CA GLU A 33 8.65 12.64 -0.75
C GLU A 33 7.92 12.51 0.61
N SER A 34 8.70 12.31 1.68
CA SER A 34 8.13 12.17 3.03
C SER A 34 7.18 10.97 3.10
N ALA A 35 7.44 9.99 2.25
CA ALA A 35 6.62 8.77 2.18
C ALA A 35 6.45 8.08 3.53
N ALA A 36 7.56 7.79 4.20
CA ALA A 36 7.55 7.07 5.48
C ALA A 36 6.44 7.49 6.43
N ARG A 37 5.94 8.71 6.31
CA ARG A 37 4.88 9.20 7.19
C ARG A 37 3.50 8.74 6.75
N TYR A 38 3.28 8.71 5.45
CA TYR A 38 1.98 8.30 4.90
C TYR A 38 1.72 6.83 5.23
N VAL A 39 2.77 6.06 5.45
CA VAL A 39 2.63 4.65 5.79
C VAL A 39 2.37 4.49 7.29
N ASN A 40 3.14 5.21 8.10
CA ASN A 40 3.02 5.13 9.55
C ASN A 40 1.72 5.76 10.06
N ARG A 41 1.20 6.75 9.37
CA ARG A 41 -0.02 7.41 9.81
C ARG A 41 -1.27 6.59 9.51
N LEU A 42 -1.17 5.63 8.59
CA LEU A 42 -2.31 4.80 8.22
C LEU A 42 -2.69 3.83 9.33
N CYS A 43 -1.70 3.14 9.89
CA CYS A 43 -1.97 2.18 10.96
C CYS A 43 -2.81 2.82 12.06
N LYS A 44 -2.47 4.05 12.39
CA LYS A 44 -3.19 4.79 13.42
C LYS A 44 -4.53 5.31 12.87
N HIS A 45 -4.61 5.38 11.55
CA HIS A 45 -5.82 5.87 10.88
C HIS A 45 -6.86 4.78 10.70
N TRP A 46 -6.53 3.75 9.93
CA TRP A 46 -7.47 2.66 9.66
C TRP A 46 -7.44 1.61 10.77
N GLY A 47 -6.44 1.69 11.66
CA GLY A 47 -6.36 0.73 12.75
C GLY A 47 -7.47 0.89 13.76
N HIS A 48 -8.70 0.65 13.33
CA HIS A 48 -9.85 0.77 14.21
C HIS A 48 -10.47 -0.60 14.48
N LYS A 49 -10.35 -1.50 13.51
CA LYS A 49 -10.90 -2.84 13.63
C LYS A 49 -10.06 -3.85 12.84
N PHE A 50 -8.81 -3.48 12.56
CA PHE A 50 -7.91 -4.35 11.82
C PHE A 50 -6.51 -4.32 12.39
N GLU A 51 -5.76 -5.39 12.15
CA GLU A 51 -4.38 -5.48 12.64
C GLU A 51 -3.48 -4.61 11.78
N VAL A 52 -3.01 -3.52 12.35
CA VAL A 52 -2.14 -2.59 11.64
C VAL A 52 -0.78 -2.42 12.32
N GLU A 53 0.27 -2.86 11.64
CA GLU A 53 1.63 -2.73 12.18
C GLU A 53 2.27 -1.43 11.69
N LEU A 54 3.26 -0.95 12.43
CA LEU A 54 3.93 0.29 12.06
C LEU A 54 5.44 0.22 12.28
N THR A 55 6.18 0.20 11.19
CA THR A 55 7.63 0.17 11.26
C THR A 55 8.19 1.28 10.37
N PRO A 56 9.40 1.78 10.67
CA PRO A 56 10.01 2.84 9.87
C PRO A 56 10.48 2.32 8.52
N GLU A 57 9.57 1.69 7.81
CA GLU A 57 9.84 1.11 6.51
C GLU A 57 8.56 0.81 5.74
N ARG A 58 7.52 0.38 6.45
CA ARG A 58 6.25 0.05 5.83
C ARG A 58 5.15 -0.18 6.85
N GLY A 59 3.93 -0.27 6.33
CA GLY A 59 2.77 -0.54 7.16
C GLY A 59 2.20 -1.90 6.82
N PHE A 60 1.61 -2.58 7.78
CA PHE A 60 1.05 -3.90 7.55
C PHE A 60 -0.39 -3.97 8.01
N ILE A 61 -1.29 -4.21 7.07
CA ILE A 61 -2.72 -4.30 7.38
C ILE A 61 -3.31 -5.54 6.74
N ASP A 62 -3.54 -6.59 7.52
CA ASP A 62 -4.09 -7.82 6.99
C ASP A 62 -5.53 -8.00 7.41
N PHE A 63 -6.38 -8.31 6.43
CA PHE A 63 -7.79 -8.53 6.66
C PHE A 63 -8.09 -10.01 6.83
N GLY A 64 -7.03 -10.81 6.98
CA GLY A 64 -7.20 -12.24 7.13
C GLY A 64 -6.75 -12.97 5.88
N ASP A 65 -7.68 -13.29 5.00
CA ASP A 65 -7.37 -13.97 3.75
C ASP A 65 -7.01 -12.92 2.70
N SER A 66 -6.07 -12.06 3.07
CA SER A 66 -5.62 -10.96 2.21
C SER A 66 -4.80 -9.97 3.04
N ASN A 67 -3.94 -9.17 2.39
CA ASN A 67 -3.12 -8.23 3.13
C ASN A 67 -2.74 -7.04 2.25
N CYS A 68 -2.20 -5.99 2.87
CA CYS A 68 -1.79 -4.80 2.13
C CYS A 68 -0.63 -4.12 2.84
N GLU A 69 0.58 -4.31 2.31
CA GLU A 69 1.77 -3.71 2.90
C GLU A 69 2.24 -2.54 2.04
N LEU A 70 2.89 -1.56 2.66
CA LEU A 70 3.37 -0.40 1.90
C LEU A 70 4.74 0.05 2.38
N LEU A 71 5.67 0.12 1.45
CA LEU A 71 7.03 0.57 1.76
C LEU A 71 7.10 2.07 1.57
N ALA A 72 7.59 2.79 2.57
CA ALA A 72 7.64 4.24 2.48
C ALA A 72 8.96 4.84 2.91
N HIS A 73 9.72 5.31 1.92
CA HIS A 73 10.99 5.97 2.14
C HIS A 73 10.85 7.45 1.81
N PRO A 74 11.46 8.32 2.62
CA PRO A 74 11.41 9.78 2.47
C PRO A 74 11.37 10.27 1.03
N ASP A 75 11.77 9.45 0.06
CA ASP A 75 11.75 9.86 -1.33
C ASP A 75 11.16 8.80 -2.24
N HIS A 76 10.87 7.62 -1.71
CA HIS A 76 10.26 6.58 -2.55
C HIS A 76 9.24 5.76 -1.77
N VAL A 77 8.31 5.12 -2.49
CA VAL A 77 7.28 4.32 -1.85
C VAL A 77 6.98 3.06 -2.66
N LEU A 78 6.84 1.94 -1.96
CA LEU A 78 6.54 0.66 -2.60
C LEU A 78 5.20 0.14 -2.11
N MET A 79 4.48 -0.56 -2.99
CA MET A 79 3.17 -1.09 -2.64
C MET A 79 3.06 -2.57 -2.98
N ILE A 80 2.93 -3.41 -1.94
CA ILE A 80 2.84 -4.85 -2.15
C ILE A 80 1.57 -5.39 -1.48
N LEU A 81 0.88 -6.28 -2.18
CA LEU A 81 -0.34 -6.87 -1.64
C LEU A 81 -0.21 -8.39 -1.55
N ASN A 82 -0.81 -8.96 -0.52
CA ASN A 82 -0.80 -10.40 -0.35
C ASN A 82 -2.25 -10.88 -0.32
N SER A 83 -2.71 -11.46 -1.42
CA SER A 83 -4.10 -11.91 -1.49
C SER A 83 -4.27 -13.16 -2.37
N PRO A 84 -5.04 -14.14 -1.87
CA PRO A 84 -5.32 -15.41 -2.57
C PRO A 84 -6.14 -15.26 -3.84
N ASP A 85 -6.70 -14.07 -4.08
CA ASP A 85 -7.49 -13.87 -5.28
C ASP A 85 -7.24 -12.47 -5.87
N GLU A 86 -7.33 -12.34 -7.19
CA GLU A 86 -7.08 -11.03 -7.83
C GLU A 86 -8.04 -9.96 -7.31
N ASP A 87 -9.32 -10.30 -7.13
CA ASP A 87 -10.28 -9.32 -6.61
C ASP A 87 -9.70 -8.68 -5.36
N SER A 88 -9.31 -9.53 -4.42
CA SER A 88 -8.67 -9.08 -3.19
C SER A 88 -7.36 -8.39 -3.57
N LEU A 89 -6.52 -9.13 -4.26
CA LEU A 89 -5.22 -8.67 -4.74
C LEU A 89 -5.29 -7.23 -5.25
N ALA A 90 -6.11 -6.99 -6.26
CA ALA A 90 -6.24 -5.65 -6.81
C ALA A 90 -6.87 -4.71 -5.79
N HIS A 91 -7.83 -5.22 -5.03
CA HIS A 91 -8.50 -4.44 -4.01
C HIS A 91 -7.47 -3.82 -3.07
N MET A 92 -6.43 -4.59 -2.80
CA MET A 92 -5.35 -4.16 -1.91
C MET A 92 -4.37 -3.22 -2.64
N GLN A 93 -3.77 -3.70 -3.74
CA GLN A 93 -2.82 -2.87 -4.49
C GLN A 93 -3.43 -1.53 -4.91
N ASN A 94 -4.76 -1.51 -5.08
CA ASN A 94 -5.43 -0.28 -5.48
C ASN A 94 -5.70 0.63 -4.28
N VAL A 95 -6.18 0.03 -3.18
CA VAL A 95 -6.46 0.78 -1.96
C VAL A 95 -5.33 1.77 -1.65
N VAL A 96 -4.10 1.31 -1.83
CA VAL A 96 -2.93 2.15 -1.60
C VAL A 96 -2.84 3.25 -2.66
N ALA A 97 -3.03 2.88 -3.93
CA ALA A 97 -2.99 3.85 -5.02
C ALA A 97 -3.78 5.09 -4.65
N ASP A 98 -4.82 4.87 -3.85
CA ASP A 98 -5.68 5.96 -3.39
C ASP A 98 -4.97 6.82 -2.36
N HIS A 99 -4.27 6.17 -1.44
CA HIS A 99 -3.53 6.86 -0.40
C HIS A 99 -2.46 7.79 -0.99
N LEU A 100 -1.74 7.31 -2.00
CA LEU A 100 -0.71 8.11 -2.64
C LEU A 100 -1.33 9.27 -3.41
N GLN A 101 -2.55 9.05 -3.91
CA GLN A 101 -3.26 10.09 -4.66
C GLN A 101 -3.70 11.24 -3.74
N ARG A 102 -4.39 10.89 -2.67
CA ARG A 102 -4.87 11.88 -1.71
C ARG A 102 -3.73 12.72 -1.15
N MET A 103 -2.55 12.11 -0.99
CA MET A 103 -1.40 12.82 -0.45
C MET A 103 -0.68 13.64 -1.52
N ALA A 104 -0.99 13.38 -2.79
CA ALA A 104 -0.36 14.10 -3.90
C ALA A 104 -1.40 14.69 -4.83
N ASN A 105 -1.84 15.91 -4.53
CA ASN A 105 -2.85 16.59 -5.35
C ASN A 105 -2.21 17.24 -6.57
N SER A 106 -2.32 16.58 -7.72
CA SER A 106 -1.76 17.09 -8.97
C SER A 106 -2.02 16.12 -10.11
N GLU A 107 -1.38 14.95 -10.05
CA GLU A 107 -1.55 13.93 -11.08
C GLU A 107 -2.15 12.66 -10.50
N SER A 108 -2.80 11.87 -11.34
CA SER A 108 -3.41 10.62 -10.88
C SER A 108 -2.32 9.60 -10.57
N LEU A 109 -1.60 9.84 -9.48
CA LEU A 109 -0.50 8.97 -9.03
C LEU A 109 0.11 8.15 -10.14
N GLU A 110 1.31 8.53 -10.57
CA GLU A 110 2.00 7.75 -11.58
C GLU A 110 2.49 6.47 -10.93
N ILE A 111 1.74 5.39 -11.11
CA ILE A 111 2.10 4.12 -10.50
C ILE A 111 2.10 2.98 -11.52
N ALA A 112 3.18 2.21 -11.58
CA ALA A 112 3.23 1.08 -12.49
C ALA A 112 2.87 -0.17 -11.71
N TRP A 113 1.70 -0.73 -12.01
CA TRP A 113 1.23 -1.92 -11.31
C TRP A 113 1.56 -3.19 -12.08
N GLN A 114 2.12 -4.16 -11.37
CA GLN A 114 2.46 -5.44 -11.97
C GLN A 114 1.28 -6.40 -11.86
N PRO A 115 1.15 -7.34 -12.81
CA PRO A 115 0.05 -8.32 -12.83
C PRO A 115 -0.17 -8.98 -11.47
N ALA A 116 0.92 -9.25 -10.77
CA ALA A 116 0.86 -9.91 -9.45
C ALA A 116 1.04 -11.42 -9.59
N GLU A 117 0.38 -11.99 -10.59
CA GLU A 117 0.46 -13.42 -10.84
C GLU A 117 0.78 -13.70 -12.31
N SER A 118 1.33 -14.88 -12.58
CA SER A 118 1.69 -15.27 -13.93
C SER A 118 0.62 -16.18 -14.53
N MET A 23 -2.67 -17.24 -3.37
CA MET A 23 -1.90 -16.08 -2.84
C MET A 23 -0.90 -15.57 -3.87
N PHE A 24 -1.35 -14.60 -4.64
CA PHE A 24 -0.53 -13.97 -5.66
C PHE A 24 0.10 -12.70 -5.10
N ARG A 25 1.04 -12.09 -5.82
CA ARG A 25 1.66 -10.88 -5.31
C ARG A 25 2.09 -9.92 -6.43
N SER A 26 1.60 -8.68 -6.34
CA SER A 26 1.91 -7.62 -7.29
C SER A 26 2.68 -6.52 -6.57
N THR A 27 3.33 -5.64 -7.32
CA THR A 27 4.09 -4.57 -6.68
C THR A 27 4.07 -3.28 -7.49
N SER A 28 3.70 -2.18 -6.83
CA SER A 28 3.66 -0.86 -7.48
C SER A 28 4.77 0.04 -6.93
N HIS A 29 5.53 0.65 -7.84
CA HIS A 29 6.63 1.54 -7.45
C HIS A 29 6.35 2.99 -7.87
N VAL A 30 6.51 3.93 -6.94
CA VAL A 30 6.27 5.34 -7.22
C VAL A 30 7.31 6.22 -6.54
N ARG A 31 7.57 7.41 -7.10
CA ARG A 31 8.54 8.32 -6.50
C ARG A 31 7.81 9.39 -5.68
N THR A 32 7.87 9.27 -4.36
CA THR A 32 7.20 10.22 -3.46
C THR A 32 8.15 10.74 -2.37
N GLU A 33 7.83 11.90 -1.81
CA GLU A 33 8.65 12.47 -0.74
C GLU A 33 7.99 12.32 0.64
N SER A 34 8.81 12.12 1.69
CA SER A 34 8.30 11.97 3.05
C SER A 34 7.33 10.80 3.15
N ALA A 35 7.51 9.84 2.27
CA ALA A 35 6.66 8.63 2.23
C ALA A 35 6.52 7.94 3.59
N ALA A 36 7.66 7.62 4.18
CA ALA A 36 7.70 6.88 5.46
C ALA A 36 6.67 7.35 6.49
N ARG A 37 6.25 8.62 6.43
CA ARG A 37 5.27 9.12 7.38
C ARG A 37 3.85 8.73 6.97
N TYR A 38 3.57 8.82 5.68
CA TYR A 38 2.25 8.45 5.18
C TYR A 38 1.99 6.98 5.49
N VAL A 39 3.07 6.19 5.66
CA VAL A 39 2.93 4.78 6.01
C VAL A 39 2.68 4.63 7.50
N ASN A 40 3.38 5.44 8.29
CA ASN A 40 3.24 5.40 9.74
C ASN A 40 1.90 5.95 10.21
N ARG A 41 1.36 6.95 9.49
CA ARG A 41 0.10 7.55 9.89
C ARG A 41 -1.10 6.66 9.52
N LEU A 42 -0.89 5.70 8.62
CA LEU A 42 -1.96 4.81 8.19
C LEU A 42 -2.39 3.86 9.30
N CYS A 43 -1.41 3.21 9.94
CA CYS A 43 -1.72 2.26 11.01
C CYS A 43 -2.54 2.93 12.11
N LYS A 44 -2.28 4.21 12.32
CA LYS A 44 -3.01 4.97 13.32
C LYS A 44 -4.33 5.50 12.73
N HIS A 45 -4.40 5.56 11.39
CA HIS A 45 -5.57 6.05 10.70
C HIS A 45 -6.63 4.96 10.49
N TRP A 46 -6.28 3.92 9.76
CA TRP A 46 -7.22 2.84 9.49
C TRP A 46 -7.20 1.78 10.59
N GLY A 47 -6.20 1.83 11.47
CA GLY A 47 -6.11 0.86 12.55
C GLY A 47 -7.21 1.06 13.58
N HIS A 48 -8.45 0.84 13.16
CA HIS A 48 -9.59 1.00 14.06
C HIS A 48 -10.22 -0.36 14.37
N LYS A 49 -10.06 -1.31 13.46
CA LYS A 49 -10.63 -2.64 13.65
C LYS A 49 -9.82 -3.70 12.90
N PHE A 50 -8.57 -3.37 12.57
CA PHE A 50 -7.72 -4.32 11.86
C PHE A 50 -6.30 -4.29 12.38
N GLU A 51 -5.53 -5.32 12.03
CA GLU A 51 -4.15 -5.42 12.48
C GLU A 51 -3.24 -4.55 11.63
N VAL A 52 -2.79 -3.43 12.19
CA VAL A 52 -1.91 -2.52 11.49
C VAL A 52 -0.55 -2.42 12.18
N GLU A 53 0.49 -2.92 11.51
CA GLU A 53 1.83 -2.88 12.06
C GLU A 53 2.58 -1.64 11.57
N LEU A 54 3.22 -0.94 12.48
CA LEU A 54 3.97 0.27 12.13
C LEU A 54 5.46 0.09 12.41
N THR A 55 6.23 -0.02 11.34
CA THR A 55 7.68 -0.16 11.46
C THR A 55 8.34 0.88 10.57
N PRO A 56 9.64 1.13 10.75
CA PRO A 56 10.36 2.11 9.94
C PRO A 56 10.69 1.57 8.56
N GLU A 57 9.67 1.03 7.91
CA GLU A 57 9.84 0.46 6.57
C GLU A 57 8.51 0.37 5.82
N ARG A 58 7.43 -0.02 6.52
CA ARG A 58 6.14 -0.15 5.87
C ARG A 58 5.00 -0.36 6.85
N GLY A 59 3.78 -0.26 6.33
CA GLY A 59 2.58 -0.48 7.13
C GLY A 59 1.93 -1.80 6.76
N PHE A 60 1.79 -2.72 7.72
CA PHE A 60 1.18 -4.02 7.46
C PHE A 60 -0.27 -4.03 7.91
N ILE A 61 -1.18 -4.14 6.95
CA ILE A 61 -2.61 -4.14 7.25
C ILE A 61 -3.28 -5.40 6.68
N ASP A 62 -3.69 -6.33 7.54
CA ASP A 62 -4.35 -7.54 7.07
C ASP A 62 -5.83 -7.50 7.40
N PHE A 63 -6.64 -7.84 6.40
CA PHE A 63 -8.09 -7.85 6.55
C PHE A 63 -8.60 -9.27 6.73
N GLY A 64 -7.68 -10.20 7.02
CA GLY A 64 -8.04 -11.59 7.20
C GLY A 64 -7.46 -12.46 6.11
N ASP A 65 -8.30 -12.88 5.16
CA ASP A 65 -7.85 -13.70 4.04
C ASP A 65 -7.31 -12.79 2.94
N SER A 66 -6.36 -11.93 3.32
CA SER A 66 -5.76 -10.98 2.41
C SER A 66 -4.96 -9.95 3.21
N ASN A 67 -4.02 -9.25 2.59
CA ASN A 67 -3.21 -8.26 3.31
C ASN A 67 -2.86 -7.10 2.40
N CYS A 68 -2.28 -6.05 2.99
CA CYS A 68 -1.90 -4.86 2.23
C CYS A 68 -0.72 -4.16 2.90
N GLU A 69 0.48 -4.36 2.35
CA GLU A 69 1.68 -3.74 2.89
C GLU A 69 2.04 -2.50 2.08
N LEU A 70 2.73 -1.55 2.71
CA LEU A 70 3.12 -0.31 2.02
C LEU A 70 4.51 0.15 2.46
N LEU A 71 5.46 0.11 1.53
CA LEU A 71 6.82 0.55 1.83
C LEU A 71 6.94 2.03 1.56
N ALA A 72 7.51 2.76 2.51
CA ALA A 72 7.63 4.20 2.34
C ALA A 72 8.92 4.76 2.91
N HIS A 73 9.77 5.26 2.01
CA HIS A 73 11.01 5.87 2.38
C HIS A 73 10.94 7.38 2.07
N PRO A 74 11.83 8.17 2.65
CA PRO A 74 11.86 9.63 2.46
C PRO A 74 11.69 10.11 1.02
N ASP A 75 11.95 9.23 0.05
CA ASP A 75 11.83 9.63 -1.35
C ASP A 75 11.20 8.57 -2.24
N HIS A 76 10.86 7.41 -1.70
CA HIS A 76 10.23 6.38 -2.52
C HIS A 76 9.20 5.58 -1.73
N VAL A 77 8.25 4.96 -2.45
CA VAL A 77 7.21 4.17 -1.81
C VAL A 77 6.91 2.91 -2.63
N LEU A 78 6.74 1.80 -1.92
CA LEU A 78 6.44 0.53 -2.57
C LEU A 78 5.10 -0.01 -2.08
N MET A 79 4.37 -0.66 -2.96
CA MET A 79 3.07 -1.20 -2.61
C MET A 79 2.97 -2.68 -2.95
N ILE A 80 2.86 -3.52 -1.92
CA ILE A 80 2.76 -4.96 -2.12
C ILE A 80 1.50 -5.50 -1.44
N LEU A 81 0.80 -6.40 -2.13
CA LEU A 81 -0.41 -6.99 -1.57
C LEU A 81 -0.29 -8.50 -1.48
N ASN A 82 -0.87 -9.07 -0.43
CA ASN A 82 -0.87 -10.52 -0.27
C ASN A 82 -2.31 -10.99 -0.21
N SER A 83 -2.80 -11.57 -1.30
CA SER A 83 -4.20 -12.03 -1.34
C SER A 83 -4.40 -13.23 -2.26
N PRO A 84 -5.15 -14.25 -1.77
CA PRO A 84 -5.46 -15.49 -2.51
C PRO A 84 -6.29 -15.28 -3.77
N ASP A 85 -6.88 -14.11 -3.95
CA ASP A 85 -7.69 -13.85 -5.13
C ASP A 85 -7.32 -12.51 -5.75
N GLU A 86 -7.45 -12.40 -7.08
CA GLU A 86 -7.11 -11.14 -7.74
C GLU A 86 -8.04 -10.02 -7.27
N ASP A 87 -9.35 -10.29 -7.16
CA ASP A 87 -10.29 -9.27 -6.68
C ASP A 87 -9.74 -8.67 -5.40
N SER A 88 -9.44 -9.54 -4.45
CA SER A 88 -8.85 -9.12 -3.18
C SER A 88 -7.52 -8.44 -3.48
N LEU A 89 -6.67 -9.20 -4.17
CA LEU A 89 -5.35 -8.75 -4.59
C LEU A 89 -5.37 -7.30 -5.07
N ALA A 90 -6.15 -7.02 -6.10
CA ALA A 90 -6.24 -5.67 -6.63
C ALA A 90 -6.85 -4.75 -5.58
N HIS A 91 -7.78 -5.29 -4.80
CA HIS A 91 -8.42 -4.52 -3.74
C HIS A 91 -7.38 -3.90 -2.82
N MET A 92 -6.33 -4.67 -2.55
CA MET A 92 -5.25 -4.20 -1.69
C MET A 92 -4.27 -3.30 -2.46
N GLN A 93 -3.68 -3.81 -3.55
CA GLN A 93 -2.73 -3.03 -4.33
C GLN A 93 -3.34 -1.71 -4.83
N ASN A 94 -4.66 -1.68 -5.01
CA ASN A 94 -5.33 -0.47 -5.49
C ASN A 94 -5.60 0.49 -4.33
N VAL A 95 -6.10 -0.04 -3.22
CA VAL A 95 -6.40 0.77 -2.04
C VAL A 95 -5.27 1.75 -1.75
N VAL A 96 -4.04 1.27 -1.89
CA VAL A 96 -2.87 2.10 -1.64
C VAL A 96 -2.71 3.17 -2.73
N ALA A 97 -2.85 2.77 -3.99
CA ALA A 97 -2.74 3.70 -5.11
C ALA A 97 -3.59 4.95 -4.84
N ASP A 98 -4.63 4.76 -4.03
CA ASP A 98 -5.52 5.86 -3.67
C ASP A 98 -4.89 6.74 -2.59
N HIS A 99 -4.23 6.09 -1.62
CA HIS A 99 -3.60 6.82 -0.53
C HIS A 99 -2.49 7.76 -1.04
N LEU A 100 -1.68 7.30 -1.98
CA LEU A 100 -0.61 8.11 -2.53
C LEU A 100 -1.18 9.37 -3.17
N GLN A 101 -2.43 9.29 -3.62
CA GLN A 101 -3.10 10.42 -4.25
C GLN A 101 -3.48 11.49 -3.22
N ARG A 102 -4.25 11.07 -2.22
CA ARG A 102 -4.69 11.97 -1.17
C ARG A 102 -3.52 12.65 -0.47
N MET A 103 -2.39 11.94 -0.38
CA MET A 103 -1.21 12.49 0.28
C MET A 103 -0.42 13.43 -0.64
N ALA A 104 -0.70 13.38 -1.94
CA ALA A 104 0.00 14.23 -2.90
C ALA A 104 -0.94 15.25 -3.52
N ASN A 105 -1.96 14.77 -4.21
CA ASN A 105 -2.95 15.64 -4.86
C ASN A 105 -2.31 16.43 -6.00
N SER A 106 -2.61 16.02 -7.23
CA SER A 106 -2.07 16.68 -8.42
C SER A 106 -2.49 15.95 -9.69
N GLU A 107 -2.52 14.62 -9.60
CA GLU A 107 -2.90 13.78 -10.72
C GLU A 107 -3.29 12.39 -10.25
N SER A 108 -3.78 11.55 -11.16
CA SER A 108 -4.17 10.20 -10.79
C SER A 108 -2.93 9.36 -10.54
N LEU A 109 -2.26 9.67 -9.41
CA LEU A 109 -1.02 8.98 -8.99
C LEU A 109 -0.42 8.12 -10.09
N GLU A 110 0.69 8.56 -10.67
CA GLU A 110 1.35 7.78 -11.69
C GLU A 110 1.96 6.56 -11.01
N ILE A 111 1.26 5.43 -11.08
CA ILE A 111 1.74 4.21 -10.45
C ILE A 111 1.61 3.02 -11.40
N ALA A 112 2.69 2.26 -11.58
CA ALA A 112 2.63 1.11 -12.45
C ALA A 112 2.38 -0.15 -11.63
N TRP A 113 1.20 -0.70 -11.78
CA TRP A 113 0.82 -1.91 -11.04
C TRP A 113 1.11 -3.16 -11.87
N GLN A 114 1.73 -4.14 -11.24
CA GLN A 114 2.06 -5.38 -11.90
C GLN A 114 0.92 -6.39 -11.78
N PRO A 115 0.79 -7.32 -12.74
CA PRO A 115 -0.27 -8.32 -12.74
C PRO A 115 -0.41 -9.02 -11.39
N ALA A 116 0.72 -9.28 -10.74
CA ALA A 116 0.75 -9.95 -9.44
C ALA A 116 1.02 -11.45 -9.60
N GLU A 117 1.78 -11.79 -10.63
CA GLU A 117 2.11 -13.19 -10.90
C GLU A 117 3.58 -13.34 -11.30
N SER A 118 3.91 -12.82 -12.48
CA SER A 118 5.28 -12.89 -12.98
C SER A 118 5.83 -11.51 -13.27
N MET A 23 -2.58 -17.23 -3.43
CA MET A 23 -1.81 -16.07 -2.89
C MET A 23 -0.78 -15.56 -3.88
N PHE A 24 -1.22 -14.61 -4.69
CA PHE A 24 -0.36 -13.99 -5.70
C PHE A 24 0.22 -12.71 -5.14
N ARG A 25 1.17 -12.09 -5.83
CA ARG A 25 1.77 -10.85 -5.32
C ARG A 25 2.21 -9.90 -6.43
N SER A 26 1.70 -8.67 -6.35
CA SER A 26 2.03 -7.60 -7.30
C SER A 26 2.76 -6.49 -6.57
N THR A 27 3.42 -5.61 -7.31
CA THR A 27 4.14 -4.52 -6.66
C THR A 27 4.12 -3.24 -7.49
N SER A 28 3.72 -2.14 -6.85
CA SER A 28 3.67 -0.83 -7.50
C SER A 28 4.76 0.08 -6.95
N HIS A 29 5.53 0.70 -7.86
CA HIS A 29 6.63 1.59 -7.45
C HIS A 29 6.34 3.04 -7.87
N VAL A 30 6.49 3.97 -6.93
CA VAL A 30 6.25 5.38 -7.21
C VAL A 30 7.29 6.26 -6.52
N ARG A 31 7.54 7.45 -7.07
CA ARG A 31 8.51 8.35 -6.47
C ARG A 31 7.78 9.44 -5.67
N THR A 32 7.84 9.31 -4.34
CA THR A 32 7.18 10.26 -3.43
C THR A 32 8.14 10.76 -2.35
N GLU A 33 7.86 11.93 -1.78
CA GLU A 33 8.70 12.48 -0.71
C GLU A 33 8.03 12.35 0.66
N SER A 34 8.84 12.13 1.71
CA SER A 34 8.32 11.99 3.07
C SER A 34 7.32 10.84 3.17
N ALA A 35 7.48 9.87 2.29
CA ALA A 35 6.60 8.70 2.25
C ALA A 35 6.46 8.01 3.61
N ALA A 36 7.59 7.68 4.21
CA ALA A 36 7.62 6.95 5.50
C ALA A 36 6.57 7.45 6.51
N ARG A 37 6.15 8.70 6.39
CA ARG A 37 5.15 9.25 7.32
C ARG A 37 3.75 8.83 6.93
N TYR A 38 3.47 8.81 5.64
CA TYR A 38 2.14 8.41 5.18
C TYR A 38 1.92 6.94 5.50
N VAL A 39 3.01 6.17 5.66
CA VAL A 39 2.89 4.75 6.00
C VAL A 39 2.64 4.62 7.50
N ASN A 40 3.38 5.38 8.29
CA ASN A 40 3.23 5.35 9.74
C ASN A 40 1.90 5.94 10.17
N ARG A 41 1.37 6.89 9.40
CA ARG A 41 0.11 7.53 9.74
C ARG A 41 -1.09 6.64 9.42
N LEU A 42 -0.89 5.64 8.58
CA LEU A 42 -1.98 4.74 8.19
C LEU A 42 -2.40 3.83 9.33
N CYS A 43 -1.43 3.21 10.00
CA CYS A 43 -1.76 2.30 11.10
C CYS A 43 -2.57 3.03 12.16
N LYS A 44 -2.30 4.32 12.32
CA LYS A 44 -3.02 5.13 13.29
C LYS A 44 -4.33 5.65 12.68
N HIS A 45 -4.38 5.68 11.34
CA HIS A 45 -5.56 6.17 10.62
C HIS A 45 -6.61 5.08 10.44
N TRP A 46 -6.25 4.00 9.76
CA TRP A 46 -7.18 2.91 9.51
C TRP A 46 -7.18 1.88 10.63
N GLY A 47 -6.19 1.93 11.51
CA GLY A 47 -6.12 0.97 12.60
C GLY A 47 -7.21 1.18 13.62
N HIS A 48 -8.45 0.98 13.20
CA HIS A 48 -9.59 1.13 14.08
C HIS A 48 -10.28 -0.20 14.32
N LYS A 49 -10.16 -1.12 13.37
CA LYS A 49 -10.77 -2.43 13.48
C LYS A 49 -9.98 -3.47 12.69
N PHE A 50 -8.71 -3.17 12.42
CA PHE A 50 -7.87 -4.10 11.67
C PHE A 50 -6.45 -4.16 12.24
N GLU A 51 -5.72 -5.19 11.84
CA GLU A 51 -4.35 -5.36 12.33
C GLU A 51 -3.38 -4.52 11.50
N VAL A 52 -3.00 -3.37 12.04
CA VAL A 52 -2.08 -2.48 11.35
C VAL A 52 -0.74 -2.37 12.10
N GLU A 53 0.32 -2.90 11.51
CA GLU A 53 1.64 -2.85 12.11
C GLU A 53 2.39 -1.62 11.61
N LEU A 54 3.13 -0.97 12.50
CA LEU A 54 3.89 0.22 12.15
C LEU A 54 5.38 0.03 12.42
N THR A 55 6.15 -0.09 11.35
CA THR A 55 7.59 -0.25 11.46
C THR A 55 8.26 0.81 10.59
N PRO A 56 9.55 1.06 10.78
CA PRO A 56 10.27 2.05 9.97
C PRO A 56 10.61 1.51 8.60
N GLU A 57 9.60 1.00 7.92
CA GLU A 57 9.77 0.44 6.60
C GLU A 57 8.45 0.34 5.84
N ARG A 58 7.36 -0.04 6.52
CA ARG A 58 6.07 -0.16 5.87
C ARG A 58 4.92 -0.36 6.84
N GLY A 59 3.71 -0.25 6.30
CA GLY A 59 2.51 -0.46 7.08
C GLY A 59 1.82 -1.77 6.69
N PHE A 60 1.65 -2.68 7.64
CA PHE A 60 1.03 -3.98 7.37
C PHE A 60 -0.43 -3.96 7.80
N ILE A 61 -1.33 -4.07 6.83
CA ILE A 61 -2.77 -4.05 7.14
C ILE A 61 -3.44 -5.29 6.57
N ASP A 62 -3.89 -6.21 7.43
CA ASP A 62 -4.55 -7.42 6.97
C ASP A 62 -6.05 -7.35 7.24
N PHE A 63 -6.82 -7.66 6.22
CA PHE A 63 -8.28 -7.64 6.33
C PHE A 63 -8.82 -9.05 6.56
N GLY A 64 -7.91 -9.99 6.77
CA GLY A 64 -8.29 -11.37 6.99
C GLY A 64 -7.62 -12.31 6.01
N ASP A 65 -8.37 -12.82 5.05
CA ASP A 65 -7.81 -13.70 4.02
C ASP A 65 -7.26 -12.85 2.89
N SER A 66 -6.40 -11.90 3.25
CA SER A 66 -5.79 -10.98 2.30
C SER A 66 -5.01 -9.91 3.09
N ASN A 67 -4.11 -9.16 2.43
CA ASN A 67 -3.33 -8.16 3.14
C ASN A 67 -2.90 -7.03 2.21
N CYS A 68 -2.36 -5.96 2.79
CA CYS A 68 -1.91 -4.82 2.00
C CYS A 68 -0.79 -4.08 2.72
N GLU A 69 0.44 -4.31 2.25
CA GLU A 69 1.62 -3.68 2.83
C GLU A 69 1.99 -2.43 2.04
N LEU A 70 2.65 -1.48 2.69
CA LEU A 70 3.05 -0.24 2.01
C LEU A 70 4.44 0.21 2.46
N LEU A 71 5.39 0.19 1.53
CA LEU A 71 6.76 0.61 1.82
C LEU A 71 6.89 2.10 1.58
N ALA A 72 7.47 2.82 2.53
CA ALA A 72 7.60 4.26 2.38
C ALA A 72 8.90 4.80 2.96
N HIS A 73 9.74 5.32 2.06
CA HIS A 73 11.00 5.91 2.44
C HIS A 73 10.93 7.42 2.15
N PRO A 74 11.86 8.20 2.70
CA PRO A 74 11.89 9.66 2.54
C PRO A 74 11.71 10.14 1.10
N ASP A 75 11.92 9.27 0.12
CA ASP A 75 11.77 9.70 -1.27
C ASP A 75 11.16 8.63 -2.18
N HIS A 76 10.82 7.47 -1.64
CA HIS A 76 10.20 6.43 -2.47
C HIS A 76 9.15 5.64 -1.70
N VAL A 77 8.20 5.04 -2.43
CA VAL A 77 7.14 4.27 -1.79
C VAL A 77 6.85 3.01 -2.61
N LEU A 78 6.66 1.90 -1.92
CA LEU A 78 6.36 0.63 -2.58
C LEU A 78 5.01 0.10 -2.09
N MET A 79 4.29 -0.57 -2.97
CA MET A 79 2.99 -1.12 -2.62
C MET A 79 2.91 -2.61 -2.96
N ILE A 80 2.80 -3.45 -1.93
CA ILE A 80 2.71 -4.88 -2.12
C ILE A 80 1.46 -5.44 -1.48
N LEU A 81 0.78 -6.34 -2.17
CA LEU A 81 -0.44 -6.94 -1.65
C LEU A 81 -0.30 -8.45 -1.55
N ASN A 82 -0.93 -9.02 -0.53
CA ASN A 82 -0.92 -10.46 -0.34
C ASN A 82 -2.36 -10.95 -0.34
N SER A 83 -2.80 -11.53 -1.45
CA SER A 83 -4.18 -11.99 -1.55
C SER A 83 -4.34 -13.23 -2.44
N PRO A 84 -5.12 -14.23 -1.95
CA PRO A 84 -5.37 -15.48 -2.66
C PRO A 84 -6.14 -15.34 -3.98
N ASP A 85 -6.72 -14.17 -4.23
CA ASP A 85 -7.46 -13.98 -5.47
C ASP A 85 -7.21 -12.57 -6.03
N GLU A 86 -7.32 -12.43 -7.35
CA GLU A 86 -7.06 -11.11 -7.98
C GLU A 86 -8.03 -10.05 -7.45
N ASP A 87 -9.32 -10.37 -7.35
CA ASP A 87 -10.30 -9.40 -6.84
C ASP A 87 -9.72 -8.75 -5.58
N SER A 88 -9.36 -9.60 -4.63
CA SER A 88 -8.73 -9.15 -3.39
C SER A 88 -7.42 -8.46 -3.74
N LEU A 89 -6.56 -9.23 -4.41
CA LEU A 89 -5.25 -8.78 -4.86
C LEU A 89 -5.29 -7.34 -5.37
N ALA A 90 -6.09 -7.10 -6.41
CA ALA A 90 -6.20 -5.75 -6.97
C ALA A 90 -6.86 -4.80 -5.97
N HIS A 91 -7.82 -5.32 -5.22
CA HIS A 91 -8.52 -4.51 -4.22
C HIS A 91 -7.50 -3.90 -3.26
N MET A 92 -6.47 -4.68 -2.94
CA MET A 92 -5.42 -4.25 -2.03
C MET A 92 -4.42 -3.33 -2.74
N GLN A 93 -3.79 -3.80 -3.82
CA GLN A 93 -2.81 -2.99 -4.54
C GLN A 93 -3.39 -1.63 -4.94
N ASN A 94 -4.72 -1.58 -5.14
CA ASN A 94 -5.37 -0.33 -5.52
C ASN A 94 -5.63 0.54 -4.30
N VAL A 95 -6.09 -0.07 -3.20
CA VAL A 95 -6.37 0.66 -1.97
C VAL A 95 -5.26 1.66 -1.65
N VAL A 96 -4.01 1.20 -1.78
CA VAL A 96 -2.86 2.06 -1.52
C VAL A 96 -2.74 3.13 -2.60
N ALA A 97 -2.86 2.73 -3.87
CA ALA A 97 -2.78 3.67 -4.98
C ALA A 97 -3.66 4.88 -4.71
N ASP A 98 -4.71 4.65 -3.93
CA ASP A 98 -5.65 5.71 -3.56
C ASP A 98 -5.05 6.61 -2.48
N HIS A 99 -4.38 6.00 -1.51
CA HIS A 99 -3.77 6.75 -0.41
C HIS A 99 -2.72 7.74 -0.91
N LEU A 100 -1.91 7.31 -1.89
CA LEU A 100 -0.88 8.17 -2.45
C LEU A 100 -1.50 9.35 -3.20
N GLN A 101 -2.77 9.22 -3.58
CA GLN A 101 -3.46 10.28 -4.31
C GLN A 101 -3.76 11.49 -3.42
N ARG A 102 -4.55 11.27 -2.37
CA ARG A 102 -4.91 12.36 -1.47
C ARG A 102 -3.68 13.08 -0.91
N MET A 103 -2.58 12.34 -0.74
CA MET A 103 -1.36 12.94 -0.22
C MET A 103 -0.61 13.73 -1.28
N ALA A 104 -0.96 13.50 -2.55
CA ALA A 104 -0.32 14.20 -3.65
C ALA A 104 -1.35 14.77 -4.62
N ASN A 105 -1.75 16.01 -4.38
CA ASN A 105 -2.74 16.67 -5.22
C ASN A 105 -2.08 17.29 -6.45
N SER A 106 -2.34 16.69 -7.62
CA SER A 106 -1.79 17.17 -8.87
C SER A 106 -2.19 16.27 -10.04
N GLU A 107 -2.24 14.98 -9.78
CA GLU A 107 -2.62 14.00 -10.80
C GLU A 107 -3.12 12.71 -10.16
N SER A 108 -3.67 11.82 -10.97
CA SER A 108 -4.18 10.55 -10.47
C SER A 108 -3.03 9.58 -10.24
N LEU A 109 -2.22 9.88 -9.21
CA LEU A 109 -1.05 9.06 -8.83
C LEU A 109 -0.52 8.20 -9.97
N GLU A 110 0.63 8.58 -10.50
CA GLU A 110 1.24 7.77 -11.54
C GLU A 110 1.82 6.52 -10.89
N ILE A 111 1.09 5.42 -10.96
CA ILE A 111 1.54 4.19 -10.35
C ILE A 111 1.47 3.02 -11.34
N ALA A 112 2.58 2.29 -11.51
CA ALA A 112 2.56 1.15 -12.40
C ALA A 112 2.34 -0.12 -11.61
N TRP A 113 1.18 -0.72 -11.78
CA TRP A 113 0.84 -1.94 -11.07
C TRP A 113 1.15 -3.17 -11.90
N GLN A 114 1.81 -4.14 -11.30
CA GLN A 114 2.18 -5.37 -11.98
C GLN A 114 1.06 -6.40 -11.86
N PRO A 115 1.00 -7.36 -12.79
CA PRO A 115 -0.04 -8.41 -12.79
C PRO A 115 -0.20 -9.08 -11.43
N ALA A 116 0.93 -9.31 -10.76
CA ALA A 116 0.95 -9.96 -9.44
C ALA A 116 1.25 -11.45 -9.58
N GLU A 117 2.32 -11.77 -10.29
CA GLU A 117 2.72 -13.16 -10.50
C GLU A 117 1.62 -13.94 -11.20
N SER A 118 1.88 -14.31 -12.46
CA SER A 118 0.91 -15.06 -13.25
C SER A 118 1.56 -16.30 -13.87
N MET A 23 -2.72 -17.16 -3.51
CA MET A 23 -1.94 -16.01 -2.97
C MET A 23 -0.94 -15.49 -3.99
N PHE A 24 -1.40 -14.52 -4.77
CA PHE A 24 -0.58 -13.89 -5.79
C PHE A 24 0.05 -12.62 -5.22
N ARG A 25 0.99 -12.00 -5.93
CA ARG A 25 1.61 -10.79 -5.40
C ARG A 25 2.05 -9.82 -6.50
N SER A 26 1.58 -8.57 -6.38
CA SER A 26 1.91 -7.50 -7.31
C SER A 26 2.67 -6.41 -6.58
N THR A 27 3.35 -5.54 -7.32
CA THR A 27 4.11 -4.47 -6.70
C THR A 27 4.09 -3.18 -7.52
N SER A 28 3.68 -2.08 -6.88
CA SER A 28 3.65 -0.78 -7.54
C SER A 28 4.77 0.13 -7.02
N HIS A 29 5.51 0.75 -7.95
CA HIS A 29 6.62 1.63 -7.56
C HIS A 29 6.34 3.08 -7.97
N VAL A 30 6.52 4.01 -7.02
CA VAL A 30 6.30 5.43 -7.29
C VAL A 30 7.37 6.29 -6.61
N ARG A 31 7.64 7.48 -7.17
CA ARG A 31 8.62 8.36 -6.56
C ARG A 31 7.91 9.46 -5.76
N THR A 32 7.96 9.35 -4.43
CA THR A 32 7.31 10.30 -3.54
C THR A 32 8.25 10.81 -2.45
N GLU A 33 7.96 11.98 -1.88
CA GLU A 33 8.77 12.54 -0.80
C GLU A 33 8.06 12.40 0.56
N SER A 34 8.86 12.19 1.62
CA SER A 34 8.31 12.05 2.98
C SER A 34 7.33 10.88 3.06
N ALA A 35 7.54 9.90 2.20
CA ALA A 35 6.69 8.71 2.16
C ALA A 35 6.50 8.03 3.51
N ALA A 36 7.61 7.78 4.20
CA ALA A 36 7.58 7.08 5.49
C ALA A 36 6.49 7.59 6.44
N ARG A 37 6.04 8.82 6.24
CA ARG A 37 5.01 9.41 7.09
C ARG A 37 3.61 8.95 6.70
N TYR A 38 3.38 8.76 5.42
CA TYR A 38 2.08 8.33 4.95
C TYR A 38 1.83 6.86 5.28
N VAL A 39 2.91 6.09 5.48
CA VAL A 39 2.75 4.67 5.83
C VAL A 39 2.54 4.49 7.33
N ASN A 40 3.34 5.20 8.13
CA ASN A 40 3.28 5.09 9.58
C ASN A 40 2.00 5.66 10.18
N ARG A 41 1.45 6.70 9.55
CA ARG A 41 0.23 7.32 10.09
C ARG A 41 -1.04 6.56 9.72
N LEU A 42 -0.96 5.72 8.70
CA LEU A 42 -2.13 4.95 8.26
C LEU A 42 -2.57 3.94 9.31
N CYS A 43 -1.64 3.16 9.83
CA CYS A 43 -1.95 2.14 10.84
C CYS A 43 -2.84 2.72 11.93
N LYS A 44 -2.51 3.92 12.38
CA LYS A 44 -3.27 4.60 13.41
C LYS A 44 -4.55 5.20 12.84
N HIS A 45 -4.58 5.38 11.52
CA HIS A 45 -5.73 5.96 10.85
C HIS A 45 -6.81 4.92 10.55
N TRP A 46 -6.45 3.88 9.79
CA TRP A 46 -7.42 2.85 9.45
C TRP A 46 -7.51 1.77 10.53
N GLY A 47 -6.53 1.77 11.45
CA GLY A 47 -6.55 0.78 12.52
C GLY A 47 -7.69 0.97 13.49
N HIS A 48 -8.90 0.73 13.02
CA HIS A 48 -10.10 0.86 13.86
C HIS A 48 -10.72 -0.49 14.14
N LYS A 49 -10.61 -1.41 13.20
CA LYS A 49 -11.15 -2.75 13.35
C LYS A 49 -10.29 -3.77 12.60
N PHE A 50 -9.04 -3.41 12.34
CA PHE A 50 -8.12 -4.31 11.65
C PHE A 50 -6.73 -4.25 12.25
N GLU A 51 -5.96 -5.31 12.03
CA GLU A 51 -4.60 -5.37 12.55
C GLU A 51 -3.69 -4.50 11.70
N VAL A 52 -3.12 -3.48 12.32
CA VAL A 52 -2.25 -2.55 11.62
C VAL A 52 -0.90 -2.39 12.31
N GLU A 53 0.17 -2.81 11.63
CA GLU A 53 1.52 -2.71 12.17
C GLU A 53 2.17 -1.41 11.70
N LEU A 54 3.17 -0.94 12.44
CA LEU A 54 3.85 0.31 12.09
C LEU A 54 5.35 0.21 12.32
N THR A 55 6.11 0.19 11.24
CA THR A 55 7.56 0.15 11.30
C THR A 55 8.13 1.26 10.43
N PRO A 56 9.33 1.76 10.74
CA PRO A 56 9.95 2.83 9.95
C PRO A 56 10.44 2.30 8.62
N GLU A 57 9.52 1.68 7.89
CA GLU A 57 9.82 1.10 6.60
C GLU A 57 8.55 0.79 5.82
N ARG A 58 7.50 0.37 6.53
CA ARG A 58 6.24 0.04 5.89
C ARG A 58 5.11 -0.18 6.89
N GLY A 59 3.90 -0.27 6.35
CA GLY A 59 2.74 -0.52 7.17
C GLY A 59 2.15 -1.88 6.83
N PHE A 60 1.52 -2.55 7.79
CA PHE A 60 0.96 -3.86 7.54
C PHE A 60 -0.50 -3.91 7.99
N ILE A 61 -1.39 -4.12 7.03
CA ILE A 61 -2.82 -4.20 7.32
C ILE A 61 -3.41 -5.43 6.66
N ASP A 62 -3.67 -6.48 7.45
CA ASP A 62 -4.24 -7.71 6.90
C ASP A 62 -5.69 -7.86 7.30
N PHE A 63 -6.51 -8.18 6.30
CA PHE A 63 -7.94 -8.38 6.52
C PHE A 63 -8.27 -9.86 6.67
N GLY A 64 -7.23 -10.68 6.81
CA GLY A 64 -7.42 -12.11 6.95
C GLY A 64 -7.03 -12.85 5.68
N ASP A 65 -7.99 -13.06 4.79
CA ASP A 65 -7.72 -13.72 3.52
C ASP A 65 -7.30 -12.68 2.50
N SER A 66 -6.31 -11.88 2.88
CA SER A 66 -5.79 -10.79 2.04
C SER A 66 -4.98 -9.83 2.92
N ASN A 67 -4.05 -9.10 2.32
CA ASN A 67 -3.22 -8.17 3.09
C ASN A 67 -2.77 -7.00 2.22
N CYS A 68 -2.25 -5.95 2.84
CA CYS A 68 -1.79 -4.79 2.10
C CYS A 68 -0.65 -4.09 2.83
N GLU A 69 0.56 -4.30 2.35
CA GLU A 69 1.74 -3.69 2.95
C GLU A 69 2.22 -2.52 2.10
N LEU A 70 2.88 -1.56 2.71
CA LEU A 70 3.37 -0.39 1.96
C LEU A 70 4.73 0.05 2.43
N LEU A 71 5.69 0.08 1.51
CA LEU A 71 7.04 0.53 1.83
C LEU A 71 7.12 2.02 1.62
N ALA A 72 7.64 2.74 2.60
CA ALA A 72 7.71 4.19 2.49
C ALA A 72 9.03 4.78 2.95
N HIS A 73 9.80 5.26 1.99
CA HIS A 73 11.07 5.90 2.26
C HIS A 73 10.96 7.40 1.91
N PRO A 74 11.76 8.24 2.57
CA PRO A 74 11.76 9.69 2.37
C PRO A 74 11.64 10.14 0.91
N ASP A 75 11.98 9.27 -0.04
CA ASP A 75 11.90 9.66 -1.44
C ASP A 75 11.25 8.60 -2.33
N HIS A 76 10.93 7.44 -1.78
CA HIS A 76 10.29 6.41 -2.59
C HIS A 76 9.28 5.60 -1.78
N VAL A 77 8.32 4.98 -2.48
CA VAL A 77 7.29 4.19 -1.83
C VAL A 77 6.99 2.93 -2.61
N LEU A 78 6.87 1.82 -1.91
CA LEU A 78 6.56 0.54 -2.54
C LEU A 78 5.21 0.03 -2.05
N MET A 79 4.46 -0.60 -2.94
CA MET A 79 3.14 -1.10 -2.59
C MET A 79 3.01 -2.58 -2.94
N ILE A 80 2.86 -3.43 -1.92
CA ILE A 80 2.73 -4.86 -2.14
C ILE A 80 1.48 -5.41 -1.46
N LEU A 81 0.77 -6.29 -2.16
CA LEU A 81 -0.44 -6.89 -1.62
C LEU A 81 -0.31 -8.40 -1.55
N ASN A 82 -0.91 -9.00 -0.54
CA ASN A 82 -0.91 -10.44 -0.40
C ASN A 82 -2.34 -10.93 -0.35
N SER A 83 -2.82 -11.48 -1.46
CA SER A 83 -4.22 -11.95 -1.50
C SER A 83 -4.41 -13.17 -2.39
N PRO A 84 -5.17 -14.16 -1.88
CA PRO A 84 -5.47 -15.43 -2.59
C PRO A 84 -6.27 -15.25 -3.87
N ASP A 85 -6.83 -14.07 -4.10
CA ASP A 85 -7.60 -13.84 -5.32
C ASP A 85 -7.37 -12.43 -5.85
N GLU A 86 -7.52 -12.25 -7.17
CA GLU A 86 -7.28 -10.91 -7.76
C GLU A 86 -8.21 -9.86 -7.18
N ASP A 87 -9.50 -10.18 -7.02
CA ASP A 87 -10.44 -9.21 -6.44
C ASP A 87 -9.82 -8.60 -5.20
N SER A 88 -9.41 -9.47 -4.28
CA SER A 88 -8.73 -9.05 -3.06
C SER A 88 -7.42 -8.37 -3.44
N LEU A 89 -6.62 -9.12 -4.18
CA LEU A 89 -5.32 -8.66 -4.68
C LEU A 89 -5.38 -7.20 -5.14
N ALA A 90 -6.22 -6.93 -6.13
CA ALA A 90 -6.35 -5.57 -6.64
C ALA A 90 -6.94 -4.65 -5.58
N HIS A 91 -7.84 -5.20 -4.76
CA HIS A 91 -8.46 -4.42 -3.70
C HIS A 91 -7.40 -3.77 -2.82
N MET A 92 -6.31 -4.50 -2.59
CA MET A 92 -5.21 -3.99 -1.77
C MET A 92 -4.30 -3.05 -2.58
N GLN A 93 -3.72 -3.55 -3.69
CA GLN A 93 -2.82 -2.73 -4.50
C GLN A 93 -3.48 -1.41 -4.92
N ASN A 94 -4.81 -1.40 -5.01
CA ASN A 94 -5.54 -0.20 -5.39
C ASN A 94 -5.73 0.73 -4.20
N VAL A 95 -6.16 0.16 -3.07
CA VAL A 95 -6.38 0.93 -1.85
C VAL A 95 -5.20 1.85 -1.58
N VAL A 96 -3.99 1.35 -1.77
CA VAL A 96 -2.79 2.15 -1.55
C VAL A 96 -2.64 3.23 -2.61
N ALA A 97 -2.80 2.85 -3.89
CA ALA A 97 -2.69 3.80 -4.99
C ALA A 97 -3.54 5.03 -4.68
N ASP A 98 -4.58 4.82 -3.90
CA ASP A 98 -5.47 5.92 -3.51
C ASP A 98 -4.82 6.79 -2.44
N HIS A 99 -4.17 6.14 -1.47
CA HIS A 99 -3.51 6.86 -0.38
C HIS A 99 -2.45 7.81 -0.91
N LEU A 100 -1.67 7.35 -1.90
CA LEU A 100 -0.63 8.18 -2.49
C LEU A 100 -1.26 9.35 -3.25
N GLN A 101 -2.50 9.17 -3.69
CA GLN A 101 -3.21 10.20 -4.44
C GLN A 101 -3.67 11.36 -3.54
N ARG A 102 -4.19 11.02 -2.35
CA ARG A 102 -4.66 12.04 -1.42
C ARG A 102 -3.50 12.91 -0.95
N MET A 103 -2.35 12.27 -0.80
CA MET A 103 -1.16 12.97 -0.33
C MET A 103 -0.46 13.73 -1.47
N ALA A 104 -0.86 13.45 -2.70
CA ALA A 104 -0.27 14.11 -3.86
C ALA A 104 -1.36 14.58 -4.84
N ASN A 105 -1.86 15.79 -4.61
CA ASN A 105 -2.90 16.34 -5.47
C ASN A 105 -2.32 16.93 -6.75
N SER A 106 -2.69 16.35 -7.89
CA SER A 106 -2.21 16.81 -9.18
C SER A 106 -2.65 15.87 -10.29
N GLU A 107 -2.69 14.58 -9.98
CA GLU A 107 -3.09 13.56 -10.94
C GLU A 107 -3.44 12.26 -10.22
N SER A 108 -4.06 11.33 -10.95
CA SER A 108 -4.43 10.05 -10.36
C SER A 108 -3.17 9.20 -10.16
N LEU A 109 -2.34 9.62 -9.20
CA LEU A 109 -1.08 8.95 -8.85
C LEU A 109 -0.52 8.11 -9.99
N GLU A 110 0.55 8.58 -10.60
CA GLU A 110 1.18 7.82 -11.65
C GLU A 110 1.86 6.62 -11.01
N ILE A 111 1.20 5.47 -11.04
CA ILE A 111 1.74 4.27 -10.43
C ILE A 111 1.63 3.08 -11.38
N ALA A 112 2.72 2.35 -11.61
CA ALA A 112 2.66 1.19 -12.48
C ALA A 112 2.40 -0.05 -11.66
N TRP A 113 1.21 -0.61 -11.81
CA TRP A 113 0.83 -1.81 -11.08
C TRP A 113 1.06 -3.06 -11.92
N GLN A 114 1.70 -4.05 -11.33
CA GLN A 114 1.98 -5.31 -12.02
C GLN A 114 0.83 -6.29 -11.83
N PRO A 115 0.67 -7.24 -12.76
CA PRO A 115 -0.40 -8.23 -12.71
C PRO A 115 -0.51 -8.90 -11.35
N ALA A 116 0.65 -9.15 -10.73
CA ALA A 116 0.71 -9.79 -9.40
C ALA A 116 0.99 -11.29 -9.55
N GLU A 117 1.84 -11.64 -10.51
CA GLU A 117 2.19 -13.04 -10.74
C GLU A 117 3.65 -13.17 -11.16
N SER A 118 4.26 -14.29 -10.81
CA SER A 118 5.66 -14.55 -11.15
C SER A 118 5.77 -15.27 -12.49
N MET A 23 -2.70 -17.27 -3.36
CA MET A 23 -1.91 -16.12 -2.85
C MET A 23 -0.93 -15.59 -3.89
N PHE A 24 -1.38 -14.61 -4.64
CA PHE A 24 -0.56 -13.98 -5.67
C PHE A 24 0.08 -12.72 -5.11
N ARG A 25 1.02 -12.10 -5.84
CA ARG A 25 1.65 -10.89 -5.32
C ARG A 25 2.08 -9.94 -6.44
N SER A 26 1.59 -8.69 -6.34
CA SER A 26 1.92 -7.63 -7.28
C SER A 26 2.68 -6.53 -6.56
N THR A 27 3.36 -5.66 -7.31
CA THR A 27 4.11 -4.59 -6.68
C THR A 27 4.11 -3.31 -7.50
N SER A 28 3.72 -2.20 -6.86
CA SER A 28 3.69 -0.90 -7.51
C SER A 28 4.79 0.01 -6.97
N HIS A 29 5.52 0.68 -7.86
CA HIS A 29 6.60 1.59 -7.46
C HIS A 29 6.30 3.02 -7.89
N VAL A 30 6.47 3.97 -6.95
CA VAL A 30 6.21 5.38 -7.24
C VAL A 30 7.26 6.27 -6.56
N ARG A 31 7.49 7.46 -7.13
CA ARG A 31 8.45 8.38 -6.52
C ARG A 31 7.71 9.44 -5.70
N THR A 32 7.77 9.31 -4.38
CA THR A 32 7.10 10.25 -3.47
C THR A 32 8.04 10.74 -2.37
N GLU A 33 7.73 11.90 -1.80
CA GLU A 33 8.56 12.45 -0.72
C GLU A 33 7.88 12.30 0.66
N SER A 34 8.69 12.08 1.70
CA SER A 34 8.17 11.92 3.06
C SER A 34 7.19 10.75 3.15
N ALA A 35 7.39 9.79 2.26
CA ALA A 35 6.54 8.59 2.21
C ALA A 35 6.39 7.89 3.55
N ALA A 36 7.51 7.57 4.18
CA ALA A 36 7.52 6.84 5.45
C ALA A 36 6.45 7.31 6.44
N ARG A 37 6.02 8.56 6.34
CA ARG A 37 5.00 9.07 7.27
C ARG A 37 3.59 8.68 6.83
N TYR A 38 3.34 8.69 5.54
CA TYR A 38 2.01 8.33 5.04
C TYR A 38 1.74 6.86 5.31
N VAL A 39 2.79 6.05 5.45
CA VAL A 39 2.62 4.63 5.75
C VAL A 39 2.37 4.45 7.24
N ASN A 40 3.18 5.13 8.06
CA ASN A 40 3.07 5.04 9.50
C ASN A 40 1.80 5.69 10.02
N ARG A 41 1.27 6.65 9.27
CA ARG A 41 0.06 7.36 9.69
C ARG A 41 -1.21 6.57 9.38
N LEU A 42 -1.13 5.59 8.49
CA LEU A 42 -2.30 4.80 8.12
C LEU A 42 -2.73 3.86 9.24
N CYS A 43 -1.76 3.15 9.82
CA CYS A 43 -2.07 2.20 10.89
C CYS A 43 -2.89 2.85 12.00
N LYS A 44 -2.57 4.09 12.31
CA LYS A 44 -3.28 4.81 13.36
C LYS A 44 -4.62 5.33 12.85
N HIS A 45 -4.73 5.45 11.52
CA HIS A 45 -5.95 5.93 10.90
C HIS A 45 -6.98 4.83 10.67
N TRP A 46 -6.63 3.83 9.87
CA TRP A 46 -7.55 2.74 9.57
C TRP A 46 -7.52 1.68 10.67
N GLY A 47 -6.55 1.76 11.58
CA GLY A 47 -6.46 0.79 12.65
C GLY A 47 -7.58 0.93 13.66
N HIS A 48 -8.81 0.70 13.21
CA HIS A 48 -9.96 0.81 14.08
C HIS A 48 -10.58 -0.57 14.34
N LYS A 49 -10.39 -1.49 13.40
CA LYS A 49 -10.94 -2.83 13.55
C LYS A 49 -10.11 -3.84 12.75
N PHE A 50 -8.85 -3.50 12.48
CA PHE A 50 -7.99 -4.39 11.73
C PHE A 50 -6.57 -4.41 12.28
N GLU A 51 -5.79 -5.41 11.87
CA GLU A 51 -4.42 -5.53 12.34
C GLU A 51 -3.50 -4.63 11.53
N VAL A 52 -3.14 -3.49 12.13
CA VAL A 52 -2.27 -2.53 11.46
C VAL A 52 -0.93 -2.37 12.18
N GLU A 53 0.14 -2.83 11.54
CA GLU A 53 1.49 -2.73 12.10
C GLU A 53 2.15 -1.45 11.63
N LEU A 54 3.14 -0.98 12.38
CA LEU A 54 3.84 0.25 12.03
C LEU A 54 5.35 0.15 12.24
N THR A 55 6.09 0.11 11.14
CA THR A 55 7.54 0.05 11.20
C THR A 55 8.11 1.18 10.36
N PRO A 56 9.31 1.67 10.67
CA PRO A 56 9.92 2.76 9.90
C PRO A 56 10.41 2.26 8.55
N GLU A 57 9.50 1.60 7.84
CA GLU A 57 9.80 1.05 6.53
C GLU A 57 8.51 0.77 5.75
N ARG A 58 7.47 0.34 6.44
CA ARG A 58 6.20 0.02 5.80
C ARG A 58 5.09 -0.21 6.81
N GLY A 59 3.87 -0.30 6.28
CA GLY A 59 2.71 -0.54 7.10
C GLY A 59 2.14 -1.92 6.77
N PHE A 60 1.53 -2.58 7.74
CA PHE A 60 0.98 -3.90 7.51
C PHE A 60 -0.48 -3.93 7.94
N ILE A 61 -1.37 -4.12 6.98
CA ILE A 61 -2.80 -4.16 7.26
C ILE A 61 -3.43 -5.40 6.63
N ASP A 62 -3.82 -6.37 7.45
CA ASP A 62 -4.45 -7.58 6.94
C ASP A 62 -5.96 -7.55 7.18
N PHE A 63 -6.71 -7.84 6.14
CA PHE A 63 -8.16 -7.84 6.22
C PHE A 63 -8.69 -9.25 6.48
N GLY A 64 -7.77 -10.19 6.72
CA GLY A 64 -8.15 -11.56 6.97
C GLY A 64 -7.60 -12.50 5.91
N ASP A 65 -8.39 -12.73 4.87
CA ASP A 65 -7.97 -13.61 3.77
C ASP A 65 -7.26 -12.79 2.69
N SER A 66 -6.31 -11.97 3.14
CA SER A 66 -5.53 -11.11 2.24
C SER A 66 -4.71 -10.14 3.09
N ASN A 67 -3.98 -9.22 2.44
CA ASN A 67 -3.16 -8.27 3.17
C ASN A 67 -2.77 -7.10 2.27
N CYS A 68 -2.22 -6.04 2.86
CA CYS A 68 -1.80 -4.88 2.11
C CYS A 68 -0.66 -4.17 2.81
N GLU A 69 0.55 -4.37 2.32
CA GLU A 69 1.74 -3.76 2.90
C GLU A 69 2.21 -2.60 2.03
N LEU A 70 2.84 -1.60 2.65
CA LEU A 70 3.31 -0.45 1.89
C LEU A 70 4.67 0.01 2.36
N LEU A 71 5.63 0.03 1.44
CA LEU A 71 6.98 0.51 1.76
C LEU A 71 7.06 1.99 1.51
N ALA A 72 7.57 2.73 2.47
CA ALA A 72 7.64 4.18 2.32
C ALA A 72 8.92 4.76 2.89
N HIS A 73 9.76 5.29 1.99
CA HIS A 73 11.00 5.93 2.36
C HIS A 73 10.88 7.43 2.07
N PRO A 74 11.79 8.24 2.62
CA PRO A 74 11.79 9.70 2.45
C PRO A 74 11.59 10.18 1.02
N ASP A 75 11.85 9.33 0.03
CA ASP A 75 11.70 9.74 -1.36
C ASP A 75 11.11 8.66 -2.27
N HIS A 76 10.77 7.49 -1.73
CA HIS A 76 10.17 6.46 -2.56
C HIS A 76 9.16 5.63 -1.78
N VAL A 77 8.23 4.98 -2.51
CA VAL A 77 7.21 4.17 -1.87
C VAL A 77 6.92 2.91 -2.68
N LEU A 78 6.78 1.80 -1.98
CA LEU A 78 6.48 0.52 -2.62
C LEU A 78 5.14 0.00 -2.12
N MET A 79 4.41 -0.68 -2.99
CA MET A 79 3.10 -1.20 -2.64
C MET A 79 2.99 -2.69 -2.97
N ILE A 80 2.86 -3.53 -1.94
CA ILE A 80 2.75 -4.97 -2.12
C ILE A 80 1.50 -5.51 -1.45
N LEU A 81 0.80 -6.41 -2.12
CA LEU A 81 -0.40 -7.02 -1.56
C LEU A 81 -0.28 -8.53 -1.49
N ASN A 82 -0.88 -9.11 -0.47
CA ASN A 82 -0.90 -10.56 -0.31
C ASN A 82 -2.34 -11.02 -0.28
N SER A 83 -2.80 -11.58 -1.40
CA SER A 83 -4.21 -12.02 -1.48
C SER A 83 -4.39 -13.28 -2.32
N PRO A 84 -5.21 -14.23 -1.82
CA PRO A 84 -5.50 -15.50 -2.52
C PRO A 84 -6.36 -15.33 -3.77
N ASP A 85 -6.86 -14.13 -4.01
CA ASP A 85 -7.70 -13.90 -5.18
C ASP A 85 -7.40 -12.51 -5.78
N GLU A 86 -7.49 -12.39 -7.11
CA GLU A 86 -7.21 -11.08 -7.74
C GLU A 86 -8.15 -10.00 -7.22
N ASP A 87 -9.44 -10.31 -7.06
CA ASP A 87 -10.38 -9.33 -6.53
C ASP A 87 -9.78 -8.69 -5.29
N SER A 88 -9.40 -9.55 -4.34
CA SER A 88 -8.74 -9.10 -3.12
C SER A 88 -7.44 -8.42 -3.49
N LEU A 89 -6.61 -9.17 -4.20
CA LEU A 89 -5.31 -8.72 -4.69
C LEU A 89 -5.36 -7.28 -5.20
N ALA A 90 -6.18 -7.02 -6.20
CA ALA A 90 -6.30 -5.68 -6.75
C ALA A 90 -6.90 -4.73 -5.72
N HIS A 91 -7.85 -5.24 -4.94
CA HIS A 91 -8.48 -4.45 -3.90
C HIS A 91 -7.42 -3.85 -2.98
N MET A 92 -6.39 -4.63 -2.71
CA MET A 92 -5.30 -4.18 -1.85
C MET A 92 -4.31 -3.28 -2.61
N GLN A 93 -3.73 -3.79 -3.70
CA GLN A 93 -2.77 -2.99 -4.49
C GLN A 93 -3.37 -1.66 -4.95
N ASN A 94 -4.69 -1.61 -5.12
CA ASN A 94 -5.35 -0.39 -5.56
C ASN A 94 -5.61 0.55 -4.39
N VAL A 95 -6.11 0.00 -3.28
CA VAL A 95 -6.39 0.80 -2.09
C VAL A 95 -5.23 1.74 -1.77
N VAL A 96 -4.01 1.24 -1.94
CA VAL A 96 -2.82 2.06 -1.68
C VAL A 96 -2.61 3.11 -2.76
N ALA A 97 -2.73 2.71 -4.03
CA ALA A 97 -2.57 3.64 -5.15
C ALA A 97 -3.39 4.89 -4.91
N ASP A 98 -4.47 4.73 -4.14
CA ASP A 98 -5.35 5.84 -3.81
C ASP A 98 -4.74 6.71 -2.71
N HIS A 99 -4.15 6.07 -1.70
CA HIS A 99 -3.54 6.79 -0.59
C HIS A 99 -2.45 7.74 -1.07
N LEU A 100 -1.63 7.29 -2.02
CA LEU A 100 -0.55 8.10 -2.56
C LEU A 100 -1.10 9.31 -3.33
N GLN A 101 -2.36 9.23 -3.74
CA GLN A 101 -2.97 10.33 -4.51
C GLN A 101 -3.40 11.50 -3.63
N ARG A 102 -4.16 11.24 -2.56
CA ARG A 102 -4.62 12.31 -1.69
C ARG A 102 -3.43 12.98 -1.01
N MET A 103 -2.38 12.20 -0.76
CA MET A 103 -1.19 12.74 -0.12
C MET A 103 -0.33 13.53 -1.10
N ALA A 104 -0.60 13.37 -2.39
CA ALA A 104 0.15 14.08 -3.42
C ALA A 104 -0.65 15.25 -3.99
N ASN A 105 -1.93 15.00 -4.27
CA ASN A 105 -2.81 16.02 -4.82
C ASN A 105 -2.27 16.59 -6.12
N SER A 106 -2.81 16.12 -7.24
CA SER A 106 -2.39 16.58 -8.56
C SER A 106 -3.00 15.72 -9.65
N GLU A 107 -2.45 14.52 -9.84
CA GLU A 107 -2.95 13.59 -10.85
C GLU A 107 -3.31 12.26 -10.21
N SER A 108 -3.92 11.37 -10.99
CA SER A 108 -4.29 10.07 -10.46
C SER A 108 -3.04 9.21 -10.26
N LEU A 109 -2.25 9.60 -9.26
CA LEU A 109 -0.99 8.91 -8.90
C LEU A 109 -0.43 8.06 -10.04
N GLU A 110 0.63 8.53 -10.67
CA GLU A 110 1.25 7.75 -11.72
C GLU A 110 1.92 6.54 -11.07
N ILE A 111 1.24 5.41 -11.10
CA ILE A 111 1.77 4.20 -10.49
C ILE A 111 1.65 3.00 -11.44
N ALA A 112 2.74 2.27 -11.66
CA ALA A 112 2.67 1.11 -12.52
C ALA A 112 2.42 -0.14 -11.69
N TRP A 113 1.23 -0.70 -11.82
CA TRP A 113 0.85 -1.90 -11.08
C TRP A 113 1.11 -3.15 -11.90
N GLN A 114 1.74 -4.14 -11.26
CA GLN A 114 2.05 -5.40 -11.93
C GLN A 114 0.89 -6.38 -11.77
N PRO A 115 0.73 -7.31 -12.72
CA PRO A 115 -0.34 -8.31 -12.69
C PRO A 115 -0.47 -9.01 -11.34
N ALA A 116 0.68 -9.28 -10.71
CA ALA A 116 0.73 -9.96 -9.41
C ALA A 116 1.02 -11.44 -9.58
N GLU A 117 1.85 -11.77 -10.57
CA GLU A 117 2.21 -13.16 -10.83
C GLU A 117 3.70 -13.30 -11.12
N SER A 118 4.51 -12.61 -10.34
CA SER A 118 5.96 -12.65 -10.50
C SER A 118 6.67 -12.71 -9.15
N MET A 23 -2.11 -17.12 -3.03
CA MET A 23 -1.56 -15.78 -2.65
C MET A 23 -0.55 -15.27 -3.67
N PHE A 24 -1.07 -14.52 -4.63
CA PHE A 24 -0.24 -13.93 -5.68
C PHE A 24 0.37 -12.64 -5.15
N ARG A 25 1.31 -12.04 -5.88
CA ARG A 25 1.92 -10.80 -5.39
C ARG A 25 2.33 -9.85 -6.51
N SER A 26 1.82 -8.62 -6.42
CA SER A 26 2.12 -7.55 -7.37
C SER A 26 2.88 -6.44 -6.66
N THR A 27 3.51 -5.54 -7.40
CA THR A 27 4.25 -4.46 -6.76
C THR A 27 4.19 -3.16 -7.57
N SER A 28 3.76 -2.10 -6.90
CA SER A 28 3.68 -0.77 -7.53
C SER A 28 4.77 0.15 -6.98
N HIS A 29 5.53 0.78 -7.88
CA HIS A 29 6.61 1.68 -7.48
C HIS A 29 6.32 3.12 -7.91
N VAL A 30 6.44 4.06 -6.96
CA VAL A 30 6.19 5.47 -7.24
C VAL A 30 7.21 6.36 -6.55
N ARG A 31 7.46 7.56 -7.11
CA ARG A 31 8.41 8.47 -6.47
C ARG A 31 7.66 9.52 -5.65
N THR A 32 7.73 9.39 -4.34
CA THR A 32 7.06 10.31 -3.42
C THR A 32 8.00 10.82 -2.33
N GLU A 33 7.70 11.97 -1.74
CA GLU A 33 8.53 12.52 -0.66
C GLU A 33 7.86 12.35 0.71
N SER A 34 8.67 12.11 1.74
CA SER A 34 8.16 11.94 3.10
C SER A 34 7.22 10.76 3.20
N ALA A 35 7.37 9.82 2.29
CA ALA A 35 6.53 8.61 2.25
C ALA A 35 6.45 7.91 3.61
N ALA A 36 7.60 7.58 4.18
CA ALA A 36 7.67 6.86 5.46
C ALA A 36 6.66 7.36 6.50
N ARG A 37 6.21 8.59 6.37
CA ARG A 37 5.25 9.15 7.34
C ARG A 37 3.84 8.66 7.10
N TYR A 38 3.42 8.63 5.84
CA TYR A 38 2.06 8.18 5.55
C TYR A 38 1.95 6.72 5.94
N VAL A 39 2.99 5.93 5.69
CA VAL A 39 2.97 4.53 6.09
C VAL A 39 2.75 4.44 7.58
N ASN A 40 3.47 5.28 8.33
CA ASN A 40 3.34 5.30 9.77
C ASN A 40 2.01 5.93 10.20
N ARG A 41 1.50 6.89 9.41
CA ARG A 41 0.25 7.56 9.75
C ARG A 41 -0.99 6.76 9.32
N LEU A 42 -0.82 5.85 8.36
CA LEU A 42 -1.95 5.06 7.88
C LEU A 42 -2.43 4.06 8.94
N CYS A 43 -1.49 3.35 9.55
CA CYS A 43 -1.85 2.37 10.58
C CYS A 43 -2.66 3.03 11.68
N LYS A 44 -2.24 4.24 12.05
CA LYS A 44 -2.93 4.99 13.09
C LYS A 44 -4.23 5.60 12.53
N HIS A 45 -4.28 5.72 11.21
CA HIS A 45 -5.44 6.29 10.54
C HIS A 45 -6.54 5.26 10.31
N TRP A 46 -6.26 4.25 9.50
CA TRP A 46 -7.25 3.22 9.20
C TRP A 46 -7.29 2.13 10.29
N GLY A 47 -6.34 2.17 11.22
CA GLY A 47 -6.30 1.17 12.28
C GLY A 47 -7.45 1.35 13.27
N HIS A 48 -8.67 1.17 12.79
CA HIS A 48 -9.85 1.29 13.65
C HIS A 48 -10.48 -0.07 13.87
N LYS A 49 -10.34 -0.96 12.88
CA LYS A 49 -10.90 -2.31 12.97
C LYS A 49 -10.10 -3.26 12.09
N PHE A 50 -8.80 -2.97 11.95
CA PHE A 50 -7.93 -3.80 11.14
C PHE A 50 -6.56 -3.97 11.80
N GLU A 51 -5.93 -5.11 11.56
CA GLU A 51 -4.60 -5.36 12.12
C GLU A 51 -3.56 -4.55 11.38
N VAL A 52 -3.29 -3.34 11.87
CA VAL A 52 -2.33 -2.45 11.23
C VAL A 52 -1.01 -2.38 12.01
N GLU A 53 0.06 -2.85 11.38
CA GLU A 53 1.38 -2.83 12.01
C GLU A 53 2.15 -1.58 11.54
N LEU A 54 3.12 -1.17 12.34
CA LEU A 54 3.91 0.02 12.00
C LEU A 54 5.39 -0.21 12.26
N THR A 55 6.16 -0.32 11.19
CA THR A 55 7.61 -0.51 11.28
C THR A 55 8.30 0.58 10.48
N PRO A 56 9.54 0.94 10.83
CA PRO A 56 10.29 1.96 10.11
C PRO A 56 10.72 1.48 8.74
N GLU A 57 9.76 0.98 7.98
CA GLU A 57 10.02 0.46 6.65
C GLU A 57 8.72 0.30 5.87
N ARG A 58 7.64 -0.10 6.54
CA ARG A 58 6.36 -0.29 5.88
C ARG A 58 5.23 -0.52 6.85
N GLY A 59 4.02 -0.47 6.32
CA GLY A 59 2.84 -0.71 7.11
C GLY A 59 2.17 -2.02 6.69
N PHE A 60 1.62 -2.76 7.64
CA PHE A 60 0.96 -4.03 7.34
C PHE A 60 -0.51 -3.95 7.70
N ILE A 61 -1.36 -4.01 6.69
CA ILE A 61 -2.80 -3.96 6.90
C ILE A 61 -3.48 -5.13 6.21
N ASP A 62 -3.86 -6.15 6.97
CA ASP A 62 -4.49 -7.33 6.38
C ASP A 62 -5.91 -7.55 6.88
N PHE A 63 -6.76 -7.97 5.97
CA PHE A 63 -8.17 -8.26 6.28
C PHE A 63 -8.29 -9.71 6.77
N GLY A 64 -7.19 -10.44 6.70
CA GLY A 64 -7.18 -11.83 7.12
C GLY A 64 -6.45 -12.71 6.12
N ASP A 65 -7.20 -13.36 5.24
CA ASP A 65 -6.61 -14.22 4.22
C ASP A 65 -5.83 -13.37 3.23
N SER A 66 -6.27 -12.13 3.05
CA SER A 66 -5.63 -11.17 2.15
C SER A 66 -4.84 -10.16 2.97
N ASN A 67 -3.98 -9.35 2.33
CA ASN A 67 -3.18 -8.39 3.06
C ASN A 67 -2.79 -7.20 2.19
N CYS A 68 -2.26 -6.15 2.81
CA CYS A 68 -1.85 -4.97 2.06
C CYS A 68 -0.70 -4.26 2.78
N GLU A 69 0.51 -4.46 2.27
CA GLU A 69 1.71 -3.85 2.85
C GLU A 69 2.10 -2.61 2.06
N LEU A 70 2.80 -1.67 2.69
CA LEU A 70 3.20 -0.44 2.02
C LEU A 70 4.61 -0.01 2.45
N LEU A 71 5.52 0.10 1.48
CA LEU A 71 6.89 0.54 1.76
C LEU A 71 6.98 2.03 1.53
N ALA A 72 7.56 2.76 2.46
CA ALA A 72 7.65 4.20 2.33
C ALA A 72 8.94 4.78 2.88
N HIS A 73 9.75 5.33 1.98
CA HIS A 73 11.00 5.96 2.35
C HIS A 73 10.87 7.46 2.07
N PRO A 74 11.77 8.28 2.65
CA PRO A 74 11.76 9.74 2.49
C PRO A 74 11.57 10.23 1.05
N ASP A 75 11.82 9.38 0.07
CA ASP A 75 11.67 9.80 -1.32
C ASP A 75 11.07 8.74 -2.24
N HIS A 76 10.77 7.56 -1.71
CA HIS A 76 10.16 6.53 -2.54
C HIS A 76 9.14 5.69 -1.76
N VAL A 77 8.21 5.07 -2.48
CA VAL A 77 7.18 4.25 -1.85
C VAL A 77 6.91 3.00 -2.67
N LEU A 78 6.77 1.88 -1.99
CA LEU A 78 6.51 0.60 -2.65
C LEU A 78 5.18 0.04 -2.16
N MET A 79 4.44 -0.60 -3.07
CA MET A 79 3.14 -1.16 -2.72
C MET A 79 3.09 -2.64 -3.05
N ILE A 80 3.00 -3.49 -2.03
CA ILE A 80 2.94 -4.92 -2.22
C ILE A 80 1.70 -5.49 -1.54
N LEU A 81 1.03 -6.41 -2.21
CA LEU A 81 -0.17 -7.03 -1.65
C LEU A 81 -0.04 -8.53 -1.57
N ASN A 82 -0.65 -9.12 -0.55
CA ASN A 82 -0.65 -10.56 -0.40
C ASN A 82 -2.09 -11.04 -0.37
N SER A 83 -2.55 -11.59 -1.48
CA SER A 83 -3.94 -12.05 -1.55
C SER A 83 -4.11 -13.31 -2.39
N PRO A 84 -4.86 -14.29 -1.87
CA PRO A 84 -5.13 -15.58 -2.54
C PRO A 84 -5.96 -15.45 -3.82
N ASP A 85 -6.50 -14.26 -4.09
CA ASP A 85 -7.31 -14.07 -5.29
C ASP A 85 -7.04 -12.68 -5.89
N GLU A 86 -7.13 -12.57 -7.22
CA GLU A 86 -6.89 -11.27 -7.87
C GLU A 86 -7.86 -10.20 -7.36
N ASP A 87 -9.14 -10.56 -7.22
CA ASP A 87 -10.12 -9.60 -6.71
C ASP A 87 -9.56 -8.94 -5.46
N SER A 88 -9.17 -9.78 -4.50
CA SER A 88 -8.55 -9.31 -3.27
C SER A 88 -7.26 -8.59 -3.63
N LEU A 89 -6.40 -9.31 -4.32
CA LEU A 89 -5.10 -8.82 -4.79
C LEU A 89 -5.19 -7.39 -5.29
N ALA A 90 -6.02 -7.15 -6.30
CA ALA A 90 -6.17 -5.81 -6.84
C ALA A 90 -6.81 -4.89 -5.80
N HIS A 91 -7.71 -5.45 -4.98
CA HIS A 91 -8.37 -4.69 -3.94
C HIS A 91 -7.32 -4.06 -3.02
N MET A 92 -6.26 -4.80 -2.77
CA MET A 92 -5.17 -4.32 -1.90
C MET A 92 -4.25 -3.36 -2.65
N GLN A 93 -3.66 -3.82 -3.76
CA GLN A 93 -2.74 -2.98 -4.54
C GLN A 93 -3.40 -1.65 -4.95
N ASN A 94 -4.71 -1.66 -5.13
CA ASN A 94 -5.44 -0.45 -5.52
C ASN A 94 -5.69 0.46 -4.31
N VAL A 95 -6.08 -0.15 -3.19
CA VAL A 95 -6.35 0.60 -1.97
C VAL A 95 -5.24 1.60 -1.69
N VAL A 96 -3.99 1.16 -1.85
CA VAL A 96 -2.85 2.03 -1.63
C VAL A 96 -2.76 3.12 -2.70
N ALA A 97 -2.90 2.73 -3.97
CA ALA A 97 -2.85 3.68 -5.07
C ALA A 97 -3.73 4.89 -4.77
N ASP A 98 -4.75 4.67 -3.95
CA ASP A 98 -5.67 5.72 -3.55
C ASP A 98 -5.04 6.61 -2.48
N HIS A 99 -4.35 5.99 -1.53
CA HIS A 99 -3.71 6.72 -0.44
C HIS A 99 -2.66 7.70 -0.96
N LEU A 100 -1.85 7.26 -1.93
CA LEU A 100 -0.82 8.12 -2.50
C LEU A 100 -1.45 9.34 -3.17
N GLN A 101 -2.70 9.19 -3.63
CA GLN A 101 -3.40 10.27 -4.29
C GLN A 101 -3.81 11.35 -3.28
N ARG A 102 -4.51 10.94 -2.23
CA ARG A 102 -4.96 11.86 -1.20
C ARG A 102 -3.80 12.71 -0.67
N MET A 103 -2.63 12.10 -0.56
CA MET A 103 -1.45 12.81 -0.07
C MET A 103 -0.77 13.62 -1.16
N ALA A 104 -1.14 13.36 -2.42
CA ALA A 104 -0.55 14.09 -3.54
C ALA A 104 -1.63 14.57 -4.51
N ASN A 105 -1.93 15.87 -4.45
CA ASN A 105 -2.95 16.45 -5.31
C ASN A 105 -2.32 17.10 -6.55
N SER A 106 -2.55 16.49 -7.71
CA SER A 106 -2.01 17.01 -8.96
C SER A 106 -2.39 16.11 -10.13
N GLU A 107 -2.38 14.81 -9.89
CA GLU A 107 -2.73 13.84 -10.93
C GLU A 107 -3.18 12.53 -10.30
N SER A 108 -3.79 11.66 -11.10
CA SER A 108 -4.25 10.37 -10.61
C SER A 108 -3.06 9.46 -10.36
N LEU A 109 -2.29 9.79 -9.32
CA LEU A 109 -1.08 9.04 -8.93
C LEU A 109 -0.51 8.19 -10.05
N GLU A 110 0.60 8.64 -10.62
CA GLU A 110 1.25 7.86 -11.65
C GLU A 110 1.86 6.63 -10.99
N ILE A 111 1.16 5.52 -11.08
CA ILE A 111 1.64 4.29 -10.47
C ILE A 111 1.53 3.11 -11.44
N ALA A 112 2.62 2.36 -11.64
CA ALA A 112 2.57 1.22 -12.52
C ALA A 112 2.36 -0.04 -11.71
N TRP A 113 1.18 -0.63 -11.86
CA TRP A 113 0.84 -1.85 -11.14
C TRP A 113 1.17 -3.08 -11.96
N GLN A 114 1.81 -4.05 -11.31
CA GLN A 114 2.19 -5.29 -11.97
C GLN A 114 1.06 -6.32 -11.85
N PRO A 115 0.99 -7.28 -12.80
CA PRO A 115 -0.04 -8.31 -12.81
C PRO A 115 -0.19 -9.00 -11.46
N ALA A 116 0.95 -9.25 -10.80
CA ALA A 116 0.97 -9.92 -9.49
C ALA A 116 1.24 -11.42 -9.65
N GLU A 117 1.92 -11.78 -10.74
CA GLU A 117 2.23 -13.18 -11.00
C GLU A 117 0.95 -14.02 -11.11
N SER A 118 1.11 -15.33 -11.11
CA SER A 118 -0.03 -16.23 -11.21
C SER A 118 0.39 -17.68 -10.96
N MET A 23 -2.42 -17.40 -3.51
CA MET A 23 -1.67 -16.23 -2.99
C MET A 23 -0.68 -15.69 -4.02
N PHE A 24 -1.15 -14.73 -4.79
CA PHE A 24 -0.33 -14.08 -5.82
C PHE A 24 0.26 -12.81 -5.25
N ARG A 25 1.18 -12.17 -5.97
CA ARG A 25 1.78 -10.95 -5.46
C ARG A 25 2.18 -9.97 -6.57
N SER A 26 1.67 -8.75 -6.46
CA SER A 26 1.95 -7.67 -7.40
C SER A 26 2.69 -6.55 -6.66
N THR A 27 3.33 -5.65 -7.39
CA THR A 27 4.04 -4.57 -6.74
C THR A 27 3.99 -3.28 -7.55
N SER A 28 3.63 -2.18 -6.88
CA SER A 28 3.57 -0.86 -7.52
C SER A 28 4.66 0.05 -6.98
N HIS A 29 5.42 0.66 -7.88
CA HIS A 29 6.51 1.58 -7.48
C HIS A 29 6.22 3.02 -7.92
N VAL A 30 6.36 3.95 -6.98
CA VAL A 30 6.11 5.36 -7.27
C VAL A 30 7.15 6.26 -6.60
N ARG A 31 7.40 7.44 -7.15
CA ARG A 31 8.37 8.36 -6.54
C ARG A 31 7.63 9.43 -5.73
N THR A 32 7.70 9.30 -4.40
CA THR A 32 7.05 10.24 -3.49
C THR A 32 8.02 10.73 -2.41
N GLU A 33 7.74 11.90 -1.83
CA GLU A 33 8.59 12.44 -0.76
C GLU A 33 7.93 12.31 0.62
N SER A 34 8.74 12.13 1.66
CA SER A 34 8.25 11.98 3.03
C SER A 34 7.26 10.81 3.12
N ALA A 35 7.43 9.85 2.24
CA ALA A 35 6.57 8.66 2.21
C ALA A 35 6.45 7.96 3.57
N ALA A 36 7.59 7.64 4.16
CA ALA A 36 7.63 6.91 5.44
C ALA A 36 6.60 7.41 6.46
N ARG A 37 6.18 8.66 6.36
CA ARG A 37 5.20 9.21 7.30
C ARG A 37 3.78 8.80 6.92
N TYR A 38 3.49 8.82 5.63
CA TYR A 38 2.15 8.44 5.18
C TYR A 38 1.91 6.97 5.50
N VAL A 39 2.98 6.18 5.55
CA VAL A 39 2.84 4.76 5.89
C VAL A 39 2.56 4.62 7.38
N ASN A 40 3.33 5.34 8.19
CA ASN A 40 3.15 5.29 9.64
C ASN A 40 1.83 5.94 10.06
N ARG A 41 1.35 6.90 9.27
CA ARG A 41 0.10 7.58 9.59
C ARG A 41 -1.13 6.73 9.24
N LEU A 42 -0.94 5.73 8.39
CA LEU A 42 -2.05 4.87 7.98
C LEU A 42 -2.51 3.96 9.12
N CYS A 43 -1.57 3.31 9.79
CA CYS A 43 -1.91 2.42 10.88
C CYS A 43 -2.73 3.15 11.93
N LYS A 44 -2.37 4.41 12.16
CA LYS A 44 -3.08 5.23 13.13
C LYS A 44 -4.37 5.80 12.52
N HIS A 45 -4.41 5.83 11.18
CA HIS A 45 -5.57 6.36 10.47
C HIS A 45 -6.66 5.30 10.28
N TRP A 46 -6.33 4.22 9.57
CA TRP A 46 -7.30 3.17 9.31
C TRP A 46 -7.25 2.06 10.37
N GLY A 47 -6.23 2.08 11.23
CA GLY A 47 -6.12 1.07 12.26
C GLY A 47 -7.17 1.22 13.35
N HIS A 48 -8.44 1.14 12.96
CA HIS A 48 -9.53 1.26 13.91
C HIS A 48 -10.25 -0.07 14.09
N LYS A 49 -10.21 -0.89 13.04
CA LYS A 49 -10.85 -2.21 13.07
C LYS A 49 -10.05 -3.18 12.20
N PHE A 50 -8.75 -2.94 12.08
CA PHE A 50 -7.89 -3.78 11.27
C PHE A 50 -6.55 -3.99 11.95
N GLU A 51 -5.94 -5.15 11.70
CA GLU A 51 -4.65 -5.46 12.28
C GLU A 51 -3.56 -4.71 11.53
N VAL A 52 -3.26 -3.49 11.96
CA VAL A 52 -2.25 -2.69 11.29
C VAL A 52 -0.98 -2.53 12.12
N GLU A 53 0.16 -2.89 11.53
CA GLU A 53 1.45 -2.77 12.20
C GLU A 53 2.17 -1.52 11.70
N LEU A 54 3.09 -1.01 12.49
CA LEU A 54 3.83 0.19 12.11
C LEU A 54 5.32 0.04 12.39
N THR A 55 6.09 -0.08 11.32
CA THR A 55 7.54 -0.20 11.42
C THR A 55 8.18 0.86 10.53
N PRO A 56 9.48 1.14 10.72
CA PRO A 56 10.17 2.14 9.91
C PRO A 56 10.54 1.59 8.54
N GLU A 57 9.54 1.02 7.88
CA GLU A 57 9.74 0.43 6.56
C GLU A 57 8.42 0.35 5.79
N ARG A 58 7.32 0.00 6.48
CA ARG A 58 6.04 -0.12 5.81
C ARG A 58 4.88 -0.29 6.79
N GLY A 59 3.68 -0.18 6.24
CA GLY A 59 2.48 -0.36 7.03
C GLY A 59 1.79 -1.67 6.65
N PHE A 60 1.57 -2.56 7.62
CA PHE A 60 0.95 -3.84 7.35
C PHE A 60 -0.52 -3.80 7.72
N ILE A 61 -1.39 -3.96 6.73
CA ILE A 61 -2.82 -3.95 6.98
C ILE A 61 -3.45 -5.17 6.34
N ASP A 62 -3.80 -6.18 7.15
CA ASP A 62 -4.39 -7.40 6.62
C ASP A 62 -5.83 -7.61 7.06
N PHE A 63 -6.64 -8.03 6.11
CA PHE A 63 -8.06 -8.30 6.34
C PHE A 63 -8.27 -9.75 6.76
N GLY A 64 -7.16 -10.48 6.89
CA GLY A 64 -7.23 -11.89 7.26
C GLY A 64 -6.85 -12.78 6.10
N ASP A 65 -7.79 -13.02 5.20
CA ASP A 65 -7.53 -13.84 4.01
C ASP A 65 -7.10 -12.94 2.87
N SER A 66 -6.13 -12.07 3.17
CA SER A 66 -5.60 -11.09 2.22
C SER A 66 -4.84 -10.03 3.02
N ASN A 67 -3.92 -9.31 2.37
CA ASN A 67 -3.16 -8.29 3.09
C ASN A 67 -2.75 -7.15 2.16
N CYS A 68 -2.21 -6.09 2.75
CA CYS A 68 -1.79 -4.94 1.97
C CYS A 68 -0.69 -4.16 2.70
N GLU A 69 0.55 -4.37 2.26
CA GLU A 69 1.70 -3.70 2.86
C GLU A 69 2.07 -2.45 2.05
N LEU A 70 2.69 -1.48 2.70
CA LEU A 70 3.07 -0.24 2.01
C LEU A 70 4.45 0.22 2.44
N LEU A 71 5.41 0.14 1.51
CA LEU A 71 6.78 0.57 1.81
C LEU A 71 6.90 2.06 1.53
N ALA A 72 7.48 2.79 2.47
CA ALA A 72 7.60 4.23 2.29
C ALA A 72 8.89 4.79 2.85
N HIS A 73 9.72 5.30 1.95
CA HIS A 73 10.98 5.91 2.31
C HIS A 73 10.89 7.42 2.01
N PRO A 74 11.80 8.22 2.55
CA PRO A 74 11.81 9.68 2.39
C PRO A 74 11.61 10.15 0.94
N ASP A 75 11.84 9.29 -0.04
CA ASP A 75 11.67 9.70 -1.43
C ASP A 75 11.05 8.61 -2.32
N HIS A 76 10.72 7.46 -1.77
CA HIS A 76 10.10 6.42 -2.58
C HIS A 76 9.08 5.61 -1.78
N VAL A 77 8.13 4.98 -2.49
CA VAL A 77 7.11 4.18 -1.84
C VAL A 77 6.80 2.92 -2.65
N LEU A 78 6.64 1.82 -1.95
CA LEU A 78 6.35 0.53 -2.59
C LEU A 78 5.01 -0.01 -2.09
N MET A 79 4.28 -0.67 -2.96
CA MET A 79 2.98 -1.23 -2.60
C MET A 79 2.90 -2.71 -2.97
N ILE A 80 2.81 -3.57 -1.94
CA ILE A 80 2.72 -5.01 -2.17
C ILE A 80 1.48 -5.59 -1.51
N LEU A 81 0.79 -6.48 -2.21
CA LEU A 81 -0.40 -7.11 -1.68
C LEU A 81 -0.24 -8.61 -1.59
N ASN A 82 -0.82 -9.21 -0.56
CA ASN A 82 -0.78 -10.65 -0.39
C ASN A 82 -2.21 -11.16 -0.33
N SER A 83 -2.67 -11.74 -1.43
CA SER A 83 -4.05 -12.23 -1.47
C SER A 83 -4.24 -13.43 -2.40
N PRO A 84 -4.97 -14.46 -1.91
CA PRO A 84 -5.24 -15.71 -2.66
C PRO A 84 -6.08 -15.53 -3.92
N ASP A 85 -6.68 -14.36 -4.10
CA ASP A 85 -7.50 -14.11 -5.29
C ASP A 85 -7.16 -12.77 -5.91
N GLU A 86 -7.28 -12.66 -7.23
CA GLU A 86 -6.97 -11.39 -7.89
C GLU A 86 -7.92 -10.29 -7.42
N ASP A 87 -9.22 -10.59 -7.33
CA ASP A 87 -10.18 -9.60 -6.85
C ASP A 87 -9.66 -8.98 -5.57
N SER A 88 -9.34 -9.85 -4.61
CA SER A 88 -8.77 -9.41 -3.34
C SER A 88 -7.45 -8.71 -3.63
N LEU A 89 -6.58 -9.45 -4.31
CA LEU A 89 -5.26 -8.97 -4.73
C LEU A 89 -5.32 -7.52 -5.20
N ALA A 90 -6.10 -7.26 -6.25
CA ALA A 90 -6.22 -5.91 -6.77
C ALA A 90 -6.86 -4.99 -5.74
N HIS A 91 -7.77 -5.56 -4.95
CA HIS A 91 -8.47 -4.79 -3.91
C HIS A 91 -7.44 -4.14 -2.98
N MET A 92 -6.35 -4.85 -2.72
CA MET A 92 -5.29 -4.33 -1.85
C MET A 92 -4.37 -3.37 -2.61
N GLN A 93 -3.75 -3.83 -3.70
CA GLN A 93 -2.84 -2.99 -4.48
C GLN A 93 -3.52 -1.67 -4.90
N ASN A 94 -4.84 -1.68 -5.03
CA ASN A 94 -5.57 -0.48 -5.42
C ASN A 94 -5.82 0.41 -4.21
N VAL A 95 -6.25 -0.19 -3.10
CA VAL A 95 -6.52 0.55 -1.87
C VAL A 95 -5.39 1.54 -1.56
N VAL A 96 -4.16 1.10 -1.77
CA VAL A 96 -3.00 1.96 -1.52
C VAL A 96 -2.88 3.05 -2.58
N ALA A 97 -2.99 2.66 -3.86
CA ALA A 97 -2.91 3.62 -4.96
C ALA A 97 -3.82 4.82 -4.68
N ASP A 98 -4.85 4.58 -3.89
CA ASP A 98 -5.80 5.64 -3.53
C ASP A 98 -5.22 6.55 -2.46
N HIS A 99 -4.52 5.97 -1.50
CA HIS A 99 -3.91 6.74 -0.41
C HIS A 99 -2.83 7.70 -0.93
N LEU A 100 -1.98 7.22 -1.83
CA LEU A 100 -0.92 8.05 -2.38
C LEU A 100 -1.48 9.26 -3.12
N GLN A 101 -2.75 9.18 -3.51
CA GLN A 101 -3.39 10.28 -4.24
C GLN A 101 -3.67 11.47 -3.33
N ARG A 102 -4.48 11.26 -2.29
CA ARG A 102 -4.83 12.33 -1.37
C ARG A 102 -3.62 12.92 -0.67
N MET A 103 -2.56 12.13 -0.52
CA MET A 103 -1.35 12.62 0.15
C MET A 103 -0.54 13.54 -0.76
N ALA A 104 -0.78 13.46 -2.07
CA ALA A 104 -0.06 14.29 -3.02
C ALA A 104 -0.97 15.36 -3.61
N ASN A 105 -2.11 14.94 -4.14
CA ASN A 105 -3.06 15.87 -4.74
C ASN A 105 -2.46 16.60 -5.93
N SER A 106 -2.78 16.12 -7.14
CA SER A 106 -2.27 16.72 -8.37
C SER A 106 -2.72 15.92 -9.58
N GLU A 107 -2.75 14.61 -9.43
CA GLU A 107 -3.17 13.71 -10.51
C GLU A 107 -3.56 12.35 -9.96
N SER A 108 -4.13 11.50 -10.80
CA SER A 108 -4.52 10.16 -10.36
C SER A 108 -3.28 9.30 -10.16
N LEU A 109 -2.53 9.62 -9.11
CA LEU A 109 -1.29 8.91 -8.75
C LEU A 109 -0.73 8.09 -9.90
N GLU A 110 0.36 8.55 -10.48
CA GLU A 110 0.99 7.80 -11.55
C GLU A 110 1.64 6.57 -10.91
N ILE A 111 0.94 5.44 -10.99
CA ILE A 111 1.45 4.21 -10.40
C ILE A 111 1.31 3.03 -11.37
N ALA A 112 2.39 2.29 -11.60
CA ALA A 112 2.30 1.16 -12.50
C ALA A 112 2.13 -0.12 -11.68
N TRP A 113 0.94 -0.70 -11.78
CA TRP A 113 0.65 -1.93 -11.06
C TRP A 113 0.98 -3.15 -11.90
N GLN A 114 1.64 -4.13 -11.29
CA GLN A 114 2.02 -5.35 -11.98
C GLN A 114 0.91 -6.39 -11.87
N PRO A 115 0.83 -7.32 -12.84
CA PRO A 115 -0.19 -8.37 -12.87
C PRO A 115 -0.32 -9.08 -11.52
N ALA A 116 0.82 -9.32 -10.87
CA ALA A 116 0.86 -10.01 -9.57
C ALA A 116 1.18 -11.48 -9.76
N GLU A 117 2.30 -11.77 -10.41
CA GLU A 117 2.70 -13.15 -10.66
C GLU A 117 4.22 -13.24 -10.81
N SER A 118 4.84 -14.10 -10.01
CA SER A 118 6.29 -14.29 -10.05
C SER A 118 7.01 -12.98 -9.74
N MET A 23 -2.40 -17.33 -3.01
CA MET A 23 -1.87 -15.98 -2.61
C MET A 23 -0.85 -15.47 -3.63
N PHE A 24 -1.35 -14.68 -4.57
CA PHE A 24 -0.52 -14.08 -5.62
C PHE A 24 0.11 -12.80 -5.06
N ARG A 25 1.07 -12.21 -5.78
CA ARG A 25 1.69 -10.99 -5.28
C ARG A 25 2.11 -10.03 -6.39
N SER A 26 1.62 -8.79 -6.30
CA SER A 26 1.93 -7.73 -7.25
C SER A 26 2.67 -6.62 -6.52
N THR A 27 3.32 -5.72 -7.26
CA THR A 27 4.04 -4.64 -6.61
C THR A 27 4.01 -3.36 -7.43
N SER A 28 3.64 -2.26 -6.79
CA SER A 28 3.58 -0.95 -7.43
C SER A 28 4.68 -0.02 -6.90
N HIS A 29 5.41 0.61 -7.81
CA HIS A 29 6.50 1.53 -7.43
C HIS A 29 6.16 2.97 -7.82
N VAL A 30 6.33 3.89 -6.88
CA VAL A 30 6.05 5.31 -7.13
C VAL A 30 7.09 6.21 -6.49
N ARG A 31 7.29 7.41 -7.04
CA ARG A 31 8.26 8.35 -6.45
C ARG A 31 7.52 9.40 -5.63
N THR A 32 7.60 9.27 -4.30
CA THR A 32 6.94 10.19 -3.39
C THR A 32 7.88 10.72 -2.31
N GLU A 33 7.58 11.87 -1.74
CA GLU A 33 8.41 12.44 -0.67
C GLU A 33 7.73 12.31 0.70
N SER A 34 8.54 12.13 1.75
CA SER A 34 8.02 11.99 3.11
C SER A 34 7.09 10.79 3.23
N ALA A 35 7.26 9.83 2.32
CA ALA A 35 6.44 8.61 2.32
C ALA A 35 6.36 7.94 3.68
N ALA A 36 7.52 7.60 4.24
CA ALA A 36 7.60 6.90 5.54
C ALA A 36 6.63 7.44 6.59
N ARG A 37 6.18 8.68 6.44
CA ARG A 37 5.26 9.27 7.41
C ARG A 37 3.84 8.72 7.24
N TYR A 38 3.38 8.62 6.00
CA TYR A 38 2.04 8.10 5.77
C TYR A 38 1.99 6.64 6.18
N VAL A 39 3.07 5.90 5.91
CA VAL A 39 3.11 4.50 6.32
C VAL A 39 3.00 4.44 7.84
N ASN A 40 3.61 5.42 8.49
CA ASN A 40 3.59 5.50 9.94
C ASN A 40 2.25 6.02 10.46
N ARG A 41 1.64 6.98 9.77
CA ARG A 41 0.38 7.55 10.24
C ARG A 41 -0.85 6.75 9.77
N LEU A 42 -0.79 6.19 8.58
CA LEU A 42 -1.91 5.43 8.03
C LEU A 42 -2.32 4.27 8.93
N CYS A 43 -1.35 3.48 9.37
CA CYS A 43 -1.64 2.33 10.21
C CYS A 43 -2.46 2.74 11.43
N LYS A 44 -2.15 3.89 11.98
CA LYS A 44 -2.87 4.40 13.15
C LYS A 44 -4.23 4.99 12.73
N HIS A 45 -4.34 5.34 11.45
CA HIS A 45 -5.57 5.92 10.92
C HIS A 45 -6.59 4.87 10.53
N TRP A 46 -6.26 4.04 9.53
CA TRP A 46 -7.19 3.02 9.07
C TRP A 46 -7.32 1.88 10.10
N GLY A 47 -6.42 1.84 11.07
CA GLY A 47 -6.46 0.82 12.09
C GLY A 47 -7.64 0.98 13.02
N HIS A 48 -8.84 0.72 12.52
CA HIS A 48 -10.05 0.84 13.33
C HIS A 48 -10.64 -0.53 13.61
N LYS A 49 -10.48 -1.46 12.67
CA LYS A 49 -11.02 -2.81 12.84
C LYS A 49 -10.13 -3.85 12.15
N PHE A 50 -8.89 -3.47 11.83
CA PHE A 50 -7.98 -4.39 11.16
C PHE A 50 -6.59 -4.31 11.77
N GLU A 51 -5.76 -5.31 11.48
CA GLU A 51 -4.41 -5.35 12.00
C GLU A 51 -3.52 -4.39 11.23
N VAL A 52 -3.02 -3.38 11.93
CA VAL A 52 -2.15 -2.39 11.31
C VAL A 52 -0.81 -2.32 12.02
N GLU A 53 0.25 -2.76 11.36
CA GLU A 53 1.59 -2.75 11.93
C GLU A 53 2.33 -1.48 11.52
N LEU A 54 3.33 -1.10 12.32
CA LEU A 54 4.11 0.10 12.02
C LEU A 54 5.58 -0.12 12.34
N THR A 55 6.39 -0.19 11.30
CA THR A 55 7.83 -0.36 11.46
C THR A 55 8.55 0.69 10.62
N PRO A 56 9.80 1.01 10.95
CA PRO A 56 10.57 2.01 10.20
C PRO A 56 11.01 1.46 8.86
N GLU A 57 10.04 0.94 8.11
CA GLU A 57 10.29 0.38 6.81
C GLU A 57 9.00 0.25 6.00
N ARG A 58 7.91 -0.15 6.66
CA ARG A 58 6.63 -0.31 5.96
C ARG A 58 5.47 -0.54 6.91
N GLY A 59 4.28 -0.47 6.35
CA GLY A 59 3.07 -0.71 7.10
C GLY A 59 2.49 -2.06 6.73
N PHE A 60 1.68 -2.63 7.62
CA PHE A 60 1.07 -3.93 7.36
C PHE A 60 -0.41 -3.88 7.72
N ILE A 61 -1.27 -4.01 6.72
CA ILE A 61 -2.71 -3.99 6.98
C ILE A 61 -3.38 -5.21 6.37
N ASP A 62 -3.80 -6.15 7.20
CA ASP A 62 -4.47 -7.36 6.70
C ASP A 62 -5.97 -7.25 6.88
N PHE A 63 -6.70 -7.70 5.87
CA PHE A 63 -8.16 -7.67 5.91
C PHE A 63 -8.73 -9.06 6.21
N GLY A 64 -7.86 -10.02 6.50
CA GLY A 64 -8.31 -11.37 6.79
C GLY A 64 -7.72 -12.38 5.81
N ASP A 65 -8.46 -12.68 4.75
CA ASP A 65 -8.00 -13.62 3.73
C ASP A 65 -7.24 -12.87 2.65
N SER A 66 -6.27 -12.05 3.08
CA SER A 66 -5.45 -11.26 2.17
C SER A 66 -4.56 -10.32 2.98
N ASN A 67 -3.90 -9.35 2.34
CA ASN A 67 -3.02 -8.44 3.06
C ASN A 67 -2.63 -7.25 2.19
N CYS A 68 -2.07 -6.22 2.83
CA CYS A 68 -1.62 -5.04 2.11
C CYS A 68 -0.54 -4.31 2.89
N GLU A 69 0.71 -4.51 2.48
CA GLU A 69 1.85 -3.89 3.12
C GLU A 69 2.21 -2.60 2.38
N LEU A 70 2.83 -1.64 3.06
CA LEU A 70 3.17 -0.37 2.40
C LEU A 70 4.61 0.04 2.73
N LEU A 71 5.44 0.12 1.69
CA LEU A 71 6.84 0.54 1.86
C LEU A 71 6.94 2.02 1.61
N ALA A 72 7.52 2.76 2.54
CA ALA A 72 7.60 4.21 2.39
C ALA A 72 8.88 4.81 2.94
N HIS A 73 9.69 5.36 2.04
CA HIS A 73 10.91 6.02 2.41
C HIS A 73 10.76 7.51 2.09
N PRO A 74 11.65 8.36 2.63
CA PRO A 74 11.61 9.82 2.43
C PRO A 74 11.41 10.25 0.98
N ASP A 75 11.70 9.38 0.02
CA ASP A 75 11.54 9.76 -1.38
C ASP A 75 10.95 8.66 -2.26
N HIS A 76 10.62 7.51 -1.69
CA HIS A 76 10.02 6.44 -2.49
C HIS A 76 9.00 5.63 -1.70
N VAL A 77 8.08 4.97 -2.40
CA VAL A 77 7.05 4.18 -1.76
C VAL A 77 6.75 2.92 -2.57
N LEU A 78 6.58 1.81 -1.87
CA LEU A 78 6.29 0.52 -2.52
C LEU A 78 4.97 -0.03 -1.99
N MET A 79 4.23 -0.71 -2.86
CA MET A 79 2.94 -1.28 -2.46
C MET A 79 2.87 -2.76 -2.83
N ILE A 80 2.81 -3.62 -1.81
CA ILE A 80 2.73 -5.06 -2.05
C ILE A 80 1.48 -5.64 -1.38
N LEU A 81 0.81 -6.55 -2.10
CA LEU A 81 -0.39 -7.17 -1.56
C LEU A 81 -0.27 -8.69 -1.53
N ASN A 82 -0.86 -9.29 -0.51
CA ASN A 82 -0.88 -10.75 -0.38
C ASN A 82 -2.32 -11.21 -0.36
N SER A 83 -2.78 -11.75 -1.48
CA SER A 83 -4.18 -12.18 -1.56
C SER A 83 -4.37 -13.46 -2.40
N PRO A 84 -5.18 -14.40 -1.89
CA PRO A 84 -5.49 -15.67 -2.57
C PRO A 84 -6.32 -15.51 -3.83
N ASP A 85 -6.81 -14.30 -4.10
CA ASP A 85 -7.61 -14.07 -5.29
C ASP A 85 -7.30 -12.70 -5.89
N GLU A 86 -7.38 -12.60 -7.22
CA GLU A 86 -7.09 -11.30 -7.86
C GLU A 86 -8.05 -10.22 -7.36
N ASP A 87 -9.34 -10.53 -7.23
CA ASP A 87 -10.29 -9.54 -6.71
C ASP A 87 -9.73 -8.91 -5.47
N SER A 88 -9.36 -9.76 -4.51
CA SER A 88 -8.73 -9.30 -3.28
C SER A 88 -7.43 -8.60 -3.63
N LEU A 89 -6.58 -9.35 -4.32
CA LEU A 89 -5.28 -8.88 -4.79
C LEU A 89 -5.34 -7.45 -5.29
N ALA A 90 -6.15 -7.20 -6.32
CA ALA A 90 -6.27 -5.85 -6.87
C ALA A 90 -6.92 -4.92 -5.86
N HIS A 91 -7.88 -5.44 -5.10
CA HIS A 91 -8.56 -4.65 -4.09
C HIS A 91 -7.55 -4.03 -3.14
N MET A 92 -6.50 -4.79 -2.84
CA MET A 92 -5.45 -4.32 -1.94
C MET A 92 -4.46 -3.39 -2.66
N GLN A 93 -3.84 -3.87 -3.75
CA GLN A 93 -2.87 -3.05 -4.49
C GLN A 93 -3.49 -1.71 -4.90
N ASN A 94 -4.81 -1.68 -5.08
CA ASN A 94 -5.48 -0.45 -5.48
C ASN A 94 -5.77 0.44 -4.27
N VAL A 95 -6.22 -0.17 -3.17
CA VAL A 95 -6.53 0.57 -1.95
C VAL A 95 -5.42 1.57 -1.63
N VAL A 96 -4.17 1.12 -1.71
CA VAL A 96 -3.03 1.99 -1.44
C VAL A 96 -2.89 3.06 -2.51
N ALA A 97 -3.00 2.64 -3.78
CA ALA A 97 -2.91 3.58 -4.89
C ALA A 97 -3.82 4.77 -4.66
N ASP A 98 -4.86 4.56 -3.87
CA ASP A 98 -5.81 5.61 -3.54
C ASP A 98 -5.25 6.55 -2.48
N HIS A 99 -4.56 5.98 -1.50
CA HIS A 99 -3.98 6.78 -0.42
C HIS A 99 -2.90 7.73 -0.93
N LEU A 100 -2.02 7.23 -1.81
CA LEU A 100 -0.96 8.06 -2.37
C LEU A 100 -1.55 9.27 -3.10
N GLN A 101 -2.78 9.13 -3.57
CA GLN A 101 -3.46 10.21 -4.27
C GLN A 101 -3.86 11.34 -3.33
N ARG A 102 -4.49 10.99 -2.22
CA ARG A 102 -4.92 11.99 -1.23
C ARG A 102 -3.75 12.81 -0.77
N MET A 103 -2.61 12.15 -0.62
CA MET A 103 -1.38 12.82 -0.17
C MET A 103 -0.68 13.54 -1.32
N ALA A 104 -1.11 13.27 -2.55
CA ALA A 104 -0.51 13.90 -3.72
C ALA A 104 -1.57 14.55 -4.59
N ASN A 105 -1.61 15.88 -4.57
CA ASN A 105 -2.58 16.64 -5.35
C ASN A 105 -1.94 17.21 -6.61
N SER A 106 -2.20 16.58 -7.75
CA SER A 106 -1.64 17.03 -9.02
C SER A 106 -2.04 16.08 -10.16
N GLU A 107 -2.07 14.80 -9.86
CA GLU A 107 -2.43 13.79 -10.84
C GLU A 107 -2.95 12.52 -10.16
N SER A 108 -3.64 11.68 -10.93
CA SER A 108 -4.16 10.44 -10.39
C SER A 108 -3.02 9.45 -10.14
N LEU A 109 -2.21 9.76 -9.13
CA LEU A 109 -1.05 8.94 -8.74
C LEU A 109 -0.52 8.08 -9.88
N GLU A 110 0.62 8.47 -10.42
CA GLU A 110 1.25 7.68 -11.47
C GLU A 110 1.80 6.42 -10.82
N ILE A 111 1.06 5.33 -10.90
CA ILE A 111 1.50 4.08 -10.29
C ILE A 111 1.43 2.92 -11.28
N ALA A 112 2.51 2.17 -11.43
CA ALA A 112 2.48 1.02 -12.33
C ALA A 112 2.26 -0.24 -11.52
N TRP A 113 1.09 -0.83 -11.69
CA TRP A 113 0.73 -2.05 -10.98
C TRP A 113 1.06 -3.28 -11.82
N GLN A 114 1.70 -4.25 -11.19
CA GLN A 114 2.06 -5.48 -11.87
C GLN A 114 0.95 -6.51 -11.74
N PRO A 115 0.85 -7.45 -12.70
CA PRO A 115 -0.18 -8.48 -12.71
C PRO A 115 -0.33 -9.18 -11.36
N ALA A 116 0.79 -9.42 -10.70
CA ALA A 116 0.82 -10.09 -9.40
C ALA A 116 1.12 -11.57 -9.56
N GLU A 117 1.96 -11.91 -10.53
CA GLU A 117 2.33 -13.29 -10.79
C GLU A 117 3.84 -13.42 -10.98
N SER A 118 4.39 -14.56 -10.56
CA SER A 118 5.81 -14.83 -10.68
C SER A 118 6.06 -16.23 -11.21
#